data_8VV3
#
_entry.id   8VV3
#
_cell.length_a   1.00
_cell.length_b   1.00
_cell.length_c   1.00
_cell.angle_alpha   90.00
_cell.angle_beta   90.00
_cell.angle_gamma   90.00
#
_symmetry.space_group_name_H-M   'P 1'
#
loop_
_entity.id
_entity.type
_entity.pdbx_description
1 polymer 'Gustatory receptor'
2 non-polymer alpha-L-sorbopyranose
#
_entity_poly.entity_id   1
_entity_poly.type   'polypeptide(L)'
_entity_poly.pdbx_seq_one_letter_code
;GPGRAPPSPDLRADEPKTPCLVGGAHAFILKISSFCGLAPLRFEPRSQEYAVTISKGKCFYSYILVTFLVICTIYGLVAE
IGVGVEKSVRMSSRMSQVVSACDILVVAVTAGVGVYGAPARMRTMLSYMENIVAVDRELGRHHSAATERKLCALLLLILL
SFTILLVDDFCFYAMQAGKTGRQWEIVTNYAGFYFLWYIVMVLELQFAFTALSLRARLKLFNEALNVTASQVCKPVKKPK
NSQLSVYATSVRPVSCKRENVIVETIRVRDKDDAFVMMKTADGVPCLQVPPCEAVGRLSRMRCTLCEVTRHIADGYGLPL
VIILMSTLLHLIVTPYFLIMEIIVSTHRLHFLVLQFLWCTTHLIRMLVVVEPCHYTIREGKRTEDILCRLMTLAPHGGVL
SSRLEVLSRLLMLQNISYSPLGMCTLDRPLMVTVLGAVTTYLVILIQFQRYDS
;
_entity_poly.pdbx_strand_id   A,B,C,D
#
# COMPACT_ATOMS: atom_id res chain seq x y z
N THR A 18 -25.33 2.26 -39.71
CA THR A 18 -24.03 1.94 -39.13
C THR A 18 -24.09 1.95 -37.61
N PRO A 19 -24.69 0.91 -37.01
CA PRO A 19 -24.88 0.91 -35.56
C PRO A 19 -23.56 0.88 -34.77
N CYS A 20 -22.76 -0.15 -34.96
CA CYS A 20 -21.55 -0.27 -34.15
C CYS A 20 -20.30 -0.55 -34.97
N LEU A 21 -20.39 -1.42 -35.98
CA LEU A 21 -19.26 -1.75 -36.86
C LEU A 21 -18.03 -2.19 -36.06
N VAL A 22 -18.18 -3.34 -35.41
CA VAL A 22 -17.06 -3.97 -34.71
C VAL A 22 -16.34 -4.90 -35.69
N GLY A 23 -15.07 -5.17 -35.40
CA GLY A 23 -14.29 -6.05 -36.24
C GLY A 23 -13.02 -6.49 -35.54
N GLY A 24 -12.28 -7.37 -36.22
CA GLY A 24 -11.01 -7.82 -35.70
C GLY A 24 -11.15 -9.05 -34.80
N ALA A 25 -10.12 -9.24 -33.96
CA ALA A 25 -10.14 -10.33 -33.00
C ALA A 25 -11.11 -10.08 -31.87
N HIS A 26 -11.44 -8.81 -31.60
CA HIS A 26 -12.47 -8.49 -30.61
C HIS A 26 -13.83 -8.98 -31.06
N ALA A 27 -14.11 -8.89 -32.37
CA ALA A 27 -15.38 -9.36 -32.90
C ALA A 27 -15.44 -10.88 -33.02
N PHE A 28 -14.31 -11.57 -32.95
CA PHE A 28 -14.33 -13.03 -33.01
C PHE A 28 -14.89 -13.63 -31.72
N ILE A 29 -14.44 -13.13 -30.57
CA ILE A 29 -14.96 -13.61 -29.30
C ILE A 29 -16.42 -13.21 -29.10
N LEU A 30 -16.88 -12.17 -29.77
CA LEU A 30 -18.29 -11.78 -29.66
C LEU A 30 -19.21 -12.84 -30.25
N LYS A 31 -18.82 -13.41 -31.39
CA LYS A 31 -19.59 -14.52 -31.96
C LYS A 31 -19.51 -15.75 -31.05
N ILE A 32 -18.32 -16.04 -30.52
CA ILE A 32 -18.16 -17.18 -29.61
C ILE A 32 -18.98 -16.95 -28.35
N SER A 33 -18.92 -15.75 -27.78
CA SER A 33 -19.70 -15.43 -26.59
C SER A 33 -21.19 -15.35 -26.88
N SER A 34 -21.58 -15.19 -28.15
CA SER A 34 -22.99 -15.09 -28.50
C SER A 34 -23.73 -16.37 -28.19
N PHE A 35 -23.09 -17.52 -28.41
CA PHE A 35 -23.70 -18.81 -28.14
C PHE A 35 -23.58 -19.23 -26.67
N CYS A 36 -22.75 -18.55 -25.90
CA CYS A 36 -22.63 -18.81 -24.46
C CYS A 36 -23.51 -17.89 -23.63
N GLY A 37 -24.26 -16.99 -24.27
CA GLY A 37 -25.05 -16.03 -23.55
C GLY A 37 -24.32 -14.78 -23.09
N LEU A 38 -23.07 -14.60 -23.51
CA LEU A 38 -22.25 -13.49 -23.03
C LEU A 38 -22.21 -12.33 -24.01
N ALA A 39 -22.87 -12.43 -25.16
CA ALA A 39 -22.92 -11.34 -26.13
C ALA A 39 -24.19 -11.44 -26.96
N PRO A 40 -25.36 -11.13 -26.39
CA PRO A 40 -26.61 -11.30 -27.14
C PRO A 40 -26.78 -10.24 -28.22
N LEU A 41 -26.02 -10.37 -29.30
CA LEU A 41 -25.98 -9.40 -30.37
C LEU A 41 -26.36 -10.05 -31.70
N ARG A 42 -26.80 -9.21 -32.63
CA ARG A 42 -27.06 -9.61 -34.00
C ARG A 42 -25.90 -9.15 -34.87
N PHE A 43 -25.33 -10.08 -35.62
CA PHE A 43 -24.15 -9.82 -36.44
C PHE A 43 -24.58 -9.69 -37.90
N GLU A 44 -24.38 -8.50 -38.48
CA GLU A 44 -24.68 -8.25 -39.88
C GLU A 44 -23.37 -8.10 -40.64
N PRO A 45 -23.04 -8.98 -41.58
CA PRO A 45 -21.77 -8.87 -42.29
C PRO A 45 -21.70 -7.61 -43.15
N ARG A 46 -20.48 -7.08 -43.26
CA ARG A 46 -20.22 -5.92 -44.10
C ARG A 46 -19.01 -6.11 -45.00
N SER A 47 -18.44 -7.33 -45.03
CA SER A 47 -17.31 -7.70 -45.88
C SER A 47 -16.01 -7.05 -45.40
N GLN A 48 -16.11 -6.16 -44.43
CA GLN A 48 -14.95 -5.56 -43.77
C GLN A 48 -15.06 -5.61 -42.25
N GLU A 49 -16.26 -5.46 -41.71
CA GLU A 49 -16.50 -5.48 -40.27
C GLU A 49 -17.89 -6.05 -40.04
N TYR A 50 -18.36 -5.97 -38.78
CA TYR A 50 -19.66 -6.49 -38.41
C TYR A 50 -20.46 -5.40 -37.70
N ALA A 51 -21.66 -5.13 -38.19
CA ALA A 51 -22.57 -4.18 -37.56
C ALA A 51 -23.40 -4.93 -36.52
N VAL A 52 -23.05 -4.75 -35.25
CA VAL A 52 -23.68 -5.50 -34.16
C VAL A 52 -24.71 -4.63 -33.48
N THR A 53 -25.79 -5.27 -33.04
CA THR A 53 -26.85 -4.58 -32.31
C THR A 53 -27.53 -5.59 -31.38
N ILE A 54 -28.19 -5.07 -30.36
CA ILE A 54 -28.87 -5.91 -29.38
C ILE A 54 -30.05 -6.62 -30.03
N SER A 55 -30.17 -7.92 -29.77
CA SER A 55 -31.33 -8.69 -30.19
C SER A 55 -32.02 -9.24 -28.94
N LYS A 56 -33.34 -9.06 -28.87
CA LYS A 56 -34.09 -9.53 -27.72
C LYS A 56 -34.16 -11.05 -27.67
N GLY A 57 -34.22 -11.70 -28.83
CA GLY A 57 -34.26 -13.16 -28.86
C GLY A 57 -33.02 -13.78 -28.25
N LYS A 58 -31.84 -13.24 -28.59
CA LYS A 58 -30.61 -13.75 -28.02
C LYS A 58 -30.51 -13.44 -26.53
N CYS A 59 -31.06 -12.30 -26.10
CA CYS A 59 -31.09 -12.00 -24.66
C CYS A 59 -31.94 -13.02 -23.90
N PHE A 60 -33.12 -13.33 -24.44
CA PHE A 60 -33.97 -14.33 -23.80
C PHE A 60 -33.32 -15.71 -23.82
N TYR A 61 -32.67 -16.07 -24.94
CA TYR A 61 -31.97 -17.33 -25.01
C TYR A 61 -30.85 -17.41 -23.97
N SER A 62 -30.09 -16.33 -23.83
CA SER A 62 -29.02 -16.29 -22.83
C SER A 62 -29.58 -16.45 -21.42
N TYR A 63 -30.67 -15.74 -21.12
CA TYR A 63 -31.27 -15.83 -19.80
C TYR A 63 -31.73 -17.25 -19.50
N ILE A 64 -32.48 -17.87 -20.41
CA ILE A 64 -32.99 -19.21 -20.15
C ILE A 64 -31.85 -20.22 -20.11
N LEU A 65 -30.81 -20.03 -20.93
CA LEU A 65 -29.69 -20.97 -20.93
C LEU A 65 -28.93 -20.93 -19.61
N VAL A 66 -28.60 -19.73 -19.12
CA VAL A 66 -27.87 -19.64 -17.86
C VAL A 66 -28.75 -20.11 -16.70
N THR A 67 -30.05 -19.82 -16.74
CA THR A 67 -30.94 -20.29 -15.69
C THR A 67 -31.01 -21.81 -15.66
N PHE A 68 -31.14 -22.44 -16.83
CA PHE A 68 -31.16 -23.90 -16.90
C PHE A 68 -29.84 -24.49 -16.44
N LEU A 69 -28.72 -23.90 -16.84
CA LEU A 69 -27.42 -24.43 -16.45
C LEU A 69 -27.21 -24.32 -14.95
N VAL A 70 -27.62 -23.20 -14.35
CA VAL A 70 -27.47 -23.04 -12.91
C VAL A 70 -28.40 -23.99 -12.15
N ILE A 71 -29.61 -24.19 -12.66
CA ILE A 71 -30.54 -25.13 -12.04
C ILE A 71 -29.97 -26.54 -12.08
N CYS A 72 -29.46 -26.95 -13.24
CA CYS A 72 -28.87 -28.28 -13.36
C CYS A 72 -27.64 -28.43 -12.49
N THR A 73 -26.82 -27.38 -12.39
CA THR A 73 -25.64 -27.43 -11.55
C THR A 73 -26.01 -27.59 -10.07
N ILE A 74 -27.02 -26.82 -9.62
CA ILE A 74 -27.48 -26.94 -8.23
C ILE A 74 -28.06 -28.32 -7.97
N TYR A 75 -28.85 -28.84 -8.92
CA TYR A 75 -29.44 -30.16 -8.75
C TYR A 75 -28.37 -31.24 -8.69
N GLY A 76 -27.34 -31.14 -9.53
CA GLY A 76 -26.25 -32.11 -9.48
C GLY A 76 -25.45 -32.02 -8.20
N LEU A 77 -25.22 -30.79 -7.71
CA LEU A 77 -24.51 -30.63 -6.45
C LEU A 77 -25.30 -31.23 -5.29
N VAL A 78 -26.62 -31.04 -5.29
CA VAL A 78 -27.47 -31.62 -4.25
C VAL A 78 -27.50 -33.14 -4.37
N ALA A 79 -27.60 -33.66 -5.59
CA ALA A 79 -27.66 -35.10 -5.80
C ALA A 79 -26.37 -35.79 -5.38
N GLU A 80 -25.22 -35.20 -5.71
CA GLU A 80 -23.95 -35.78 -5.30
C GLU A 80 -23.79 -35.79 -3.79
N ILE A 81 -24.33 -34.77 -3.10
CA ILE A 81 -24.37 -34.80 -1.64
C ILE A 81 -25.29 -35.93 -1.18
N GLY A 82 -26.45 -36.08 -1.84
CA GLY A 82 -27.39 -37.12 -1.46
C GLY A 82 -26.93 -38.52 -1.79
N VAL A 83 -25.99 -38.68 -2.72
CA VAL A 83 -25.44 -40.00 -3.01
C VAL A 83 -24.73 -40.55 -1.78
N GLY A 84 -23.95 -39.71 -1.11
CA GLY A 84 -23.25 -40.09 0.11
C GLY A 84 -21.78 -39.79 0.03
N VAL A 85 -21.06 -40.22 1.06
CA VAL A 85 -19.62 -40.02 1.14
C VAL A 85 -18.85 -41.19 0.54
N GLU A 86 -19.22 -42.42 0.92
CA GLU A 86 -18.54 -43.59 0.39
C GLU A 86 -18.91 -43.85 -1.07
N LYS A 87 -20.15 -43.57 -1.45
CA LYS A 87 -20.60 -43.89 -2.81
C LYS A 87 -20.08 -42.88 -3.83
N SER A 88 -20.05 -41.60 -3.48
CA SER A 88 -19.58 -40.58 -4.40
C SER A 88 -18.05 -40.62 -4.53
N VAL A 89 -17.57 -40.34 -5.74
CA VAL A 89 -16.15 -40.45 -6.06
C VAL A 89 -15.44 -39.11 -5.95
N ARG A 90 -16.06 -38.02 -6.42
CA ARG A 90 -15.39 -36.73 -6.40
C ARG A 90 -15.33 -36.16 -4.98
N MET A 91 -16.44 -36.24 -4.25
CA MET A 91 -16.55 -35.66 -2.91
C MET A 91 -16.84 -36.78 -1.93
N SER A 92 -15.77 -37.39 -1.42
CA SER A 92 -15.84 -38.59 -0.58
C SER A 92 -15.29 -38.31 0.81
N SER A 93 -15.54 -37.12 1.32
CA SER A 93 -15.14 -36.76 2.68
C SER A 93 -16.16 -35.75 3.21
N ARG A 94 -15.82 -35.08 4.31
CA ARG A 94 -16.63 -33.99 4.83
C ARG A 94 -16.15 -32.64 4.34
N MET A 95 -14.84 -32.39 4.40
CA MET A 95 -14.29 -31.17 3.82
C MET A 95 -14.34 -31.22 2.29
N SER A 96 -14.29 -32.43 1.72
CA SER A 96 -14.37 -32.57 0.27
C SER A 96 -15.73 -32.10 -0.24
N GLN A 97 -16.81 -32.42 0.49
CA GLN A 97 -18.13 -31.96 0.10
C GLN A 97 -18.22 -30.44 0.15
N VAL A 98 -17.62 -29.81 1.16
CA VAL A 98 -17.66 -28.36 1.28
C VAL A 98 -16.78 -27.71 0.21
N VAL A 99 -15.59 -28.27 -0.03
CA VAL A 99 -14.69 -27.72 -1.04
C VAL A 99 -15.31 -27.87 -2.43
N SER A 100 -15.86 -29.04 -2.71
CA SER A 100 -16.52 -29.25 -4.00
C SER A 100 -17.70 -28.30 -4.19
N ALA A 101 -18.51 -28.15 -3.13
CA ALA A 101 -19.65 -27.24 -3.21
C ALA A 101 -19.18 -25.80 -3.40
N CYS A 102 -18.11 -25.40 -2.72
CA CYS A 102 -17.61 -24.04 -2.87
C CYS A 102 -17.11 -23.78 -4.28
N ASP A 103 -16.36 -24.73 -4.84
CA ASP A 103 -15.89 -24.60 -6.22
C ASP A 103 -17.06 -24.49 -7.19
N ILE A 104 -18.02 -25.41 -7.06
CA ILE A 104 -19.17 -25.44 -7.95
C ILE A 104 -19.96 -24.13 -7.85
N LEU A 105 -20.19 -23.65 -6.63
CA LEU A 105 -21.00 -22.46 -6.44
C LEU A 105 -20.29 -21.21 -6.92
N VAL A 106 -18.98 -21.11 -6.72
CA VAL A 106 -18.27 -19.93 -7.20
C VAL A 106 -18.23 -19.90 -8.72
N VAL A 107 -18.08 -21.07 -9.35
CA VAL A 107 -18.14 -21.12 -10.81
C VAL A 107 -19.53 -20.73 -11.30
N ALA A 108 -20.58 -21.24 -10.64
CA ALA A 108 -21.94 -20.90 -11.03
C ALA A 108 -22.22 -19.42 -10.86
N VAL A 109 -21.72 -18.81 -9.78
CA VAL A 109 -21.94 -17.39 -9.54
C VAL A 109 -21.20 -16.57 -10.58
N THR A 110 -19.98 -16.96 -10.94
CA THR A 110 -19.24 -16.25 -11.99
C THR A 110 -20.00 -16.31 -13.31
N ALA A 111 -20.48 -17.50 -13.69
CA ALA A 111 -21.21 -17.64 -14.94
C ALA A 111 -22.52 -16.86 -14.91
N GLY A 112 -23.22 -16.87 -13.78
CA GLY A 112 -24.47 -16.13 -13.69
C GLY A 112 -24.27 -14.63 -13.76
N VAL A 113 -23.23 -14.12 -13.11
CA VAL A 113 -22.91 -12.70 -13.21
C VAL A 113 -22.54 -12.36 -14.65
N GLY A 114 -21.79 -13.24 -15.32
CA GLY A 114 -21.40 -12.98 -16.69
C GLY A 114 -22.56 -12.96 -17.67
N VAL A 115 -23.51 -13.88 -17.51
CA VAL A 115 -24.57 -14.02 -18.51
C VAL A 115 -25.76 -13.12 -18.19
N TYR A 116 -26.14 -12.99 -16.91
CA TYR A 116 -27.29 -12.17 -16.57
C TYR A 116 -27.00 -10.69 -16.84
N GLY A 117 -25.77 -10.26 -16.63
CA GLY A 117 -25.37 -8.89 -16.91
C GLY A 117 -24.90 -8.64 -18.33
N ALA A 118 -24.99 -9.64 -19.21
CA ALA A 118 -24.46 -9.50 -20.56
C ALA A 118 -25.18 -8.45 -21.39
N PRO A 119 -26.51 -8.39 -21.47
CA PRO A 119 -27.15 -7.42 -22.37
C PRO A 119 -26.85 -5.97 -22.04
N ALA A 120 -26.82 -5.60 -20.75
CA ALA A 120 -26.44 -4.24 -20.38
C ALA A 120 -24.98 -3.97 -20.74
N ARG A 121 -24.12 -4.95 -20.46
CA ARG A 121 -22.72 -4.87 -20.87
C ARG A 121 -22.61 -4.65 -22.37
N MET A 122 -23.48 -5.28 -23.15
CA MET A 122 -23.39 -5.16 -24.60
C MET A 122 -23.89 -3.80 -25.08
N ARG A 123 -24.88 -3.22 -24.40
CA ARG A 123 -25.29 -1.85 -24.73
C ARG A 123 -24.18 -0.85 -24.46
N THR A 124 -23.54 -0.99 -23.28
CA THR A 124 -22.38 -0.16 -23.00
C THR A 124 -21.30 -0.36 -24.04
N MET A 125 -21.12 -1.62 -24.48
CA MET A 125 -20.13 -1.92 -25.51
C MET A 125 -20.46 -1.19 -26.81
N LEU A 126 -21.72 -1.19 -27.21
CA LEU A 126 -22.11 -0.48 -28.42
C LEU A 126 -21.78 1.01 -28.31
N SER A 127 -22.06 1.59 -27.14
CA SER A 127 -21.76 3.01 -26.93
C SER A 127 -20.27 3.30 -27.07
N TYR A 128 -19.44 2.70 -26.21
CA TYR A 128 -18.02 3.04 -26.32
C TYR A 128 -17.41 2.52 -27.61
N MET A 129 -18.05 1.57 -28.30
CA MET A 129 -17.50 1.13 -29.57
C MET A 129 -17.77 2.12 -30.69
N GLU A 130 -18.92 2.80 -30.69
CA GLU A 130 -19.07 3.89 -31.66
C GLU A 130 -18.11 5.03 -31.34
N ASN A 131 -17.84 5.26 -30.05
CA ASN A 131 -16.79 6.22 -29.70
C ASN A 131 -15.43 5.80 -30.24
N ILE A 132 -15.10 4.51 -30.12
CA ILE A 132 -13.83 4.00 -30.63
C ILE A 132 -13.77 4.09 -32.15
N VAL A 133 -14.91 3.90 -32.82
CA VAL A 133 -14.93 4.06 -34.28
C VAL A 133 -14.59 5.49 -34.66
N ALA A 134 -15.15 6.46 -33.93
CA ALA A 134 -14.79 7.85 -34.17
C ALA A 134 -13.29 8.08 -33.95
N VAL A 135 -12.75 7.53 -32.86
CA VAL A 135 -11.32 7.72 -32.55
C VAL A 135 -10.45 7.10 -33.64
N ASP A 136 -10.82 5.91 -34.11
CA ASP A 136 -10.02 5.21 -35.11
C ASP A 136 -10.10 5.91 -36.46
N ARG A 137 -11.25 6.50 -36.80
CA ARG A 137 -11.32 7.32 -37.99
C ARG A 137 -10.42 8.54 -37.86
N GLU A 138 -10.37 9.14 -36.66
CA GLU A 138 -9.50 10.28 -36.44
C GLU A 138 -8.02 9.89 -36.53
N LEU A 139 -7.62 8.84 -35.81
CA LEU A 139 -6.22 8.43 -35.84
C LEU A 139 -5.84 7.90 -37.22
N GLY A 140 -6.64 7.00 -37.78
CA GLY A 140 -6.36 6.45 -39.08
C GLY A 140 -6.05 4.96 -39.04
N ARG A 141 -6.99 4.15 -39.50
CA ARG A 141 -6.81 2.70 -39.61
C ARG A 141 -6.51 2.07 -38.25
N HIS A 142 -5.98 0.86 -38.27
CA HIS A 142 -5.65 0.13 -37.05
C HIS A 142 -4.46 -0.78 -37.36
N HIS A 143 -4.22 -1.76 -36.49
CA HIS A 143 -3.11 -2.66 -36.67
C HIS A 143 -3.35 -3.59 -37.88
N SER A 144 -2.29 -4.23 -38.33
CA SER A 144 -2.35 -5.05 -39.52
C SER A 144 -3.12 -6.34 -39.26
N ALA A 145 -3.46 -7.03 -40.34
CA ALA A 145 -4.20 -8.28 -40.24
C ALA A 145 -3.39 -9.39 -39.59
N ALA A 146 -2.06 -9.31 -39.66
CA ALA A 146 -1.23 -10.32 -39.00
C ALA A 146 -1.43 -10.28 -37.48
N THR A 147 -1.52 -9.08 -36.92
CA THR A 147 -1.70 -8.96 -35.47
C THR A 147 -3.05 -9.52 -35.03
N GLU A 148 -4.12 -9.21 -35.77
CA GLU A 148 -5.43 -9.74 -35.40
C GLU A 148 -5.50 -11.25 -35.61
N ARG A 149 -4.81 -11.76 -36.64
CA ARG A 149 -4.75 -13.21 -36.83
C ARG A 149 -4.02 -13.88 -35.67
N LYS A 150 -2.92 -13.28 -35.21
CA LYS A 150 -2.21 -13.82 -34.06
C LYS A 150 -3.07 -13.77 -32.80
N LEU A 151 -3.80 -12.67 -32.61
CA LEU A 151 -4.68 -12.57 -31.44
C LEU A 151 -5.80 -13.60 -31.49
N CYS A 152 -6.40 -13.80 -32.66
CA CYS A 152 -7.41 -14.83 -32.81
C CYS A 152 -6.83 -16.21 -32.54
N ALA A 153 -5.61 -16.46 -33.02
CA ALA A 153 -4.97 -17.74 -32.75
C ALA A 153 -4.73 -17.94 -31.26
N LEU A 154 -4.31 -16.89 -30.56
CA LEU A 154 -4.08 -17.01 -29.11
C LEU A 154 -5.38 -17.26 -28.37
N LEU A 155 -6.44 -16.54 -28.71
CA LEU A 155 -7.74 -16.74 -28.06
C LEU A 155 -8.26 -18.14 -28.32
N LEU A 156 -8.17 -18.61 -29.57
CA LEU A 156 -8.62 -19.95 -29.90
C LEU A 156 -7.78 -20.99 -29.19
N LEU A 157 -6.47 -20.74 -29.05
CA LEU A 157 -5.61 -21.69 -28.35
C LEU A 157 -6.01 -21.81 -26.89
N ILE A 158 -6.25 -20.67 -26.24
CA ILE A 158 -6.67 -20.71 -24.83
C ILE A 158 -8.01 -21.42 -24.70
N LEU A 159 -8.96 -21.09 -25.57
CA LEU A 159 -10.29 -21.70 -25.51
C LEU A 159 -10.22 -23.21 -25.74
N LEU A 160 -9.45 -23.65 -26.73
CA LEU A 160 -9.36 -25.07 -27.03
C LEU A 160 -8.60 -25.83 -25.96
N SER A 161 -7.55 -25.23 -25.39
CA SER A 161 -6.85 -25.86 -24.28
C SER A 161 -7.77 -26.04 -23.08
N PHE A 162 -8.54 -24.99 -22.75
CA PHE A 162 -9.48 -25.09 -21.64
C PHE A 162 -10.56 -26.13 -21.92
N THR A 163 -11.07 -26.16 -23.15
CA THR A 163 -12.10 -27.14 -23.50
C THR A 163 -11.55 -28.57 -23.43
N ILE A 164 -10.32 -28.77 -23.89
CA ILE A 164 -9.70 -30.09 -23.83
C ILE A 164 -9.51 -30.51 -22.37
N LEU A 165 -9.08 -29.58 -21.52
CA LEU A 165 -8.95 -29.89 -20.10
C LEU A 165 -10.30 -30.24 -19.49
N LEU A 166 -11.35 -29.49 -19.84
CA LEU A 166 -12.68 -29.77 -19.31
C LEU A 166 -13.16 -31.15 -19.74
N VAL A 167 -12.99 -31.47 -21.02
CA VAL A 167 -13.45 -32.77 -21.53
C VAL A 167 -12.65 -33.90 -20.90
N ASP A 168 -11.34 -33.73 -20.76
CA ASP A 168 -10.51 -34.76 -20.14
C ASP A 168 -10.91 -34.98 -18.70
N ASP A 169 -11.14 -33.90 -17.94
CA ASP A 169 -11.49 -34.03 -16.54
C ASP A 169 -12.86 -34.67 -16.38
N PHE A 170 -13.82 -34.27 -17.22
CA PHE A 170 -15.15 -34.86 -17.19
C PHE A 170 -15.11 -36.35 -17.51
N CYS A 171 -14.36 -36.72 -18.55
CA CYS A 171 -14.24 -38.13 -18.91
C CYS A 171 -13.55 -38.93 -17.82
N PHE A 172 -12.52 -38.36 -17.20
CA PHE A 172 -11.81 -39.05 -16.13
C PHE A 172 -12.74 -39.32 -14.95
N TYR A 173 -13.50 -38.32 -14.53
CA TYR A 173 -14.38 -38.52 -13.37
C TYR A 173 -15.58 -39.38 -13.73
N ALA A 174 -15.98 -39.41 -15.00
CA ALA A 174 -17.06 -40.31 -15.39
C ALA A 174 -16.58 -41.76 -15.43
N MET A 175 -15.33 -41.98 -15.87
CA MET A 175 -14.79 -43.33 -15.91
C MET A 175 -14.43 -43.83 -14.51
N GLN A 176 -14.08 -42.92 -13.60
CA GLN A 176 -13.80 -43.33 -12.23
C GLN A 176 -15.04 -43.91 -11.56
N ALA A 177 -16.20 -43.32 -11.83
CA ALA A 177 -17.45 -43.83 -11.28
C ALA A 177 -17.97 -45.04 -12.05
N GLY A 178 -17.35 -45.40 -13.17
CA GLY A 178 -17.75 -46.59 -13.89
C GLY A 178 -17.52 -47.88 -13.13
N LYS A 179 -16.55 -47.89 -12.21
CA LYS A 179 -16.34 -49.06 -11.37
C LYS A 179 -17.54 -49.31 -10.46
N THR A 180 -18.05 -48.25 -9.83
CA THR A 180 -19.26 -48.37 -9.02
C THR A 180 -20.49 -48.64 -9.88
N GLY A 181 -20.48 -48.20 -11.14
CA GLY A 181 -21.62 -48.34 -12.02
C GLY A 181 -22.41 -47.07 -12.25
N ARG A 182 -22.14 -46.02 -11.49
CA ARG A 182 -22.83 -44.74 -11.64
C ARG A 182 -22.09 -43.80 -12.59
N GLN A 183 -21.80 -44.29 -13.79
CA GLN A 183 -21.11 -43.47 -14.79
C GLN A 183 -21.98 -42.32 -15.25
N TRP A 184 -23.27 -42.58 -15.50
CA TRP A 184 -24.17 -41.53 -15.96
C TRP A 184 -24.55 -40.56 -14.86
N GLU A 185 -24.43 -40.98 -13.59
CA GLU A 185 -24.70 -40.08 -12.48
C GLU A 185 -23.71 -38.92 -12.45
N ILE A 186 -22.44 -39.20 -12.69
CA ILE A 186 -21.43 -38.14 -12.74
C ILE A 186 -21.73 -37.19 -13.90
N VAL A 187 -22.13 -37.73 -15.05
CA VAL A 187 -22.50 -36.90 -16.19
C VAL A 187 -23.65 -35.97 -15.80
N THR A 188 -24.71 -36.55 -15.22
CA THR A 188 -25.89 -35.76 -14.86
C THR A 188 -25.54 -34.69 -13.83
N ASN A 189 -24.61 -34.99 -12.93
CA ASN A 189 -24.30 -34.08 -11.84
C ASN A 189 -23.22 -33.05 -12.18
N TYR A 190 -22.49 -33.22 -13.30
CA TYR A 190 -21.42 -32.29 -13.61
C TYR A 190 -21.45 -31.70 -15.01
N ALA A 191 -22.42 -32.08 -15.85
CA ALA A 191 -22.51 -31.48 -17.19
C ALA A 191 -22.68 -29.96 -17.10
N GLY A 192 -23.63 -29.50 -16.28
CA GLY A 192 -23.83 -28.07 -16.11
C GLY A 192 -22.63 -27.37 -15.51
N PHE A 193 -21.93 -28.04 -14.59
CA PHE A 193 -20.72 -27.48 -14.01
C PHE A 193 -19.67 -27.22 -15.08
N TYR A 194 -19.45 -28.17 -15.97
CA TYR A 194 -18.43 -27.97 -17.00
C TYR A 194 -18.88 -26.96 -18.05
N PHE A 195 -20.18 -26.90 -18.34
CA PHE A 195 -20.69 -25.85 -19.22
C PHE A 195 -20.46 -24.47 -18.62
N LEU A 196 -20.67 -24.33 -17.31
CA LEU A 196 -20.42 -23.06 -16.66
C LEU A 196 -18.94 -22.71 -16.63
N TRP A 197 -18.07 -23.72 -16.51
CA TRP A 197 -16.63 -23.47 -16.67
C TRP A 197 -16.33 -22.88 -18.04
N TYR A 198 -16.89 -23.48 -19.09
CA TYR A 198 -16.67 -22.96 -20.44
C TYR A 198 -17.14 -21.51 -20.55
N ILE A 199 -18.32 -21.22 -19.97
CA ILE A 199 -18.87 -19.87 -20.02
C ILE A 199 -17.94 -18.89 -19.30
N VAL A 200 -17.41 -19.29 -18.15
CA VAL A 200 -16.52 -18.41 -17.39
C VAL A 200 -15.26 -18.10 -18.19
N MET A 201 -14.69 -19.12 -18.84
CA MET A 201 -13.50 -18.89 -19.66
C MET A 201 -13.79 -17.95 -20.81
N VAL A 202 -14.94 -18.14 -21.47
CA VAL A 202 -15.30 -17.26 -22.59
C VAL A 202 -15.47 -15.82 -22.12
N LEU A 203 -16.07 -15.63 -20.93
CA LEU A 203 -16.24 -14.29 -20.39
C LEU A 203 -14.88 -13.64 -20.11
N GLU A 204 -13.96 -14.40 -19.52
CA GLU A 204 -12.62 -13.87 -19.27
C GLU A 204 -11.94 -13.45 -20.56
N LEU A 205 -12.04 -14.30 -21.59
CA LEU A 205 -11.40 -13.99 -22.88
C LEU A 205 -12.04 -12.77 -23.53
N GLN A 206 -13.36 -12.63 -23.41
CA GLN A 206 -14.04 -11.47 -23.96
C GLN A 206 -13.56 -10.18 -23.32
N PHE A 207 -13.48 -10.16 -21.98
CA PHE A 207 -12.94 -8.97 -21.33
C PHE A 207 -11.51 -8.70 -21.76
N ALA A 208 -10.69 -9.75 -21.82
CA ALA A 208 -9.28 -9.58 -22.14
C ALA A 208 -9.11 -8.97 -23.53
N PHE A 209 -9.90 -9.43 -24.50
CA PHE A 209 -9.74 -8.90 -25.85
C PHE A 209 -10.35 -7.52 -26.02
N THR A 210 -11.41 -7.19 -25.27
CA THR A 210 -11.89 -5.81 -25.25
C THR A 210 -10.80 -4.87 -24.74
N ALA A 211 -10.18 -5.25 -23.61
CA ALA A 211 -9.10 -4.43 -23.06
C ALA A 211 -7.91 -4.36 -24.01
N LEU A 212 -7.62 -5.44 -24.72
CA LEU A 212 -6.49 -5.45 -25.65
C LEU A 212 -6.74 -4.54 -26.85
N SER A 213 -7.96 -4.54 -27.38
CA SER A 213 -8.28 -3.62 -28.47
C SER A 213 -8.17 -2.17 -28.00
N LEU A 214 -8.64 -1.90 -26.78
CA LEU A 214 -8.49 -0.54 -26.24
C LEU A 214 -7.02 -0.17 -26.09
N ARG A 215 -6.18 -1.09 -25.62
CA ARG A 215 -4.76 -0.81 -25.48
C ARG A 215 -4.11 -0.59 -26.84
N ALA A 216 -4.58 -1.28 -27.87
CA ALA A 216 -4.10 -1.02 -29.23
C ALA A 216 -4.43 0.41 -29.66
N ARG A 217 -5.65 0.86 -29.37
CA ARG A 217 -6.00 2.25 -29.68
C ARG A 217 -5.11 3.23 -28.92
N LEU A 218 -4.82 2.95 -27.65
CA LEU A 218 -3.95 3.82 -26.87
C LEU A 218 -2.53 3.83 -27.43
N LYS A 219 -2.06 2.69 -27.93
CA LYS A 219 -0.74 2.63 -28.56
C LYS A 219 -0.71 3.47 -29.83
N LEU A 220 -1.78 3.42 -30.63
CA LEU A 220 -1.87 4.30 -31.79
C LEU A 220 -1.84 5.77 -31.37
N PHE A 221 -2.54 6.11 -30.29
CA PHE A 221 -2.51 7.48 -29.79
C PHE A 221 -1.09 7.91 -29.40
N ASN A 222 -0.36 7.03 -28.72
CA ASN A 222 1.01 7.32 -28.33
C ASN A 222 1.90 7.52 -29.56
N GLU A 223 1.71 6.68 -30.59
CA GLU A 223 2.48 6.85 -31.81
C GLU A 223 2.18 8.18 -32.48
N ALA A 224 0.91 8.59 -32.49
CA ALA A 224 0.55 9.88 -33.07
C ALA A 224 1.20 11.04 -32.30
N LEU A 225 1.19 10.96 -30.97
CA LEU A 225 1.83 11.99 -30.17
C LEU A 225 3.33 12.04 -30.42
N ASN A 226 3.97 10.89 -30.55
CA ASN A 226 5.40 10.85 -30.85
C ASN A 226 5.69 11.44 -32.23
N VAL A 227 4.82 11.17 -33.20
CA VAL A 227 5.00 11.75 -34.53
C VAL A 227 4.84 13.26 -34.49
N THR A 228 3.91 13.75 -33.67
CA THR A 228 3.83 15.18 -33.42
C THR A 228 5.15 15.71 -32.86
N ALA A 229 5.77 14.94 -31.97
CA ALA A 229 7.09 15.31 -31.45
C ALA A 229 8.10 15.43 -32.58
N SER A 230 8.17 14.43 -33.45
CA SER A 230 9.16 14.44 -34.52
C SER A 230 8.93 15.59 -35.49
N GLN A 231 7.66 15.85 -35.84
CA GLN A 231 7.29 16.93 -36.74
C GLN A 231 8.00 16.80 -38.09
N VAL A 232 7.78 15.64 -38.71
CA VAL A 232 8.33 15.41 -40.05
C VAL A 232 7.70 16.36 -41.06
N CYS A 233 6.38 16.51 -41.00
CA CYS A 233 5.63 17.40 -41.88
C CYS A 233 5.87 17.06 -43.36
N ALA A 274 -10.42 12.63 -38.77
CA ALA A 274 -10.31 13.14 -40.13
C ALA A 274 -8.88 12.99 -40.66
N PHE A 275 -8.32 11.80 -40.50
CA PHE A 275 -6.99 11.46 -40.99
C PHE A 275 -5.94 12.42 -40.41
N VAL A 276 -5.84 12.41 -39.08
CA VAL A 276 -4.85 13.24 -38.41
C VAL A 276 -3.44 12.73 -38.72
N MET A 277 -3.28 11.42 -38.83
CA MET A 277 -1.99 10.78 -39.05
C MET A 277 -1.82 10.38 -40.52
N MET A 278 -0.57 10.32 -40.95
CA MET A 278 -0.21 9.87 -42.29
C MET A 278 0.91 8.85 -42.19
N LYS A 279 0.81 7.80 -43.00
CA LYS A 279 1.82 6.75 -43.00
C LYS A 279 1.95 6.12 -44.38
N PRO A 285 6.24 7.89 -38.84
CA PRO A 285 5.17 8.26 -39.76
C PRO A 285 5.19 9.73 -40.12
N CYS A 286 4.03 10.28 -40.50
CA CYS A 286 3.93 11.66 -40.91
C CYS A 286 2.70 12.29 -40.26
N LEU A 287 2.74 13.62 -40.14
CA LEU A 287 1.65 14.39 -39.56
C LEU A 287 1.08 15.32 -40.63
N GLN A 288 -0.23 15.25 -40.82
CA GLN A 288 -0.91 16.03 -41.86
C GLN A 288 -1.45 17.35 -41.36
N VAL A 289 -1.27 17.66 -40.07
CA VAL A 289 -1.77 18.91 -39.50
C VAL A 289 -0.63 19.55 -38.71
N PRO A 290 -0.70 20.86 -38.47
CA PRO A 290 0.30 21.49 -37.63
C PRO A 290 0.30 20.88 -36.24
N PRO A 291 1.45 20.82 -35.58
CA PRO A 291 1.53 20.13 -34.28
C PRO A 291 0.60 20.71 -33.23
N CYS A 292 0.30 22.01 -33.30
CA CYS A 292 -0.60 22.61 -32.32
C CYS A 292 -2.00 22.05 -32.45
N GLU A 293 -2.52 21.93 -33.68
CA GLU A 293 -3.82 21.32 -33.89
C GLU A 293 -3.81 19.85 -33.51
N ALA A 294 -2.73 19.15 -33.87
CA ALA A 294 -2.62 17.73 -33.58
C ALA A 294 -2.66 17.46 -32.09
N VAL A 295 -2.00 18.32 -31.29
CA VAL A 295 -1.95 18.09 -29.86
C VAL A 295 -3.34 18.27 -29.22
N GLY A 296 -4.10 19.27 -29.68
CA GLY A 296 -5.45 19.43 -29.18
C GLY A 296 -6.37 18.29 -29.57
N ARG A 297 -6.29 17.85 -30.83
CA ARG A 297 -7.07 16.71 -31.27
C ARG A 297 -6.70 15.46 -30.48
N LEU A 298 -5.42 15.28 -30.18
CA LEU A 298 -4.98 14.12 -29.40
C LEU A 298 -5.42 14.22 -27.95
N SER A 299 -5.48 15.43 -27.40
CA SER A 299 -6.02 15.60 -26.05
C SER A 299 -7.49 15.18 -25.99
N ARG A 300 -8.27 15.60 -27.00
CA ARG A 300 -9.66 15.17 -27.07
C ARG A 300 -9.75 13.65 -27.23
N MET A 301 -8.89 13.07 -28.06
CA MET A 301 -8.89 11.62 -28.26
C MET A 301 -8.54 10.88 -26.98
N ARG A 302 -7.62 11.43 -26.19
CA ARG A 302 -7.25 10.79 -24.93
C ARG A 302 -8.38 10.88 -23.92
N CYS A 303 -9.12 11.98 -23.91
CA CYS A 303 -10.32 12.04 -23.08
C CYS A 303 -11.34 10.98 -23.50
N THR A 304 -11.52 10.82 -24.81
CA THR A 304 -12.43 9.77 -25.30
C THR A 304 -11.96 8.39 -24.88
N LEU A 305 -10.65 8.14 -24.97
CA LEU A 305 -10.12 6.83 -24.59
C LEU A 305 -10.27 6.57 -23.09
N CYS A 306 -10.09 7.61 -22.27
CA CYS A 306 -10.35 7.48 -20.84
C CYS A 306 -11.80 7.13 -20.58
N GLU A 307 -12.73 7.80 -21.28
CA GLU A 307 -14.15 7.49 -21.12
C GLU A 307 -14.44 6.04 -21.50
N VAL A 308 -13.85 5.57 -22.59
CA VAL A 308 -14.07 4.20 -23.04
C VAL A 308 -13.52 3.20 -22.02
N THR A 309 -12.33 3.49 -21.48
CA THR A 309 -11.75 2.62 -20.46
C THR A 309 -12.64 2.55 -19.23
N ARG A 310 -13.17 3.69 -18.80
CA ARG A 310 -14.08 3.71 -17.66
C ARG A 310 -15.35 2.92 -17.96
N HIS A 311 -15.86 3.01 -19.18
CA HIS A 311 -17.03 2.24 -19.55
C HIS A 311 -16.75 0.74 -19.49
N ILE A 312 -15.59 0.32 -19.99
CA ILE A 312 -15.22 -1.09 -19.95
C ILE A 312 -15.09 -1.57 -18.51
N ALA A 313 -14.45 -0.76 -17.66
CA ALA A 313 -14.29 -1.13 -16.26
C ALA A 313 -15.65 -1.23 -15.57
N ASP A 314 -16.56 -0.30 -15.85
CA ASP A 314 -17.89 -0.36 -15.25
C ASP A 314 -18.63 -1.60 -15.73
N GLY A 315 -18.52 -1.94 -17.01
CA GLY A 315 -19.22 -3.09 -17.54
C GLY A 315 -18.72 -4.40 -16.98
N TYR A 316 -17.40 -4.51 -16.74
CA TYR A 316 -16.81 -5.77 -16.35
C TYR A 316 -16.38 -5.82 -14.88
N GLY A 317 -16.70 -4.79 -14.08
CA GLY A 317 -16.21 -4.76 -12.72
C GLY A 317 -16.69 -5.92 -11.87
N LEU A 318 -17.98 -6.20 -11.88
CA LEU A 318 -18.50 -7.33 -11.11
C LEU A 318 -17.98 -8.66 -11.62
N PRO A 319 -18.02 -8.96 -12.93
CA PRO A 319 -17.38 -10.21 -13.39
C PRO A 319 -15.92 -10.29 -13.04
N LEU A 320 -15.18 -9.18 -13.11
CA LEU A 320 -13.75 -9.21 -12.80
C LEU A 320 -13.51 -9.52 -11.33
N VAL A 321 -14.30 -8.93 -10.44
CA VAL A 321 -14.14 -9.17 -9.01
C VAL A 321 -14.50 -10.61 -8.67
N ILE A 322 -15.59 -11.12 -9.25
CA ILE A 322 -15.96 -12.51 -9.00
C ILE A 322 -14.90 -13.45 -9.55
N ILE A 323 -14.33 -13.13 -10.70
CA ILE A 323 -13.28 -13.95 -11.29
C ILE A 323 -12.05 -13.96 -10.40
N LEU A 324 -11.67 -12.81 -9.86
CA LEU A 324 -10.51 -12.76 -8.98
C LEU A 324 -10.74 -13.55 -7.70
N MET A 325 -11.95 -13.45 -7.13
CA MET A 325 -12.26 -14.23 -5.93
C MET A 325 -12.23 -15.73 -6.24
N SER A 326 -12.79 -16.14 -7.37
CA SER A 326 -12.76 -17.55 -7.75
C SER A 326 -11.34 -18.03 -7.99
N THR A 327 -10.51 -17.18 -8.59
CA THR A 327 -9.12 -17.54 -8.83
C THR A 327 -8.37 -17.72 -7.51
N LEU A 328 -8.61 -16.83 -6.55
CA LEU A 328 -7.99 -16.98 -5.24
C LEU A 328 -8.43 -18.29 -4.57
N LEU A 329 -9.74 -18.57 -4.59
CA LEU A 329 -10.25 -19.79 -3.98
C LEU A 329 -9.66 -21.03 -4.64
N HIS A 330 -9.57 -21.04 -5.97
CA HIS A 330 -9.07 -22.21 -6.67
C HIS A 330 -7.57 -22.38 -6.50
N LEU A 331 -6.81 -21.28 -6.54
CA LEU A 331 -5.38 -21.35 -6.29
C LEU A 331 -5.08 -21.71 -4.84
N ILE A 332 -6.06 -21.61 -3.95
CA ILE A 332 -5.88 -22.17 -2.61
C ILE A 332 -6.20 -23.65 -2.60
N VAL A 333 -7.35 -24.05 -3.15
CA VAL A 333 -7.85 -25.40 -2.92
C VAL A 333 -7.15 -26.42 -3.82
N THR A 334 -6.92 -26.10 -5.09
CA THR A 334 -6.32 -27.08 -6.00
C THR A 334 -4.91 -27.48 -5.60
N PRO A 335 -3.97 -26.56 -5.31
CA PRO A 335 -2.66 -27.00 -4.82
C PRO A 335 -2.74 -27.74 -3.50
N TYR A 336 -3.69 -27.39 -2.62
CA TYR A 336 -3.80 -28.08 -1.34
C TYR A 336 -4.05 -29.57 -1.54
N PHE A 337 -5.06 -29.92 -2.32
CA PHE A 337 -5.38 -31.33 -2.52
C PHE A 337 -4.39 -32.00 -3.47
N LEU A 338 -3.74 -31.24 -4.35
CA LEU A 338 -2.66 -31.80 -5.14
C LEU A 338 -1.50 -32.24 -4.26
N ILE A 339 -1.16 -31.43 -3.26
CA ILE A 339 -0.11 -31.80 -2.32
C ILE A 339 -0.57 -32.93 -1.43
N MET A 340 -1.83 -32.89 -0.99
CA MET A 340 -2.35 -33.95 -0.12
C MET A 340 -2.31 -35.31 -0.81
N GLU A 341 -2.63 -35.35 -2.11
CA GLU A 341 -2.54 -36.60 -2.85
C GLU A 341 -1.10 -37.08 -2.98
N ILE A 342 -0.15 -36.15 -2.98
CA ILE A 342 1.25 -36.51 -3.19
C ILE A 342 1.87 -37.10 -1.93
N ILE A 343 1.68 -36.42 -0.79
CA ILE A 343 2.38 -36.80 0.43
C ILE A 343 1.84 -38.13 0.97
N VAL A 344 0.52 -38.35 0.85
CA VAL A 344 -0.10 -39.53 1.46
C VAL A 344 0.17 -40.76 0.60
N SER A 345 -0.36 -40.77 -0.62
CA SER A 345 -0.17 -41.87 -1.55
C SER A 345 -0.68 -41.45 -2.93
N THR A 346 0.14 -41.64 -3.97
CA THR A 346 -0.25 -41.14 -5.28
C THR A 346 -1.29 -42.05 -5.93
N HIS A 347 -0.87 -43.26 -6.31
CA HIS A 347 -1.76 -44.30 -6.85
C HIS A 347 -2.60 -43.81 -8.02
N ARG A 348 -2.34 -42.59 -8.52
CA ARG A 348 -3.18 -41.99 -9.55
C ARG A 348 -2.33 -40.93 -10.27
N LEU A 349 -1.81 -41.29 -11.44
CA LEU A 349 -1.05 -40.33 -12.23
C LEU A 349 -1.98 -39.34 -12.92
N HIS A 350 -3.13 -39.82 -13.40
CA HIS A 350 -4.07 -38.95 -14.11
C HIS A 350 -4.60 -37.85 -13.20
N PHE A 351 -4.90 -38.18 -11.95
CA PHE A 351 -5.41 -37.18 -11.02
C PHE A 351 -4.37 -36.09 -10.77
N LEU A 352 -3.11 -36.47 -10.56
CA LEU A 352 -2.07 -35.47 -10.33
C LEU A 352 -1.83 -34.62 -11.56
N VAL A 353 -1.86 -35.24 -12.74
CA VAL A 353 -1.70 -34.48 -13.98
C VAL A 353 -2.82 -33.45 -14.12
N LEU A 354 -4.06 -33.87 -13.85
CA LEU A 354 -5.19 -32.95 -13.94
C LEU A 354 -5.09 -31.84 -12.90
N GLN A 355 -4.60 -32.15 -11.70
CA GLN A 355 -4.47 -31.14 -10.67
C GLN A 355 -3.42 -30.10 -11.04
N PHE A 356 -2.28 -30.55 -11.57
CA PHE A 356 -1.27 -29.61 -12.05
C PHE A 356 -1.80 -28.76 -13.19
N LEU A 357 -2.53 -29.39 -14.12
CA LEU A 357 -3.10 -28.66 -15.24
C LEU A 357 -4.11 -27.63 -14.77
N TRP A 358 -4.88 -27.95 -13.71
CA TRP A 358 -5.85 -27.00 -13.18
C TRP A 358 -5.17 -25.86 -12.45
N CYS A 359 -4.06 -26.14 -11.76
CA CYS A 359 -3.29 -25.05 -11.13
C CYS A 359 -2.77 -24.10 -12.20
N THR A 360 -2.20 -24.63 -13.27
CA THR A 360 -1.76 -23.79 -14.37
C THR A 360 -2.92 -23.05 -15.02
N THR A 361 -4.08 -23.69 -15.10
CA THR A 361 -5.26 -23.06 -15.67
C THR A 361 -5.70 -21.85 -14.85
N HIS A 362 -5.74 -22.00 -13.53
CA HIS A 362 -6.12 -20.88 -12.67
C HIS A 362 -5.09 -19.75 -12.75
N LEU A 363 -3.80 -20.10 -12.81
CA LEU A 363 -2.78 -19.07 -13.00
C LEU A 363 -2.97 -18.35 -14.33
N ILE A 364 -3.30 -19.09 -15.39
CA ILE A 364 -3.52 -18.48 -16.70
C ILE A 364 -4.78 -17.61 -16.68
N ARG A 365 -5.80 -18.01 -15.93
CA ARG A 365 -6.99 -17.17 -15.78
C ARG A 365 -6.63 -15.82 -15.15
N MET A 366 -5.87 -15.87 -14.04
CA MET A 366 -5.43 -14.63 -13.42
C MET A 366 -4.59 -13.80 -14.38
N LEU A 367 -3.73 -14.46 -15.16
CA LEU A 367 -2.87 -13.75 -16.09
C LEU A 367 -3.66 -13.06 -17.19
N VAL A 368 -4.62 -13.77 -17.79
CA VAL A 368 -5.41 -13.17 -18.86
C VAL A 368 -6.32 -12.07 -18.31
N VAL A 369 -6.64 -12.11 -17.02
CA VAL A 369 -7.37 -10.99 -16.44
C VAL A 369 -6.47 -9.78 -16.23
N VAL A 370 -5.27 -9.98 -15.69
CA VAL A 370 -4.47 -8.85 -15.21
C VAL A 370 -3.43 -8.34 -16.22
N GLU A 371 -3.22 -9.04 -17.33
CA GLU A 371 -2.18 -8.65 -18.27
C GLU A 371 -2.61 -7.51 -19.19
N PRO A 372 -3.80 -7.54 -19.81
CA PRO A 372 -4.21 -6.38 -20.64
C PRO A 372 -4.30 -5.09 -19.86
N CYS A 373 -4.71 -5.16 -18.58
CA CYS A 373 -4.72 -3.96 -17.75
C CYS A 373 -3.31 -3.45 -17.51
N HIS A 374 -2.35 -4.34 -17.29
CA HIS A 374 -0.97 -3.92 -17.12
C HIS A 374 -0.43 -3.28 -18.39
N TYR A 375 -0.79 -3.83 -19.55
CA TYR A 375 -0.35 -3.24 -20.81
C TYR A 375 -0.96 -1.87 -21.02
N THR A 376 -2.23 -1.71 -20.63
CA THR A 376 -2.89 -0.41 -20.72
C THR A 376 -2.20 0.62 -19.82
N ILE A 377 -1.85 0.23 -18.60
CA ILE A 377 -1.16 1.14 -17.69
C ILE A 377 0.24 1.48 -18.21
N ARG A 378 0.90 0.50 -18.84
CA ARG A 378 2.21 0.76 -19.43
C ARG A 378 2.11 1.78 -20.57
N GLU A 379 1.06 1.68 -21.39
CA GLU A 379 0.85 2.68 -22.42
C GLU A 379 0.56 4.05 -21.81
N GLY A 380 -0.22 4.08 -20.71
CA GLY A 380 -0.49 5.32 -20.02
C GLY A 380 0.72 5.96 -19.37
N LYS A 381 1.76 5.18 -19.11
CA LYS A 381 3.03 5.76 -18.66
C LYS A 381 3.91 6.20 -19.82
N ARG A 382 3.86 5.44 -20.92
CA ARG A 382 4.60 5.82 -22.12
C ARG A 382 4.12 7.18 -22.63
N THR A 383 2.82 7.46 -22.51
CA THR A 383 2.32 8.76 -22.96
C THR A 383 2.89 9.89 -22.11
N GLU A 384 3.10 9.65 -20.81
CA GLU A 384 3.72 10.68 -19.97
C GLU A 384 5.17 10.91 -20.36
N ASP A 385 5.91 9.84 -20.64
CA ASP A 385 7.28 10.01 -21.10
C ASP A 385 7.34 10.81 -22.41
N ILE A 386 6.46 10.46 -23.35
CA ILE A 386 6.41 11.17 -24.63
C ILE A 386 6.09 12.64 -24.41
N LEU A 387 5.14 12.93 -23.52
CA LEU A 387 4.76 14.32 -23.24
C LEU A 387 5.90 15.11 -22.62
N CYS A 388 6.66 14.50 -21.71
CA CYS A 388 7.82 15.20 -21.15
C CYS A 388 8.82 15.55 -22.24
N ARG A 389 9.13 14.59 -23.11
CA ARG A 389 10.04 14.91 -24.21
C ARG A 389 9.46 15.97 -25.15
N LEU A 390 8.14 15.97 -25.34
CA LEU A 390 7.47 17.05 -26.07
C LEU A 390 7.72 18.40 -25.42
N MET A 391 7.57 18.47 -24.09
CA MET A 391 7.74 19.74 -23.39
C MET A 391 9.16 20.27 -23.54
N THR A 392 10.16 19.38 -23.43
CA THR A 392 11.54 19.85 -23.52
C THR A 392 11.86 20.43 -24.89
N LEU A 393 11.14 20.01 -25.92
CA LEU A 393 11.29 20.56 -27.26
C LEU A 393 10.29 21.70 -27.44
N ALA A 394 10.13 22.16 -28.68
CA ALA A 394 9.20 23.21 -29.10
C ALA A 394 9.63 24.56 -28.55
N PRO A 395 9.30 25.66 -29.24
CA PRO A 395 9.61 26.99 -28.71
C PRO A 395 8.97 27.18 -27.35
N HIS A 396 9.69 27.92 -26.50
CA HIS A 396 9.34 27.97 -25.08
C HIS A 396 7.99 28.63 -24.85
N GLY A 397 7.77 29.81 -25.41
CA GLY A 397 6.54 30.54 -25.15
C GLY A 397 5.53 30.42 -26.27
N GLY A 398 5.68 29.41 -27.11
CA GLY A 398 4.79 29.25 -28.24
C GLY A 398 3.44 28.69 -27.85
N VAL A 399 2.55 28.66 -28.85
CA VAL A 399 1.21 28.14 -28.63
C VAL A 399 1.22 26.62 -28.50
N LEU A 400 2.22 25.95 -29.07
CA LEU A 400 2.35 24.50 -28.88
C LEU A 400 2.63 24.16 -27.43
N SER A 401 3.42 24.98 -26.75
CA SER A 401 3.76 24.72 -25.36
C SER A 401 2.52 24.75 -24.47
N SER A 402 1.60 25.68 -24.74
CA SER A 402 0.38 25.76 -23.94
C SER A 402 -0.55 24.58 -24.20
N ARG A 403 -0.60 24.11 -25.45
CA ARG A 403 -1.34 22.89 -25.74
C ARG A 403 -0.75 21.69 -25.01
N LEU A 404 0.58 21.60 -24.98
CA LEU A 404 1.23 20.54 -24.22
C LEU A 404 0.97 20.68 -22.72
N GLU A 405 0.85 21.91 -22.23
CA GLU A 405 0.50 22.12 -20.83
C GLU A 405 -0.91 21.63 -20.52
N VAL A 406 -1.85 21.89 -21.43
CA VAL A 406 -3.21 21.37 -21.27
C VAL A 406 -3.18 19.84 -21.25
N LEU A 407 -2.41 19.24 -22.16
CA LEU A 407 -2.26 17.80 -22.19
C LEU A 407 -1.65 17.27 -20.89
N SER A 408 -0.70 18.02 -20.31
CA SER A 408 -0.10 17.64 -19.04
C SER A 408 -1.13 17.65 -17.92
N ARG A 409 -1.99 18.68 -17.89
CA ARG A 409 -3.06 18.71 -16.91
C ARG A 409 -4.00 17.53 -17.09
N LEU A 410 -4.31 17.18 -18.33
CA LEU A 410 -5.12 16.00 -18.60
C LEU A 410 -4.47 14.74 -18.07
N LEU A 411 -3.16 14.59 -18.29
CA LEU A 411 -2.46 13.40 -17.85
C LEU A 411 -2.40 13.32 -16.32
N MET A 412 -2.20 14.47 -15.67
CA MET A 412 -2.14 14.49 -14.21
C MET A 412 -3.50 14.22 -13.59
N LEU A 413 -4.56 14.74 -14.19
CA LEU A 413 -5.89 14.63 -13.59
C LEU A 413 -6.47 13.22 -13.73
N GLN A 414 -6.33 12.61 -14.89
CA GLN A 414 -6.91 11.30 -15.15
C GLN A 414 -5.86 10.37 -15.73
N ASN A 415 -5.95 9.09 -15.36
CA ASN A 415 -5.07 8.05 -15.87
C ASN A 415 -5.91 6.87 -16.34
N ILE A 416 -5.44 6.23 -17.40
CA ILE A 416 -6.15 5.11 -18.01
C ILE A 416 -5.75 3.84 -17.28
N SER A 417 -6.61 3.34 -16.40
CA SER A 417 -6.36 2.13 -15.63
C SER A 417 -7.67 1.39 -15.43
N TYR A 418 -7.61 0.28 -14.70
CA TYR A 418 -8.77 -0.55 -14.42
C TYR A 418 -8.86 -0.77 -12.92
N SER A 419 -9.99 -0.38 -12.34
CA SER A 419 -10.27 -0.60 -10.91
C SER A 419 -11.66 -1.21 -10.80
N PRO A 420 -11.76 -2.54 -10.88
CA PRO A 420 -13.09 -3.18 -10.87
C PRO A 420 -13.81 -2.97 -9.56
N LEU A 421 -14.97 -2.32 -9.63
CA LEU A 421 -15.86 -2.03 -8.51
C LEU A 421 -15.23 -1.12 -7.46
N GLY A 422 -14.04 -0.58 -7.73
CA GLY A 422 -13.31 0.16 -6.74
C GLY A 422 -12.62 -0.69 -5.68
N MET A 423 -12.71 -2.02 -5.79
CA MET A 423 -12.12 -2.89 -4.78
C MET A 423 -10.61 -2.83 -4.81
N CYS A 424 -10.02 -2.80 -6.00
CA CYS A 424 -8.57 -2.90 -6.16
C CYS A 424 -8.20 -2.35 -7.54
N THR A 425 -6.93 -2.49 -7.90
CA THR A 425 -6.43 -2.10 -9.20
C THR A 425 -5.90 -3.34 -9.91
N LEU A 426 -6.36 -3.56 -11.14
CA LEU A 426 -5.92 -4.71 -11.93
C LEU A 426 -4.57 -4.38 -12.54
N ASP A 427 -3.52 -5.01 -12.02
CA ASP A 427 -2.16 -4.82 -12.51
C ASP A 427 -1.29 -5.92 -11.92
N ARG A 428 0.01 -5.87 -12.21
CA ARG A 428 0.93 -6.87 -11.68
C ARG A 428 1.00 -6.90 -10.16
N PRO A 429 1.04 -5.78 -9.42
CA PRO A 429 1.08 -5.89 -7.96
C PRO A 429 -0.10 -6.63 -7.35
N LEU A 430 -1.28 -6.53 -7.97
CA LEU A 430 -2.43 -7.29 -7.48
C LEU A 430 -2.18 -8.79 -7.59
N MET A 431 -1.54 -9.22 -8.69
CA MET A 431 -1.21 -10.63 -8.84
C MET A 431 -0.19 -11.07 -7.80
N VAL A 432 0.73 -10.18 -7.42
CA VAL A 432 1.70 -10.49 -6.38
C VAL A 432 0.99 -10.61 -5.03
N THR A 433 0.05 -9.71 -4.74
CA THR A 433 -0.68 -9.77 -3.49
C THR A 433 -1.52 -11.03 -3.39
N VAL A 434 -2.17 -11.42 -4.49
CA VAL A 434 -2.98 -12.63 -4.49
C VAL A 434 -2.10 -13.87 -4.27
N LEU A 435 -0.97 -13.93 -4.98
CA LEU A 435 -0.08 -15.08 -4.83
C LEU A 435 0.57 -15.11 -3.46
N GLY A 436 0.83 -13.95 -2.86
CA GLY A 436 1.35 -13.92 -1.51
C GLY A 436 0.33 -14.41 -0.50
N ALA A 437 -0.94 -14.09 -0.70
CA ALA A 437 -1.99 -14.58 0.20
C ALA A 437 -2.22 -16.07 0.02
N VAL A 438 -2.14 -16.56 -1.22
CA VAL A 438 -2.33 -17.97 -1.49
C VAL A 438 -1.26 -18.80 -0.80
N THR A 439 0.00 -18.36 -0.90
CA THR A 439 1.09 -19.08 -0.25
C THR A 439 0.96 -19.03 1.27
N THR A 440 0.52 -17.90 1.81
CA THR A 440 0.32 -17.79 3.25
C THR A 440 -0.75 -18.78 3.73
N TYR A 441 -1.87 -18.85 3.00
CA TYR A 441 -2.91 -19.81 3.35
C TYR A 441 -2.44 -21.25 3.17
N LEU A 442 -1.70 -21.51 2.10
CA LEU A 442 -1.25 -22.87 1.83
C LEU A 442 -0.24 -23.35 2.87
N VAL A 443 0.72 -22.50 3.24
CA VAL A 443 1.71 -22.90 4.24
C VAL A 443 1.04 -23.17 5.59
N ILE A 444 0.07 -22.33 5.96
CA ILE A 444 -0.66 -22.56 7.20
C ILE A 444 -1.45 -23.86 7.13
N LEU A 445 -2.14 -24.10 6.01
CA LEU A 445 -3.02 -25.26 5.92
C LEU A 445 -2.23 -26.56 5.77
N ILE A 446 -1.19 -26.56 4.94
CA ILE A 446 -0.47 -27.80 4.65
C ILE A 446 0.25 -28.30 5.89
N GLN A 447 0.88 -27.40 6.65
CA GLN A 447 1.65 -27.81 7.82
C GLN A 447 0.77 -28.34 8.94
N PHE A 448 -0.52 -28.01 8.94
CA PHE A 448 -1.44 -28.59 9.93
C PHE A 448 -1.59 -30.09 9.71
N GLN A 449 -1.63 -30.53 8.46
CA GLN A 449 -1.74 -31.95 8.15
C GLN A 449 -0.40 -32.66 8.31
N THR B 18 33.68 4.99 -32.59
CA THR B 18 33.34 5.18 -31.19
C THR B 18 31.99 4.54 -30.86
N PRO B 19 31.96 3.21 -30.76
CA PRO B 19 30.68 2.52 -30.55
C PRO B 19 30.02 2.84 -29.21
N CYS B 20 30.69 2.55 -28.11
CA CYS B 20 30.05 2.74 -26.81
C CYS B 20 30.91 3.51 -25.82
N LEU B 21 32.22 3.23 -25.76
CA LEU B 21 33.16 3.91 -24.87
C LEU B 21 32.69 3.88 -23.42
N VAL B 22 32.66 2.66 -22.87
CA VAL B 22 32.37 2.47 -21.45
C VAL B 22 33.67 2.54 -20.67
N GLY B 23 33.57 2.87 -19.38
CA GLY B 23 34.74 2.95 -18.53
C GLY B 23 34.34 2.98 -17.07
N GLY B 24 35.36 2.97 -16.22
CA GLY B 24 35.14 3.06 -14.78
C GLY B 24 34.93 1.70 -14.13
N ALA B 25 34.31 1.74 -12.95
CA ALA B 25 33.98 0.52 -12.24
C ALA B 25 32.86 -0.25 -12.91
N HIS B 26 32.01 0.43 -13.68
CA HIS B 26 30.98 -0.26 -14.45
C HIS B 26 31.60 -1.14 -15.53
N ALA B 27 32.71 -0.69 -16.13
CA ALA B 27 33.38 -1.47 -17.15
C ALA B 27 34.22 -2.61 -16.56
N PHE B 28 34.49 -2.58 -15.25
CA PHE B 28 35.24 -3.66 -14.64
C PHE B 28 34.40 -4.93 -14.53
N ILE B 29 33.14 -4.79 -14.08
CA ILE B 29 32.26 -5.94 -13.98
C ILE B 29 31.87 -6.47 -15.36
N LEU B 30 31.96 -5.64 -16.40
CA LEU B 30 31.67 -6.12 -17.75
C LEU B 30 32.69 -7.14 -18.21
N LYS B 31 33.96 -6.91 -17.92
CA LYS B 31 34.98 -7.92 -18.22
C LYS B 31 34.78 -9.17 -17.38
N ILE B 32 34.47 -9.00 -16.10
CA ILE B 32 34.21 -10.15 -15.23
C ILE B 32 32.99 -10.92 -15.71
N SER B 33 31.91 -10.21 -16.05
CA SER B 33 30.72 -10.85 -16.57
C SER B 33 30.92 -11.44 -17.95
N SER B 34 31.94 -10.99 -18.67
CA SER B 34 32.19 -11.49 -20.02
C SER B 34 32.53 -12.98 -20.01
N PHE B 35 33.28 -13.43 -19.01
CA PHE B 35 33.65 -14.82 -18.89
C PHE B 35 32.57 -15.67 -18.23
N CYS B 36 31.56 -15.06 -17.62
CA CYS B 36 30.44 -15.77 -17.05
C CYS B 36 29.25 -15.86 -17.99
N GLY B 37 29.37 -15.31 -19.19
CA GLY B 37 28.27 -15.29 -20.12
C GLY B 37 27.29 -14.15 -19.93
N LEU B 38 27.57 -13.21 -19.04
CA LEU B 38 26.64 -12.14 -18.72
C LEU B 38 26.93 -10.83 -19.44
N ALA B 39 27.98 -10.78 -20.26
CA ALA B 39 28.31 -9.59 -21.03
C ALA B 39 29.08 -9.99 -22.29
N PRO B 40 28.41 -10.57 -23.28
CA PRO B 40 29.13 -11.04 -24.47
C PRO B 40 29.58 -9.88 -25.37
N LEU B 41 30.60 -9.16 -24.92
CA LEU B 41 31.06 -7.95 -25.60
C LEU B 41 32.53 -8.10 -25.97
N ARG B 42 32.95 -7.32 -26.97
CA ARG B 42 34.34 -7.19 -27.35
C ARG B 42 34.90 -5.90 -26.78
N PHE B 43 36.01 -6.00 -26.06
CA PHE B 43 36.62 -4.87 -25.38
C PHE B 43 37.84 -4.39 -26.17
N GLU B 44 37.76 -3.16 -26.68
CA GLU B 44 38.87 -2.55 -27.39
C GLU B 44 39.48 -1.45 -26.54
N PRO B 45 40.73 -1.57 -26.11
CA PRO B 45 41.32 -0.55 -25.23
C PRO B 45 41.47 0.78 -25.95
N ARG B 46 41.33 1.86 -25.17
CA ARG B 46 41.50 3.21 -25.67
C ARG B 46 42.39 4.06 -24.77
N SER B 47 43.02 3.45 -23.76
CA SER B 47 43.95 4.08 -22.84
C SER B 47 43.23 5.04 -21.88
N GLN B 48 41.94 5.28 -22.12
CA GLN B 48 41.09 6.04 -21.22
C GLN B 48 39.79 5.33 -20.91
N GLU B 49 39.22 4.62 -21.88
CA GLU B 49 37.97 3.89 -21.70
C GLU B 49 38.02 2.65 -22.60
N TYR B 50 36.88 1.97 -22.70
CA TYR B 50 36.78 0.75 -23.50
C TYR B 50 35.63 0.88 -24.48
N ALA B 51 35.93 0.66 -25.76
CA ALA B 51 34.91 0.66 -26.81
C ALA B 51 34.34 -0.74 -26.93
N VAL B 52 33.15 -0.95 -26.38
CA VAL B 52 32.55 -2.28 -26.31
C VAL B 52 31.52 -2.44 -27.42
N THR B 53 31.43 -3.65 -27.95
CA THR B 53 30.45 -3.99 -28.98
C THR B 53 30.11 -5.46 -28.87
N ILE B 54 28.95 -5.82 -29.43
CA ILE B 54 28.49 -7.21 -29.38
C ILE B 54 29.40 -8.08 -30.24
N SER B 55 29.79 -9.22 -29.71
CA SER B 55 30.51 -10.24 -30.45
C SER B 55 29.68 -11.51 -30.49
N LYS B 56 29.51 -12.08 -31.68
CA LYS B 56 28.71 -13.30 -31.83
C LYS B 56 29.41 -14.50 -31.20
N GLY B 57 30.74 -14.55 -31.26
CA GLY B 57 31.45 -15.66 -30.65
C GLY B 57 31.24 -15.74 -29.15
N LYS B 58 31.29 -14.59 -28.47
CA LYS B 58 31.04 -14.59 -27.03
C LYS B 58 29.58 -14.90 -26.72
N CYS B 59 28.66 -14.50 -27.58
CA CYS B 59 27.26 -14.88 -27.39
C CYS B 59 27.07 -16.38 -27.46
N PHE B 60 27.68 -17.01 -28.48
CA PHE B 60 27.58 -18.46 -28.59
C PHE B 60 28.27 -19.16 -27.43
N TYR B 61 29.42 -18.64 -27.01
CA TYR B 61 30.11 -19.21 -25.85
C TYR B 61 29.24 -19.13 -24.60
N SER B 62 28.60 -17.97 -24.39
CA SER B 62 27.72 -17.80 -23.24
C SER B 62 26.56 -18.78 -23.28
N TYR B 63 25.95 -18.93 -24.46
CA TYR B 63 24.82 -19.84 -24.60
C TYR B 63 25.24 -21.28 -24.28
N ILE B 64 26.33 -21.75 -24.89
CA ILE B 64 26.74 -23.13 -24.66
C ILE B 64 27.20 -23.32 -23.22
N LEU B 65 27.83 -22.32 -22.61
CA LEU B 65 28.29 -22.47 -21.24
C LEU B 65 27.13 -22.57 -20.27
N VAL B 66 26.13 -21.71 -20.41
CA VAL B 66 24.99 -21.78 -19.49
C VAL B 66 24.18 -23.05 -19.74
N THR B 67 24.07 -23.48 -21.01
CA THR B 67 23.35 -24.72 -21.29
C THR B 67 24.06 -25.91 -20.66
N PHE B 68 25.40 -25.98 -20.80
CA PHE B 68 26.15 -27.06 -20.19
C PHE B 68 26.04 -27.03 -18.67
N LEU B 69 26.13 -25.84 -18.08
CA LEU B 69 26.05 -25.74 -16.62
C LEU B 69 24.68 -26.16 -16.11
N VAL B 70 23.61 -25.77 -16.80
CA VAL B 70 22.27 -26.15 -16.39
C VAL B 70 22.07 -27.66 -16.57
N ILE B 71 22.59 -28.22 -17.65
CA ILE B 71 22.48 -29.66 -17.87
C ILE B 71 23.20 -30.43 -16.77
N CYS B 72 24.43 -30.00 -16.43
CA CYS B 72 25.18 -30.65 -15.37
C CYS B 72 24.49 -30.48 -14.02
N THR B 73 23.91 -29.32 -13.77
CA THR B 73 23.20 -29.09 -12.51
C THR B 73 21.99 -30.01 -12.38
N ILE B 74 21.21 -30.13 -13.47
CA ILE B 74 20.05 -31.01 -13.47
C ILE B 74 20.48 -32.46 -13.29
N TYR B 75 21.55 -32.87 -13.98
CA TYR B 75 22.03 -34.24 -13.85
C TYR B 75 22.49 -34.53 -12.44
N GLY B 76 23.20 -33.59 -11.81
CA GLY B 76 23.64 -33.79 -10.43
C GLY B 76 22.48 -33.83 -9.46
N LEU B 77 21.46 -32.99 -9.68
CA LEU B 77 20.28 -33.01 -8.82
C LEU B 77 19.54 -34.34 -8.95
N VAL B 78 19.45 -34.88 -10.16
CA VAL B 78 18.81 -36.17 -10.37
C VAL B 78 19.63 -37.29 -9.75
N ALA B 79 20.96 -37.23 -9.92
CA ALA B 79 21.82 -38.27 -9.39
C ALA B 79 21.79 -38.31 -7.86
N GLU B 80 21.81 -37.13 -7.22
CA GLU B 80 21.75 -37.09 -5.76
C GLU B 80 20.44 -37.63 -5.24
N ILE B 81 19.34 -37.41 -5.98
CA ILE B 81 18.07 -38.06 -5.63
C ILE B 81 18.20 -39.57 -5.80
N GLY B 82 18.83 -40.01 -6.89
CA GLY B 82 18.99 -41.43 -7.15
C GLY B 82 19.96 -42.12 -6.21
N VAL B 83 20.86 -41.37 -5.57
CA VAL B 83 21.74 -41.97 -4.58
C VAL B 83 20.95 -42.52 -3.41
N GLY B 84 19.96 -41.77 -2.94
CA GLY B 84 19.09 -42.20 -1.87
C GLY B 84 19.03 -41.18 -0.76
N VAL B 85 18.34 -41.55 0.31
CA VAL B 85 18.19 -40.69 1.48
C VAL B 85 19.28 -40.95 2.50
N GLU B 86 19.53 -42.22 2.82
CA GLU B 86 20.57 -42.54 3.81
C GLU B 86 21.97 -42.33 3.24
N LYS B 87 22.16 -42.60 1.95
CA LYS B 87 23.49 -42.52 1.36
C LYS B 87 23.91 -41.08 1.09
N SER B 88 22.99 -40.23 0.64
CA SER B 88 23.32 -38.84 0.36
C SER B 88 23.47 -38.04 1.64
N VAL B 89 24.39 -37.09 1.63
CA VAL B 89 24.74 -36.31 2.82
C VAL B 89 24.01 -34.98 2.86
N ARG B 90 23.89 -34.29 1.73
CA ARG B 90 23.26 -32.98 1.73
C ARG B 90 21.74 -33.09 1.89
N MET B 91 21.13 -34.02 1.16
CA MET B 91 19.68 -34.18 1.14
C MET B 91 19.35 -35.58 1.65
N SER B 92 19.21 -35.71 2.96
CA SER B 92 19.05 -36.98 3.66
C SER B 92 17.69 -37.06 4.35
N SER B 93 16.67 -36.50 3.74
CA SER B 93 15.31 -36.57 4.26
C SER B 93 14.35 -36.55 3.07
N ARG B 94 13.07 -36.31 3.34
CA ARG B 94 12.08 -36.12 2.29
C ARG B 94 11.87 -34.64 1.98
N MET B 95 11.71 -33.82 3.01
CA MET B 95 11.65 -32.37 2.79
C MET B 95 13.01 -31.82 2.39
N SER B 96 14.09 -32.47 2.83
CA SER B 96 15.42 -32.03 2.44
C SER B 96 15.63 -32.16 0.95
N GLN B 97 15.13 -33.24 0.35
CA GLN B 97 15.23 -33.42 -1.10
C GLN B 97 14.47 -32.33 -1.84
N VAL B 98 13.28 -31.97 -1.35
CA VAL B 98 12.49 -30.94 -1.99
C VAL B 98 13.12 -29.56 -1.80
N VAL B 99 13.61 -29.29 -0.59
CA VAL B 99 14.25 -28.00 -0.31
C VAL B 99 15.52 -27.85 -1.13
N SER B 100 16.34 -28.91 -1.17
CA SER B 100 17.56 -28.88 -1.96
C SER B 100 17.25 -28.69 -3.43
N ALA B 101 16.25 -29.41 -3.94
CA ALA B 101 15.87 -29.28 -5.33
C ALA B 101 15.35 -27.87 -5.63
N CYS B 102 14.57 -27.30 -4.71
CA CYS B 102 14.05 -25.95 -4.93
C CYS B 102 15.17 -24.93 -4.97
N ASP B 103 16.12 -25.02 -4.04
CA ASP B 103 17.28 -24.13 -4.05
C ASP B 103 18.07 -24.26 -5.35
N ILE B 104 18.38 -25.50 -5.73
CA ILE B 104 19.17 -25.74 -6.94
C ILE B 104 18.45 -25.20 -8.16
N LEU B 105 17.14 -25.45 -8.26
CA LEU B 105 16.39 -25.04 -9.44
C LEU B 105 16.21 -23.54 -9.51
N VAL B 106 16.01 -22.87 -8.37
CA VAL B 106 15.87 -21.42 -8.42
C VAL B 106 17.19 -20.76 -8.78
N VAL B 107 18.31 -21.31 -8.29
CA VAL B 107 19.61 -20.77 -8.69
C VAL B 107 19.85 -20.99 -10.19
N ALA B 108 19.50 -22.18 -10.69
CA ALA B 108 19.66 -22.47 -12.11
C ALA B 108 18.79 -21.56 -12.97
N VAL B 109 17.56 -21.30 -12.53
CA VAL B 109 16.67 -20.42 -13.28
C VAL B 109 17.20 -19.00 -13.29
N THR B 110 17.71 -18.53 -12.15
CA THR B 110 18.30 -17.19 -12.10
C THR B 110 19.48 -17.08 -13.07
N ALA B 111 20.38 -18.07 -13.03
CA ALA B 111 21.54 -18.04 -13.92
C ALA B 111 21.13 -18.14 -15.38
N GLY B 112 20.12 -18.96 -15.70
CA GLY B 112 19.68 -19.07 -17.08
C GLY B 112 19.03 -17.81 -17.59
N VAL B 113 18.21 -17.16 -16.75
CA VAL B 113 17.63 -15.87 -17.14
C VAL B 113 18.74 -14.84 -17.35
N GLY B 114 19.75 -14.86 -16.48
CA GLY B 114 20.83 -13.89 -16.60
C GLY B 114 21.67 -14.08 -17.86
N VAL B 115 21.97 -15.32 -18.22
CA VAL B 115 22.89 -15.56 -19.32
C VAL B 115 22.17 -15.62 -20.67
N TYR B 116 20.99 -16.25 -20.72
CA TYR B 116 20.27 -16.35 -21.99
C TYR B 116 19.80 -14.98 -22.47
N GLY B 117 19.42 -14.10 -21.55
CA GLY B 117 19.03 -12.75 -21.88
C GLY B 117 20.15 -11.75 -21.95
N ALA B 118 21.40 -12.19 -21.80
CA ALA B 118 22.52 -11.26 -21.76
C ALA B 118 22.73 -10.49 -23.05
N PRO B 119 22.77 -11.10 -24.24
CA PRO B 119 23.09 -10.31 -25.45
C PRO B 119 22.09 -9.20 -25.76
N ALA B 120 20.79 -9.44 -25.58
CA ALA B 120 19.82 -8.36 -25.76
C ALA B 120 20.02 -7.27 -24.71
N ARG B 121 20.25 -7.68 -23.47
CA ARG B 121 20.58 -6.74 -22.40
C ARG B 121 21.81 -5.90 -22.78
N MET B 122 22.78 -6.52 -23.45
CA MET B 122 23.99 -5.78 -23.80
C MET B 122 23.76 -4.81 -24.95
N ARG B 123 22.88 -5.16 -25.89
CA ARG B 123 22.51 -4.20 -26.93
C ARG B 123 21.80 -2.99 -26.35
N THR B 124 20.84 -3.24 -25.45
CA THR B 124 20.20 -2.14 -24.74
C THR B 124 21.24 -1.31 -23.98
N MET B 125 22.21 -1.98 -23.39
CA MET B 125 23.27 -1.28 -22.66
C MET B 125 24.06 -0.38 -23.60
N LEU B 126 24.39 -0.86 -24.79
CA LEU B 126 25.11 -0.02 -25.74
C LEU B 126 24.31 1.22 -26.10
N SER B 127 23.00 1.04 -26.30
CA SER B 127 22.14 2.18 -26.61
C SER B 127 22.14 3.22 -25.49
N TYR B 128 21.67 2.84 -24.30
CA TYR B 128 21.63 3.87 -23.28
C TYR B 128 23.02 4.32 -22.83
N MET B 129 24.07 3.56 -23.13
CA MET B 129 25.41 4.01 -22.79
C MET B 129 25.91 5.09 -23.75
N GLU B 130 25.57 5.01 -25.05
CA GLU B 130 25.90 6.14 -25.89
C GLU B 130 25.09 7.37 -25.50
N ASN B 131 23.84 7.15 -25.04
CA ASN B 131 23.08 8.27 -24.49
C ASN B 131 23.77 8.88 -23.26
N ILE B 132 24.28 8.03 -22.37
CA ILE B 132 25.00 8.50 -21.19
C ILE B 132 26.28 9.21 -21.57
N VAL B 133 26.96 8.76 -22.63
CA VAL B 133 28.15 9.46 -23.08
C VAL B 133 27.80 10.88 -23.52
N ALA B 134 26.69 11.02 -24.25
CA ALA B 134 26.23 12.36 -24.62
C ALA B 134 25.96 13.21 -23.38
N VAL B 135 25.26 12.63 -22.39
CA VAL B 135 24.92 13.38 -21.18
C VAL B 135 26.18 13.79 -20.43
N ASP B 136 27.16 12.89 -20.33
CA ASP B 136 28.38 13.18 -19.60
C ASP B 136 29.22 14.23 -20.31
N ARG B 137 29.22 14.22 -21.64
CA ARG B 137 29.88 15.29 -22.37
C ARG B 137 29.19 16.62 -22.10
N GLU B 138 27.85 16.61 -22.03
CA GLU B 138 27.11 17.83 -21.73
C GLU B 138 27.41 18.33 -20.32
N LEU B 139 27.28 17.45 -19.32
CA LEU B 139 27.52 17.86 -17.95
C LEU B 139 28.98 18.22 -17.73
N GLY B 140 29.89 17.36 -18.17
CA GLY B 140 31.31 17.62 -18.00
C GLY B 140 31.98 16.64 -17.06
N ARG B 141 32.78 15.73 -17.62
CA ARG B 141 33.56 14.76 -16.86
C ARG B 141 32.68 13.89 -15.98
N HIS B 142 33.29 13.25 -14.99
CA HIS B 142 32.56 12.38 -14.07
C HIS B 142 33.29 12.42 -12.72
N HIS B 143 33.00 11.45 -11.85
CA HIS B 143 33.61 11.40 -10.53
C HIS B 143 35.10 11.07 -10.65
N SER B 144 35.81 11.33 -9.56
CA SER B 144 37.26 11.16 -9.54
C SER B 144 37.63 9.68 -9.58
N ALA B 145 38.92 9.42 -9.84
CA ALA B 145 39.42 8.05 -9.89
C ALA B 145 39.39 7.37 -8.53
N ALA B 146 39.43 8.13 -7.44
CA ALA B 146 39.34 7.52 -6.12
C ALA B 146 37.98 6.84 -5.92
N THR B 147 36.91 7.47 -6.39
CA THR B 147 35.58 6.88 -6.24
C THR B 147 35.45 5.59 -7.03
N GLU B 148 35.94 5.57 -8.27
CA GLU B 148 35.85 4.34 -9.06
C GLU B 148 36.77 3.26 -8.51
N ARG B 149 37.92 3.64 -7.95
CA ARG B 149 38.79 2.65 -7.31
C ARG B 149 38.10 2.05 -6.09
N LYS B 150 37.42 2.88 -5.29
CA LYS B 150 36.67 2.36 -4.14
C LYS B 150 35.54 1.45 -4.59
N LEU B 151 34.83 1.82 -5.66
CA LEU B 151 33.74 0.99 -6.15
C LEU B 151 34.28 -0.35 -6.67
N CYS B 152 35.39 -0.33 -7.40
CA CYS B 152 36.00 -1.57 -7.85
C CYS B 152 36.44 -2.43 -6.67
N ALA B 153 36.99 -1.80 -5.63
CA ALA B 153 37.38 -2.54 -4.43
C ALA B 153 36.17 -3.18 -3.77
N LEU B 154 35.05 -2.46 -3.70
CA LEU B 154 33.84 -3.01 -3.09
C LEU B 154 33.29 -4.19 -3.89
N LEU B 155 33.23 -4.04 -5.22
CA LEU B 155 32.75 -5.12 -6.08
C LEU B 155 33.65 -6.34 -5.97
N LEU B 156 34.97 -6.13 -6.01
CA LEU B 156 35.90 -7.24 -5.87
C LEU B 156 35.79 -7.89 -4.50
N LEU B 157 35.56 -7.09 -3.46
CA LEU B 157 35.41 -7.65 -2.12
C LEU B 157 34.18 -8.54 -2.04
N ILE B 158 33.05 -8.07 -2.59
CA ILE B 158 31.83 -8.88 -2.58
C ILE B 158 32.05 -10.16 -3.38
N LEU B 159 32.65 -10.05 -4.57
CA LEU B 159 32.87 -11.21 -5.42
C LEU B 159 33.79 -12.23 -4.74
N LEU B 160 34.88 -11.75 -4.14
CA LEU B 160 35.83 -12.67 -3.49
C LEU B 160 35.25 -13.29 -2.23
N SER B 161 34.48 -12.53 -1.46
CA SER B 161 33.83 -13.10 -0.29
C SER B 161 32.85 -14.19 -0.70
N PHE B 162 32.05 -13.94 -1.75
CA PHE B 162 31.11 -14.94 -2.22
C PHE B 162 31.84 -16.17 -2.76
N THR B 163 32.93 -15.96 -3.50
CA THR B 163 33.70 -17.08 -4.03
C THR B 163 34.33 -17.89 -2.92
N ILE B 164 34.84 -17.23 -1.89
CA ILE B 164 35.42 -17.94 -0.75
C ILE B 164 34.35 -18.75 -0.04
N LEU B 165 33.16 -18.18 0.14
CA LEU B 165 32.07 -18.93 0.75
C LEU B 165 31.68 -20.13 -0.10
N LEU B 166 31.62 -19.96 -1.42
CA LEU B 166 31.28 -21.07 -2.30
C LEU B 166 32.31 -22.18 -2.21
N VAL B 167 33.60 -21.82 -2.25
CA VAL B 167 34.65 -22.81 -2.20
C VAL B 167 34.65 -23.53 -0.85
N ASP B 168 34.47 -22.78 0.24
CA ASP B 168 34.42 -23.38 1.56
C ASP B 168 33.25 -24.35 1.69
N ASP B 169 32.08 -23.95 1.20
CA ASP B 169 30.90 -24.81 1.31
C ASP B 169 31.06 -26.06 0.46
N PHE B 170 31.59 -25.90 -0.75
CA PHE B 170 31.84 -27.04 -1.63
C PHE B 170 32.83 -28.01 -1.00
N CYS B 171 33.93 -27.50 -0.46
CA CYS B 171 34.92 -28.36 0.17
C CYS B 171 34.35 -29.05 1.40
N PHE B 172 33.54 -28.33 2.19
CA PHE B 172 32.95 -28.93 3.38
C PHE B 172 32.04 -30.09 3.00
N TYR B 173 31.17 -29.90 2.00
CA TYR B 173 30.25 -30.96 1.63
C TYR B 173 30.96 -32.10 0.89
N ALA B 174 32.09 -31.81 0.24
CA ALA B 174 32.85 -32.87 -0.39
C ALA B 174 33.59 -33.71 0.66
N MET B 175 34.08 -33.06 1.71
CA MET B 175 34.78 -33.79 2.78
C MET B 175 33.80 -34.54 3.66
N GLN B 176 32.56 -34.06 3.79
CA GLN B 176 31.56 -34.78 4.57
C GLN B 176 31.23 -36.12 3.92
N ALA B 177 31.17 -36.17 2.59
CA ALA B 177 30.93 -37.42 1.89
C ALA B 177 32.18 -38.29 1.78
N GLY B 178 33.34 -37.78 2.19
CA GLY B 178 34.55 -38.59 2.20
C GLY B 178 34.50 -39.76 3.16
N LYS B 179 33.71 -39.64 4.23
CA LYS B 179 33.53 -40.76 5.14
C LYS B 179 32.84 -41.94 4.46
N THR B 180 31.78 -41.65 3.70
CA THR B 180 31.11 -42.69 2.93
C THR B 180 31.98 -43.17 1.77
N GLY B 181 32.87 -42.32 1.25
CA GLY B 181 33.70 -42.66 0.12
C GLY B 181 33.28 -42.00 -1.18
N ARG B 182 32.10 -41.38 -1.22
CA ARG B 182 31.61 -40.70 -2.42
C ARG B 182 32.01 -39.23 -2.44
N GLN B 183 33.32 -38.96 -2.28
CA GLN B 183 33.80 -37.59 -2.30
C GLN B 183 33.64 -36.97 -3.68
N TRP B 184 33.97 -37.72 -4.73
CA TRP B 184 33.87 -37.20 -6.09
C TRP B 184 32.42 -37.13 -6.57
N GLU B 185 31.52 -37.88 -5.96
CA GLU B 185 30.11 -37.80 -6.32
C GLU B 185 29.54 -36.43 -5.99
N ILE B 186 29.89 -35.89 -4.81
CA ILE B 186 29.45 -34.55 -4.43
C ILE B 186 30.00 -33.51 -5.40
N VAL B 187 31.26 -33.66 -5.80
CA VAL B 187 31.85 -32.76 -6.78
C VAL B 187 31.07 -32.81 -8.08
N THR B 188 30.82 -34.02 -8.59
CA THR B 188 30.11 -34.17 -9.85
C THR B 188 28.69 -33.61 -9.77
N ASN B 189 28.06 -33.71 -8.61
CA ASN B 189 26.67 -33.31 -8.47
C ASN B 189 26.49 -31.85 -8.10
N TYR B 190 27.55 -31.14 -7.67
CA TYR B 190 27.40 -29.76 -7.24
C TYR B 190 28.34 -28.76 -7.89
N ALA B 191 29.24 -29.20 -8.77
CA ALA B 191 30.12 -28.25 -9.45
C ALA B 191 29.32 -27.23 -10.25
N GLY B 192 28.38 -27.70 -11.07
CA GLY B 192 27.54 -26.79 -11.83
C GLY B 192 26.69 -25.89 -10.96
N PHE B 193 26.21 -26.43 -9.83
CA PHE B 193 25.44 -25.61 -8.89
C PHE B 193 26.26 -24.44 -8.37
N TYR B 194 27.51 -24.69 -7.98
CA TYR B 194 28.33 -23.59 -7.46
C TYR B 194 28.75 -22.63 -8.56
N PHE B 195 28.98 -23.14 -9.78
CA PHE B 195 29.24 -22.24 -10.91
C PHE B 195 28.05 -21.32 -11.16
N LEU B 196 26.83 -21.85 -11.08
CA LEU B 196 25.64 -21.03 -11.27
C LEU B 196 25.47 -20.02 -10.14
N TRP B 197 25.86 -20.39 -8.91
CA TRP B 197 25.91 -19.40 -7.83
C TRP B 197 26.82 -18.24 -8.18
N TYR B 198 28.02 -18.56 -8.67
CA TYR B 198 28.96 -17.50 -9.05
C TYR B 198 28.35 -16.60 -10.13
N ILE B 199 27.69 -17.22 -11.12
CA ILE B 199 27.08 -16.46 -12.20
C ILE B 199 25.99 -15.53 -11.66
N VAL B 200 25.17 -16.03 -10.73
CA VAL B 200 24.10 -15.21 -10.17
C VAL B 200 24.67 -14.01 -9.42
N MET B 201 25.73 -14.24 -8.65
CA MET B 201 26.35 -13.12 -7.94
C MET B 201 26.91 -12.08 -8.91
N VAL B 202 27.57 -12.55 -9.97
CA VAL B 202 28.13 -11.61 -10.95
C VAL B 202 27.02 -10.81 -11.62
N LEU B 203 25.88 -11.45 -11.92
CA LEU B 203 24.76 -10.74 -12.52
C LEU B 203 24.21 -9.67 -11.58
N GLU B 204 24.07 -10.00 -10.29
CA GLU B 204 23.62 -9.02 -9.31
C GLU B 204 24.56 -7.83 -9.25
N LEU B 205 25.87 -8.10 -9.21
CA LEU B 205 26.85 -7.02 -9.13
C LEU B 205 26.82 -6.16 -10.38
N GLN B 206 26.63 -6.79 -11.55
CA GLN B 206 26.56 -6.03 -12.81
C GLN B 206 25.38 -5.06 -12.79
N PHE B 207 24.20 -5.56 -12.39
CA PHE B 207 23.06 -4.64 -12.29
C PHE B 207 23.33 -3.54 -11.30
N ALA B 208 23.89 -3.88 -10.13
CA ALA B 208 24.11 -2.90 -9.09
C ALA B 208 25.03 -1.79 -9.57
N PHE B 209 26.09 -2.14 -10.29
CA PHE B 209 27.03 -1.11 -10.73
C PHE B 209 26.51 -0.31 -11.90
N THR B 210 25.69 -0.92 -12.77
CA THR B 210 25.00 -0.13 -13.79
C THR B 210 24.11 0.94 -13.14
N ALA B 211 23.30 0.51 -12.16
CA ALA B 211 22.45 1.45 -11.46
C ALA B 211 23.25 2.51 -10.70
N LEU B 212 24.41 2.12 -10.15
CA LEU B 212 25.23 3.07 -9.42
C LEU B 212 25.84 4.12 -10.33
N SER B 213 26.30 3.72 -11.51
CA SER B 213 26.80 4.70 -12.49
C SER B 213 25.70 5.65 -12.92
N LEU B 214 24.50 5.13 -13.13
CA LEU B 214 23.38 6.00 -13.47
C LEU B 214 23.09 6.98 -12.33
N ARG B 215 23.13 6.52 -11.08
CA ARG B 215 22.88 7.40 -9.96
C ARG B 215 23.97 8.46 -9.83
N ALA B 216 25.21 8.11 -10.20
CA ALA B 216 26.27 9.11 -10.24
C ALA B 216 25.96 10.20 -11.27
N ARG B 217 25.47 9.81 -12.44
CA ARG B 217 25.08 10.79 -13.44
C ARG B 217 23.95 11.69 -12.92
N LEU B 218 22.98 11.09 -12.23
CA LEU B 218 21.88 11.87 -11.67
C LEU B 218 22.38 12.85 -10.60
N LYS B 219 23.37 12.42 -9.81
CA LYS B 219 23.96 13.32 -8.81
C LYS B 219 24.68 14.49 -9.48
N LEU B 220 25.39 14.22 -10.57
CA LEU B 220 25.99 15.32 -11.35
C LEU B 220 24.93 16.27 -11.86
N PHE B 221 23.80 15.74 -12.34
CA PHE B 221 22.69 16.58 -12.80
C PHE B 221 22.17 17.47 -11.68
N ASN B 222 22.01 16.90 -10.48
CA ASN B 222 21.54 17.67 -9.33
C ASN B 222 22.52 18.77 -8.97
N GLU B 223 23.83 18.46 -9.02
CA GLU B 223 24.84 19.48 -8.74
C GLU B 223 24.77 20.61 -9.76
N ALA B 224 24.57 20.28 -11.04
CA ALA B 224 24.46 21.31 -12.07
C ALA B 224 23.24 22.20 -11.83
N LEU B 225 22.11 21.59 -11.47
CA LEU B 225 20.91 22.36 -11.17
C LEU B 225 21.12 23.28 -9.97
N ASN B 226 21.79 22.78 -8.93
CA ASN B 226 22.10 23.61 -7.78
C ASN B 226 23.03 24.76 -8.13
N VAL B 227 24.00 24.52 -9.01
CA VAL B 227 24.90 25.58 -9.44
C VAL B 227 24.13 26.63 -10.24
N THR B 228 23.17 26.18 -11.06
CA THR B 228 22.26 27.13 -11.69
C THR B 228 21.53 27.98 -10.65
N ALA B 229 21.12 27.35 -9.55
CA ALA B 229 20.50 28.10 -8.45
C ALA B 229 21.44 29.17 -7.93
N SER B 230 22.69 28.79 -7.64
CA SER B 230 23.64 29.74 -7.06
C SER B 230 23.93 30.89 -8.02
N GLN B 231 24.09 30.58 -9.31
CA GLN B 231 24.37 31.58 -10.35
C GLN B 231 25.62 32.38 -10.03
N VAL B 232 26.73 31.65 -9.84
CA VAL B 232 28.01 32.30 -9.61
C VAL B 232 28.43 33.11 -10.83
N CYS B 233 28.28 32.52 -12.02
CA CYS B 233 28.64 33.18 -13.28
C CYS B 233 30.09 33.65 -13.31
N ALA B 274 28.02 20.09 -24.16
CA ALA B 274 28.98 21.07 -24.64
C ALA B 274 29.53 21.92 -23.48
N PHE B 275 29.97 21.23 -22.43
CA PHE B 275 30.57 21.86 -21.26
C PHE B 275 29.62 22.88 -20.63
N VAL B 276 28.46 22.39 -20.21
CA VAL B 276 27.49 23.25 -19.55
C VAL B 276 28.01 23.71 -18.19
N MET B 277 28.73 22.84 -17.50
CA MET B 277 29.26 23.11 -16.16
C MET B 277 30.73 23.50 -16.22
N MET B 278 31.15 24.27 -15.22
CA MET B 278 32.54 24.67 -15.05
C MET B 278 32.95 24.41 -13.61
N LYS B 279 34.17 23.91 -13.44
CA LYS B 279 34.69 23.63 -12.10
C LYS B 279 36.20 23.79 -12.06
N PRO B 285 30.53 25.05 -7.75
CA PRO B 285 31.17 25.17 -9.07
C PRO B 285 30.77 26.44 -9.80
N CYS B 286 30.82 26.41 -11.13
CA CYS B 286 30.52 27.58 -11.95
C CYS B 286 29.64 27.15 -13.11
N LEU B 287 28.90 28.13 -13.64
CA LEU B 287 28.00 27.92 -14.77
C LEU B 287 28.48 28.76 -15.95
N GLN B 288 28.67 28.11 -17.10
CA GLN B 288 29.21 28.78 -18.28
C GLN B 288 28.12 29.30 -19.21
N VAL B 289 26.85 29.11 -18.87
CA VAL B 289 25.75 29.57 -19.70
C VAL B 289 24.75 30.30 -18.81
N PRO B 290 23.92 31.16 -19.40
CA PRO B 290 22.88 31.81 -18.60
C PRO B 290 21.96 30.78 -17.98
N PRO B 291 21.42 31.06 -16.80
CA PRO B 291 20.61 30.05 -16.10
C PRO B 291 19.41 29.58 -16.89
N CYS B 292 18.84 30.43 -17.74
CA CYS B 292 17.68 30.04 -18.53
C CYS B 292 18.04 28.94 -19.52
N GLU B 293 19.17 29.09 -20.22
CA GLU B 293 19.65 28.05 -21.12
C GLU B 293 20.02 26.79 -20.36
N ALA B 294 20.68 26.96 -19.21
CA ALA B 294 21.12 25.81 -18.42
C ALA B 294 19.92 24.99 -17.95
N VAL B 295 18.83 25.65 -17.55
CA VAL B 295 17.67 24.92 -17.06
C VAL B 295 17.03 24.09 -18.17
N GLY B 296 16.94 24.63 -19.38
CA GLY B 296 16.40 23.86 -20.49
C GLY B 296 17.29 22.69 -20.86
N ARG B 297 18.60 22.92 -20.91
CA ARG B 297 19.53 21.83 -21.19
C ARG B 297 19.43 20.74 -20.12
N LEU B 298 19.28 21.15 -18.86
CA LEU B 298 19.16 20.18 -17.78
C LEU B 298 17.83 19.44 -17.82
N SER B 299 16.76 20.10 -18.28
CA SER B 299 15.49 19.40 -18.48
C SER B 299 15.63 18.32 -19.54
N ARG B 300 16.29 18.64 -20.64
CA ARG B 300 16.55 17.63 -21.67
C ARG B 300 17.42 16.50 -21.11
N MET B 301 18.45 16.84 -20.32
CA MET B 301 19.30 15.82 -19.73
C MET B 301 18.54 14.92 -18.78
N ARG B 302 17.59 15.49 -18.03
CA ARG B 302 16.81 14.67 -17.10
C ARG B 302 15.86 13.75 -17.86
N CYS B 303 15.31 14.20 -18.99
CA CYS B 303 14.54 13.30 -19.83
C CYS B 303 15.41 12.14 -20.34
N THR B 304 16.64 12.46 -20.76
CA THR B 304 17.56 11.41 -21.19
C THR B 304 17.86 10.43 -20.07
N LEU B 305 18.07 10.94 -18.85
CA LEU B 305 18.38 10.09 -17.72
C LEU B 305 17.19 9.20 -17.36
N CYS B 306 15.97 9.74 -17.46
CA CYS B 306 14.78 8.91 -17.26
C CYS B 306 14.69 7.80 -18.29
N GLU B 307 14.98 8.13 -19.56
CA GLU B 307 14.97 7.10 -20.60
C GLU B 307 15.99 6.01 -20.30
N VAL B 308 17.19 6.40 -19.87
CA VAL B 308 18.24 5.42 -19.56
C VAL B 308 17.83 4.55 -18.38
N THR B 309 17.22 5.15 -17.36
CA THR B 309 16.76 4.37 -16.21
C THR B 309 15.70 3.36 -16.63
N ARG B 310 14.77 3.78 -17.49
CA ARG B 310 13.76 2.86 -17.98
C ARG B 310 14.37 1.73 -18.79
N HIS B 311 15.39 2.05 -19.59
CA HIS B 311 16.08 1.00 -20.35
C HIS B 311 16.76 0.00 -19.43
N ILE B 312 17.41 0.48 -18.36
CA ILE B 312 18.05 -0.42 -17.41
C ILE B 312 17.02 -1.30 -16.72
N ALA B 313 15.90 -0.71 -16.31
CA ALA B 313 14.84 -1.47 -15.66
C ALA B 313 14.27 -2.53 -16.60
N ASP B 314 14.05 -2.17 -17.86
CA ASP B 314 13.55 -3.14 -18.83
C ASP B 314 14.56 -4.27 -19.04
N GLY B 315 15.84 -3.93 -19.12
CA GLY B 315 16.85 -4.96 -19.34
C GLY B 315 17.00 -5.91 -18.18
N TYR B 316 16.85 -5.42 -16.95
CA TYR B 316 17.11 -6.24 -15.77
C TYR B 316 15.86 -6.66 -15.02
N GLY B 317 14.66 -6.37 -15.55
CA GLY B 317 13.46 -6.65 -14.78
C GLY B 317 13.26 -8.12 -14.46
N LEU B 318 13.39 -8.98 -15.47
CA LEU B 318 13.25 -10.42 -15.21
C LEU B 318 14.35 -10.95 -14.30
N PRO B 319 15.64 -10.66 -14.54
CA PRO B 319 16.65 -11.09 -13.55
C PRO B 319 16.39 -10.55 -12.16
N LEU B 320 15.92 -9.30 -12.04
CA LEU B 320 15.69 -8.73 -10.72
C LEU B 320 14.54 -9.43 -10.00
N VAL B 321 13.47 -9.74 -10.72
CA VAL B 321 12.33 -10.44 -10.12
C VAL B 321 12.73 -11.84 -9.69
N ILE B 322 13.47 -12.56 -10.55
CA ILE B 322 13.91 -13.90 -10.18
C ILE B 322 14.86 -13.84 -8.99
N ILE B 323 15.73 -12.83 -8.95
CA ILE B 323 16.66 -12.67 -7.82
C ILE B 323 15.89 -12.42 -6.53
N LEU B 324 14.85 -11.57 -6.59
CA LEU B 324 14.07 -11.30 -5.39
C LEU B 324 13.33 -12.54 -4.91
N MET B 325 12.77 -13.31 -5.85
CA MET B 325 12.10 -14.56 -5.47
C MET B 325 13.08 -15.54 -4.84
N SER B 326 14.26 -15.68 -5.44
CA SER B 326 15.27 -16.58 -4.88
C SER B 326 15.72 -16.11 -3.51
N THR B 327 15.86 -14.80 -3.33
CA THR B 327 16.25 -14.27 -2.03
C THR B 327 15.20 -14.55 -0.98
N LEU B 328 13.91 -14.40 -1.33
CA LEU B 328 12.84 -14.73 -0.40
C LEU B 328 12.89 -16.21 -0.02
N LEU B 329 13.02 -17.08 -1.03
CA LEU B 329 13.06 -18.52 -0.78
C LEU B 329 14.24 -18.88 0.12
N HIS B 330 15.42 -18.31 -0.14
CA HIS B 330 16.60 -18.65 0.63
C HIS B 330 16.54 -18.07 2.04
N LEU B 331 16.06 -16.85 2.19
CA LEU B 331 15.89 -16.27 3.51
C LEU B 331 14.80 -16.98 4.31
N ILE B 332 13.95 -17.77 3.64
CA ILE B 332 13.05 -18.63 4.38
C ILE B 332 13.75 -19.94 4.77
N VAL B 333 14.41 -20.60 3.81
CA VAL B 333 14.86 -21.97 4.06
C VAL B 333 16.14 -22.02 4.89
N THR B 334 17.10 -21.14 4.61
CA THR B 334 18.38 -21.20 5.33
C THR B 334 18.23 -20.95 6.83
N PRO B 335 17.55 -19.89 7.29
CA PRO B 335 17.34 -19.75 8.73
C PRO B 335 16.53 -20.89 9.34
N TYR B 336 15.59 -21.47 8.59
CA TYR B 336 14.80 -22.56 9.12
C TYR B 336 15.68 -23.74 9.52
N PHE B 337 16.53 -24.20 8.61
CA PHE B 337 17.38 -25.35 8.92
C PHE B 337 18.53 -24.97 9.83
N LEU B 338 18.95 -23.70 9.81
CA LEU B 338 19.94 -23.24 10.79
C LEU B 338 19.37 -23.34 12.21
N ILE B 339 18.11 -22.96 12.39
CA ILE B 339 17.47 -23.09 13.70
C ILE B 339 17.23 -24.55 14.04
N MET B 340 16.82 -25.35 13.05
CA MET B 340 16.56 -26.76 13.29
C MET B 340 17.81 -27.48 13.76
N GLU B 341 18.96 -27.15 13.17
CA GLU B 341 20.21 -27.75 13.62
C GLU B 341 20.57 -27.32 15.03
N ILE B 342 20.14 -26.13 15.44
CA ILE B 342 20.52 -25.61 16.75
C ILE B 342 19.68 -26.24 17.85
N ILE B 343 18.37 -26.28 17.68
CA ILE B 343 17.49 -26.72 18.76
C ILE B 343 17.65 -28.21 19.02
N VAL B 344 17.85 -29.01 17.97
CA VAL B 344 17.87 -30.46 18.10
C VAL B 344 19.22 -30.91 18.67
N SER B 345 20.29 -30.69 17.91
CA SER B 345 21.63 -31.05 18.32
C SER B 345 22.64 -30.43 17.36
N THR B 346 23.64 -29.73 17.88
CA THR B 346 24.55 -29.01 16.99
C THR B 346 25.55 -29.97 16.33
N HIS B 347 26.47 -30.51 17.14
CA HIS B 347 27.42 -31.54 16.70
C HIS B 347 28.22 -31.12 15.46
N ARG B 348 28.07 -29.87 15.02
CA ARG B 348 28.67 -29.42 13.76
C ARG B 348 28.80 -27.90 13.84
N LEU B 349 30.01 -27.43 14.15
CA LEU B 349 30.25 -25.99 14.17
C LEU B 349 30.37 -25.43 12.76
N HIS B 350 31.02 -26.19 11.86
CA HIS B 350 31.21 -25.72 10.49
C HIS B 350 29.88 -25.52 9.77
N PHE B 351 28.94 -26.44 9.98
CA PHE B 351 27.63 -26.32 9.33
C PHE B 351 26.90 -25.07 9.81
N LEU B 352 26.91 -24.80 11.11
CA LEU B 352 26.24 -23.61 11.62
C LEU B 352 26.92 -22.33 11.14
N VAL B 353 28.26 -22.34 11.09
CA VAL B 353 28.98 -21.18 10.57
C VAL B 353 28.59 -20.92 9.12
N LEU B 354 28.55 -21.98 8.31
CA LEU B 354 28.17 -21.83 6.91
C LEU B 354 26.73 -21.36 6.76
N GLN B 355 25.83 -21.83 7.63
CA GLN B 355 24.43 -21.42 7.54
C GLN B 355 24.28 -19.94 7.90
N PHE B 356 24.97 -19.49 8.94
CA PHE B 356 24.95 -18.06 9.27
C PHE B 356 25.53 -17.23 8.14
N LEU B 357 26.64 -17.70 7.56
CA LEU B 357 27.27 -16.97 6.46
C LEU B 357 26.35 -16.91 5.24
N TRP B 358 25.58 -17.97 5.01
CA TRP B 358 24.64 -17.97 3.88
C TRP B 358 23.46 -17.06 4.15
N CYS B 359 22.99 -16.99 5.40
CA CYS B 359 21.94 -16.03 5.74
C CYS B 359 22.41 -14.60 5.48
N THR B 360 23.62 -14.28 5.94
CA THR B 360 24.18 -12.96 5.67
C THR B 360 24.39 -12.74 4.17
N THR B 361 24.76 -13.79 3.44
CA THR B 361 24.94 -13.67 1.99
C THR B 361 23.64 -13.33 1.30
N HIS B 362 22.54 -13.99 1.66
CA HIS B 362 21.25 -13.69 1.05
C HIS B 362 20.79 -12.27 1.41
N LEU B 363 21.03 -11.86 2.66
CA LEU B 363 20.71 -10.48 3.03
C LEU B 363 21.53 -9.49 2.21
N ILE B 364 22.81 -9.78 1.99
CA ILE B 364 23.66 -8.90 1.20
C ILE B 364 23.22 -8.89 -0.27
N ARG B 365 22.74 -10.02 -0.77
CA ARG B 365 22.19 -10.06 -2.13
C ARG B 365 21.00 -9.11 -2.25
N MET B 366 20.06 -9.22 -1.32
CA MET B 366 18.92 -8.31 -1.32
C MET B 366 19.37 -6.86 -1.21
N LEU B 367 20.38 -6.60 -0.38
CA LEU B 367 20.87 -5.23 -0.18
C LEU B 367 21.49 -4.68 -1.46
N VAL B 368 22.35 -5.46 -2.12
CA VAL B 368 22.98 -4.97 -3.33
C VAL B 368 21.99 -4.83 -4.46
N VAL B 369 20.86 -5.55 -4.39
CA VAL B 369 19.80 -5.31 -5.37
C VAL B 369 19.05 -4.02 -5.08
N VAL B 370 18.67 -3.78 -3.82
CA VAL B 370 17.73 -2.70 -3.52
C VAL B 370 18.38 -1.39 -3.11
N GLU B 371 19.70 -1.35 -2.90
CA GLU B 371 20.34 -0.14 -2.42
C GLU B 371 20.59 0.88 -3.53
N PRO B 372 21.15 0.50 -4.69
CA PRO B 372 21.32 1.50 -5.76
C PRO B 372 20.00 2.10 -6.22
N CYS B 373 18.92 1.33 -6.22
CA CYS B 373 17.60 1.89 -6.56
C CYS B 373 17.16 2.91 -5.52
N HIS B 374 17.40 2.62 -4.24
CA HIS B 374 17.07 3.58 -3.19
C HIS B 374 17.89 4.86 -3.35
N TYR B 375 19.17 4.73 -3.68
CA TYR B 375 20.00 5.92 -3.89
C TYR B 375 19.51 6.73 -5.10
N THR B 376 19.08 6.04 -6.15
CA THR B 376 18.52 6.73 -7.32
C THR B 376 17.25 7.49 -6.95
N ILE B 377 16.38 6.87 -6.16
CA ILE B 377 15.14 7.55 -5.75
C ILE B 377 15.46 8.73 -4.82
N ARG B 378 16.48 8.59 -3.98
CA ARG B 378 16.88 9.69 -3.13
C ARG B 378 17.39 10.87 -3.95
N GLU B 379 18.15 10.59 -5.01
CA GLU B 379 18.58 11.67 -5.91
C GLU B 379 17.37 12.31 -6.61
N GLY B 380 16.40 11.48 -7.01
CA GLY B 380 15.19 12.00 -7.63
C GLY B 380 14.33 12.84 -6.71
N LYS B 381 14.48 12.67 -5.39
CA LYS B 381 13.82 13.57 -4.45
C LYS B 381 14.64 14.83 -4.19
N ARG B 382 15.97 14.69 -4.17
CA ARG B 382 16.84 15.84 -4.01
C ARG B 382 16.64 16.83 -5.16
N THR B 383 16.39 16.33 -6.36
CA THR B 383 16.15 17.23 -7.49
C THR B 383 14.87 18.04 -7.29
N GLU B 384 13.84 17.44 -6.67
CA GLU B 384 12.62 18.18 -6.38
C GLU B 384 12.86 19.27 -5.33
N ASP B 385 13.63 18.94 -4.30
CA ASP B 385 13.97 19.97 -3.31
C ASP B 385 14.73 21.13 -3.95
N ILE B 386 15.71 20.81 -4.79
CA ILE B 386 16.49 21.83 -5.46
C ILE B 386 15.59 22.69 -6.34
N LEU B 387 14.66 22.06 -7.07
CA LEU B 387 13.76 22.81 -7.93
C LEU B 387 12.84 23.74 -7.15
N CYS B 388 12.35 23.30 -5.99
CA CYS B 388 11.53 24.18 -5.16
C CYS B 388 12.32 25.41 -4.74
N ARG B 389 13.55 25.20 -4.27
CA ARG B 389 14.38 26.35 -3.90
C ARG B 389 14.69 27.23 -5.11
N LEU B 390 14.84 26.64 -6.30
CA LEU B 390 14.95 27.41 -7.54
C LEU B 390 13.73 28.30 -7.75
N MET B 391 12.54 27.73 -7.58
CA MET B 391 11.32 28.49 -7.82
C MET B 391 11.21 29.67 -6.87
N THR B 392 11.54 29.47 -5.60
CA THR B 392 11.41 30.57 -4.65
C THR B 392 12.34 31.73 -4.98
N LEU B 393 13.44 31.46 -5.67
CA LEU B 393 14.35 32.51 -6.12
C LEU B 393 13.95 32.93 -7.53
N ALA B 394 14.83 33.70 -8.19
CA ALA B 394 14.67 34.19 -9.56
C ALA B 394 13.55 35.21 -9.65
N PRO B 395 13.63 36.15 -10.59
CA PRO B 395 12.53 37.10 -10.79
C PRO B 395 11.22 36.37 -11.08
N HIS B 396 10.13 36.94 -10.58
CA HIS B 396 8.85 36.22 -10.54
C HIS B 396 8.32 35.93 -11.93
N GLY B 397 8.25 36.95 -12.79
CA GLY B 397 7.67 36.76 -14.10
C GLY B 397 8.68 36.60 -15.21
N GLY B 398 9.91 36.27 -14.84
CA GLY B 398 10.97 36.15 -15.81
C GLY B 398 10.89 34.87 -16.63
N VAL B 399 11.77 34.80 -17.64
CA VAL B 399 11.81 33.63 -18.51
C VAL B 399 12.43 32.44 -17.78
N LEU B 400 13.26 32.68 -16.77
CA LEU B 400 13.79 31.57 -15.97
C LEU B 400 12.69 30.86 -15.20
N SER B 401 11.70 31.61 -14.72
CA SER B 401 10.60 31.02 -13.96
C SER B 401 9.80 30.06 -14.81
N SER B 402 9.58 30.39 -16.09
CA SER B 402 8.83 29.50 -16.96
C SER B 402 9.62 28.24 -17.30
N ARG B 403 10.93 28.36 -17.46
CA ARG B 403 11.78 27.17 -17.62
C ARG B 403 11.71 26.28 -16.39
N LEU B 404 11.74 26.88 -15.20
CA LEU B 404 11.59 26.10 -13.98
C LEU B 404 10.22 25.47 -13.89
N GLU B 405 9.18 26.13 -14.42
CA GLU B 405 7.84 25.54 -14.45
C GLU B 405 7.80 24.32 -15.37
N VAL B 406 8.46 24.41 -16.53
CA VAL B 406 8.56 23.25 -17.41
C VAL B 406 9.28 22.10 -16.71
N LEU B 407 10.37 22.43 -16.00
CA LEU B 407 11.09 21.41 -15.24
C LEU B 407 10.20 20.80 -14.16
N SER B 408 9.36 21.62 -13.54
CA SER B 408 8.42 21.11 -12.53
C SER B 408 7.43 20.14 -13.14
N ARG B 409 6.91 20.47 -14.31
CA ARG B 409 6.01 19.55 -15.00
C ARG B 409 6.72 18.24 -15.33
N LEU B 410 7.98 18.33 -15.76
CA LEU B 410 8.78 17.13 -16.00
C LEU B 410 8.92 16.30 -14.73
N LEU B 411 9.20 16.94 -13.60
CA LEU B 411 9.38 16.21 -12.35
C LEU B 411 8.09 15.57 -11.88
N MET B 412 6.97 16.27 -12.06
CA MET B 412 5.67 15.72 -11.64
C MET B 412 5.24 14.56 -12.53
N LEU B 413 5.51 14.66 -13.84
CA LEU B 413 5.03 13.65 -14.77
C LEU B 413 5.81 12.36 -14.68
N GLN B 414 7.14 12.44 -14.58
CA GLN B 414 7.98 11.25 -14.56
C GLN B 414 8.95 11.32 -13.40
N ASN B 415 9.23 10.16 -12.82
CA ASN B 415 10.19 10.02 -11.73
C ASN B 415 11.16 8.90 -12.03
N ILE B 416 12.40 9.08 -11.61
CA ILE B 416 13.47 8.12 -11.88
C ILE B 416 13.44 7.07 -10.78
N SER B 417 12.90 5.89 -11.09
CA SER B 417 12.81 4.80 -10.14
C SER B 417 12.98 3.49 -10.88
N TYR B 418 12.87 2.38 -10.15
CA TYR B 418 13.01 1.04 -10.70
C TYR B 418 11.80 0.21 -10.30
N SER B 419 11.08 -0.31 -11.30
CA SER B 419 9.95 -1.19 -11.08
C SER B 419 10.12 -2.41 -11.98
N PRO B 420 10.81 -3.44 -11.49
CA PRO B 420 11.11 -4.61 -12.35
C PRO B 420 9.85 -5.35 -12.73
N LEU B 421 9.60 -5.41 -14.03
CA LEU B 421 8.46 -6.12 -14.64
C LEU B 421 7.11 -5.53 -14.24
N GLY B 422 7.10 -4.41 -13.51
CA GLY B 422 5.87 -3.88 -12.97
C GLY B 422 5.37 -4.59 -11.74
N MET B 423 6.10 -5.60 -11.25
CA MET B 423 5.64 -6.38 -10.10
C MET B 423 5.65 -5.55 -8.83
N CYS B 424 6.68 -4.73 -8.64
CA CYS B 424 6.90 -4.00 -7.40
C CYS B 424 7.84 -2.84 -7.67
N THR B 425 8.23 -2.15 -6.61
CA THR B 425 9.19 -1.06 -6.68
C THR B 425 10.41 -1.43 -5.86
N LEU B 426 11.59 -1.34 -6.46
CA LEU B 426 12.85 -1.65 -5.78
C LEU B 426 13.25 -0.47 -4.91
N ASP B 427 13.10 -0.62 -3.60
CA ASP B 427 13.45 0.43 -2.65
C ASP B 427 13.46 -0.21 -1.26
N ARG B 428 13.71 0.60 -0.25
CA ARG B 428 13.74 0.11 1.12
C ARG B 428 12.42 -0.50 1.60
N PRO B 429 11.24 0.07 1.31
CA PRO B 429 10.00 -0.59 1.76
C PRO B 429 9.81 -2.00 1.24
N LEU B 430 10.29 -2.28 0.02
CA LEU B 430 10.22 -3.64 -0.50
C LEU B 430 11.03 -4.59 0.35
N MET B 431 12.20 -4.15 0.81
CA MET B 431 13.03 -4.98 1.69
C MET B 431 12.33 -5.23 3.02
N VAL B 432 11.59 -4.22 3.51
CA VAL B 432 10.83 -4.40 4.75
C VAL B 432 9.70 -5.39 4.54
N THR B 433 9.01 -5.31 3.40
CA THR B 433 7.92 -6.24 3.12
C THR B 433 8.43 -7.67 2.99
N VAL B 434 9.58 -7.85 2.33
CA VAL B 434 10.15 -9.18 2.17
C VAL B 434 10.57 -9.75 3.51
N LEU B 435 11.22 -8.94 4.33
CA LEU B 435 11.66 -9.40 5.65
C LEU B 435 10.47 -9.65 6.57
N GLY B 436 9.40 -8.88 6.42
CA GLY B 436 8.20 -9.15 7.20
C GLY B 436 7.53 -10.45 6.81
N ALA B 437 7.55 -10.79 5.52
CA ALA B 437 6.99 -12.05 5.06
C ALA B 437 7.85 -13.22 5.49
N VAL B 438 9.18 -13.04 5.45
CA VAL B 438 10.09 -14.12 5.85
C VAL B 438 9.89 -14.47 7.32
N THR B 439 9.78 -13.45 8.17
CA THR B 439 9.57 -13.69 9.60
C THR B 439 8.21 -14.35 9.85
N THR B 440 7.19 -13.94 9.10
CA THR B 440 5.87 -14.55 9.24
C THR B 440 5.91 -16.04 8.89
N TYR B 441 6.57 -16.37 7.77
CA TYR B 441 6.72 -17.78 7.39
C TYR B 441 7.57 -18.53 8.40
N LEU B 442 8.64 -17.92 8.88
CA LEU B 442 9.54 -18.61 9.81
C LEU B 442 8.86 -18.89 11.14
N VAL B 443 8.14 -17.91 11.69
CA VAL B 443 7.46 -18.10 12.97
C VAL B 443 6.41 -19.19 12.85
N ILE B 444 5.67 -19.21 11.75
CA ILE B 444 4.68 -20.26 11.53
C ILE B 444 5.36 -21.63 11.42
N LEU B 445 6.45 -21.70 10.65
CA LEU B 445 7.08 -22.99 10.38
C LEU B 445 7.84 -23.51 11.59
N ILE B 446 8.58 -22.64 12.28
CA ILE B 446 9.44 -23.09 13.38
C ILE B 446 8.59 -23.62 14.53
N GLN B 447 7.51 -22.92 14.87
CA GLN B 447 6.69 -23.31 16.00
C GLN B 447 5.95 -24.62 15.77
N PHE B 448 5.77 -25.03 14.51
CA PHE B 448 5.18 -26.33 14.24
C PHE B 448 6.08 -27.46 14.72
N GLN B 449 7.39 -27.31 14.56
CA GLN B 449 8.35 -28.31 15.01
C GLN B 449 8.55 -28.21 16.53
N THR C 18 26.33 34.42 18.25
CA THR C 18 25.01 33.81 18.23
C THR C 18 25.02 32.49 17.46
N PRO C 19 25.57 31.44 18.06
CA PRO C 19 25.71 30.16 17.34
C PRO C 19 24.38 29.53 16.96
N CYS C 20 23.55 29.20 17.95
CA CYS C 20 22.31 28.50 17.65
C CYS C 20 21.07 29.12 18.28
N LEU C 21 21.17 29.56 19.54
CA LEU C 21 20.07 30.20 20.26
C LEU C 21 18.80 29.35 20.23
N VAL C 22 18.89 28.20 20.90
CA VAL C 22 17.75 27.32 21.09
C VAL C 22 17.03 27.74 22.37
N GLY C 23 15.74 27.41 22.45
CA GLY C 23 14.96 27.73 23.63
C GLY C 23 13.66 26.96 23.65
N GLY C 24 12.92 27.13 24.73
CA GLY C 24 11.62 26.50 24.87
C GLY C 24 11.69 25.12 25.47
N ALA C 25 10.63 24.35 25.21
CA ALA C 25 10.58 22.97 25.68
C ALA C 25 11.54 22.07 24.90
N HIS C 26 11.89 22.45 23.67
CA HIS C 26 12.89 21.71 22.91
C HIS C 26 14.26 21.81 23.57
N ALA C 27 14.58 22.97 24.15
CA ALA C 27 15.85 23.14 24.85
C ALA C 27 15.88 22.50 26.21
N PHE C 28 14.72 22.12 26.76
CA PHE C 28 14.70 21.45 28.06
C PHE C 28 15.20 20.02 27.94
N ILE C 29 14.73 19.28 26.92
CA ILE C 29 15.19 17.92 26.71
C ILE C 29 16.65 17.88 26.28
N LEU C 30 17.17 18.98 25.72
CA LEU C 30 18.59 19.01 25.34
C LEU C 30 19.49 18.95 26.56
N LYS C 31 19.12 19.67 27.63
CA LYS C 31 19.88 19.57 28.87
C LYS C 31 19.74 18.18 29.49
N ILE C 32 18.53 17.62 29.46
CA ILE C 32 18.30 16.28 29.99
C ILE C 32 19.09 15.27 29.18
N SER C 33 19.04 15.38 27.85
CA SER C 33 19.79 14.47 26.98
C SER C 33 21.30 14.70 27.08
N SER C 34 21.72 15.86 27.57
CA SER C 34 23.15 16.16 27.66
C SER C 34 23.85 15.21 28.63
N PHE C 35 23.19 14.87 29.73
CA PHE C 35 23.75 13.96 30.72
C PHE C 35 23.57 12.49 30.35
N CYS C 36 22.73 12.18 29.36
CA CYS C 36 22.56 10.83 28.87
C CYS C 36 23.43 10.53 27.66
N GLY C 37 24.23 11.50 27.21
CA GLY C 37 25.03 11.31 26.02
C GLY C 37 24.32 11.57 24.71
N LEU C 38 23.08 12.07 24.75
CA LEU C 38 22.28 12.25 23.55
C LEU C 38 22.31 13.69 23.02
N ALA C 39 23.00 14.60 23.69
CA ALA C 39 23.11 15.97 23.24
C ALA C 39 24.41 16.59 23.75
N PRO C 40 25.56 16.21 23.20
CA PRO C 40 26.83 16.72 23.72
C PRO C 40 27.07 18.17 23.36
N LEU C 41 26.33 19.08 24.01
CA LEU C 41 26.36 20.50 23.69
C LEU C 41 26.76 21.31 24.92
N ARG C 42 27.26 22.51 24.66
CA ARG C 42 27.55 23.48 25.70
C ARG C 42 26.43 24.51 25.73
N PHE C 43 25.86 24.72 26.91
CA PHE C 43 24.71 25.62 27.08
C PHE C 43 25.19 26.93 27.69
N GLU C 44 25.05 28.02 26.95
CA GLU C 44 25.39 29.35 27.44
C GLU C 44 24.11 30.14 27.67
N PRO C 45 23.80 30.52 28.90
CA PRO C 45 22.55 31.25 29.16
C PRO C 45 22.54 32.62 28.49
N ARG C 46 21.34 33.04 28.09
CA ARG C 46 21.13 34.36 27.48
C ARG C 46 19.95 35.08 28.09
N SER C 47 19.35 34.54 29.16
CA SER C 47 18.24 35.13 29.89
C SER C 47 16.94 35.09 29.08
N GLN C 48 17.04 34.69 27.82
CA GLN C 48 15.87 34.46 26.97
C GLN C 48 15.94 33.12 26.25
N GLU C 49 17.12 32.68 25.86
CA GLU C 49 17.31 31.41 25.17
C GLU C 49 18.69 30.86 25.55
N TYR C 50 19.11 29.80 24.86
CA TYR C 50 20.39 29.16 25.13
C TYR C 50 21.19 29.06 23.84
N ALA C 51 22.41 29.56 23.87
CA ALA C 51 23.33 29.46 22.73
C ALA C 51 24.10 28.16 22.87
N VAL C 52 23.72 27.15 22.08
CA VAL C 52 24.28 25.82 22.19
C VAL C 52 25.32 25.62 21.11
N THR C 53 26.37 24.87 21.44
CA THR C 53 27.43 24.53 20.50
C THR C 53 28.04 23.20 20.91
N ILE C 54 28.69 22.54 19.96
CA ILE C 54 29.31 21.25 20.20
C ILE C 54 30.49 21.41 21.15
N SER C 55 30.57 20.54 22.15
CA SER C 55 31.72 20.46 23.04
C SER C 55 32.35 19.09 22.90
N LYS C 56 33.67 19.05 22.71
CA LYS C 56 34.37 17.78 22.55
C LYS C 56 34.40 16.98 23.85
N GLY C 57 34.48 17.67 24.99
CA GLY C 57 34.48 16.95 26.26
C GLY C 57 33.19 16.18 26.49
N LYS C 58 32.05 16.79 26.19
CA LYS C 58 30.78 16.09 26.33
C LYS C 58 30.65 14.96 25.32
N CYS C 59 31.22 15.12 24.12
CA CYS C 59 31.21 14.04 23.14
C CYS C 59 32.00 12.84 23.65
N PHE C 60 33.19 13.09 24.20
CA PHE C 60 33.99 12.01 24.75
C PHE C 60 33.30 11.36 25.95
N TYR C 61 32.68 12.18 26.81
CA TYR C 61 31.94 11.64 27.95
C TYR C 61 30.80 10.75 27.48
N SER C 62 30.05 11.20 26.46
CA SER C 62 28.97 10.40 25.92
C SER C 62 29.47 9.07 25.37
N TYR C 63 30.58 9.12 24.61
CA TYR C 63 31.12 7.90 24.04
C TYR C 63 31.53 6.91 25.12
N ILE C 64 32.29 7.37 26.11
CA ILE C 64 32.76 6.46 27.16
C ILE C 64 31.58 5.97 28.00
N LEU C 65 30.58 6.81 28.24
CA LEU C 65 29.44 6.38 29.04
C LEU C 65 28.63 5.29 28.34
N VAL C 66 28.34 5.48 27.05
CA VAL C 66 27.56 4.48 26.35
C VAL C 66 28.39 3.20 26.16
N THR C 67 29.70 3.32 25.95
CA THR C 67 30.54 2.14 25.84
C THR C 67 30.55 1.35 27.15
N PHE C 68 30.71 2.05 28.28
CA PHE C 68 30.69 1.39 29.57
C PHE C 68 29.35 0.74 29.85
N LEU C 69 28.25 1.44 29.52
CA LEU C 69 26.93 0.89 29.77
C LEU C 69 26.67 -0.35 28.93
N VAL C 70 27.09 -0.34 27.67
CA VAL C 70 26.90 -1.50 26.80
C VAL C 70 27.78 -2.66 27.27
N ILE C 71 29.01 -2.37 27.71
CA ILE C 71 29.89 -3.42 28.21
C ILE C 71 29.28 -4.06 29.45
N CYS C 72 28.79 -3.24 30.38
CA CYS C 72 28.17 -3.77 31.59
C CYS C 72 26.91 -4.55 31.27
N THR C 73 26.12 -4.08 30.31
CA THR C 73 24.91 -4.79 29.91
C THR C 73 25.23 -6.15 29.32
N ILE C 74 26.24 -6.22 28.44
CA ILE C 74 26.65 -7.48 27.86
C ILE C 74 27.18 -8.42 28.92
N TYR C 75 27.99 -7.89 29.85
CA TYR C 75 28.54 -8.72 30.92
C TYR C 75 27.43 -9.27 31.81
N GLY C 76 26.44 -8.45 32.14
CA GLY C 76 25.32 -8.93 32.94
C GLY C 76 24.49 -9.96 32.22
N LEU C 77 24.27 -9.77 30.92
CA LEU C 77 23.53 -10.75 30.13
C LEU C 77 24.26 -12.08 30.07
N VAL C 78 25.60 -12.03 29.93
CA VAL C 78 26.38 -13.27 29.92
C VAL C 78 26.38 -13.92 31.30
N ALA C 79 26.50 -13.12 32.36
CA ALA C 79 26.53 -13.66 33.70
C ALA C 79 25.21 -14.32 34.07
N GLU C 80 24.09 -13.69 33.72
CA GLU C 80 22.79 -14.28 34.02
C GLU C 80 22.58 -15.59 33.26
N ILE C 81 23.11 -15.70 32.05
CA ILE C 81 23.12 -16.98 31.34
C ILE C 81 23.99 -17.98 32.10
N GLY C 82 25.15 -17.54 32.57
CA GLY C 82 26.06 -18.42 33.29
C GLY C 82 25.57 -18.82 34.67
N VAL C 83 24.65 -18.05 35.25
CA VAL C 83 24.07 -18.43 36.54
C VAL C 83 23.31 -19.74 36.40
N GLY C 84 22.53 -19.88 35.33
CA GLY C 84 21.79 -21.09 35.04
C GLY C 84 20.32 -20.81 34.81
N VAL C 85 19.56 -21.88 34.66
CA VAL C 85 18.13 -21.79 34.43
C VAL C 85 17.36 -21.83 35.75
N GLU C 86 17.68 -22.79 36.62
CA GLU C 86 16.97 -22.88 37.90
C GLU C 86 17.38 -21.76 38.85
N LYS C 87 18.65 -21.34 38.81
CA LYS C 87 19.13 -20.34 39.77
C LYS C 87 18.67 -18.94 39.41
N SER C 88 18.66 -18.60 38.11
CA SER C 88 18.24 -17.27 37.69
C SER C 88 16.73 -17.12 37.78
N VAL C 89 16.30 -15.91 38.14
CA VAL C 89 14.89 -15.63 38.38
C VAL C 89 14.21 -15.03 37.15
N ARG C 90 14.88 -14.10 36.45
CA ARG C 90 14.24 -13.45 35.31
C ARG C 90 14.16 -14.39 34.12
N MET C 91 15.23 -15.12 33.83
CA MET C 91 15.32 -15.98 32.65
C MET C 91 15.55 -17.41 33.15
N SER C 92 14.45 -18.11 33.41
CA SER C 92 14.45 -19.43 34.03
C SER C 92 13.87 -20.48 33.09
N SER C 93 14.14 -20.34 31.79
CA SER C 93 13.70 -21.32 30.80
C SER C 93 14.73 -21.32 29.67
N ARG C 94 14.37 -21.91 28.55
CA ARG C 94 15.20 -21.86 27.35
C ARG C 94 14.77 -20.73 26.41
N MET C 95 13.47 -20.61 26.15
CA MET C 95 12.97 -19.48 25.40
C MET C 95 13.06 -18.19 26.19
N SER C 96 12.99 -18.29 27.53
CA SER C 96 13.13 -17.11 28.37
C SER C 96 14.52 -16.49 28.23
N GLN C 97 15.56 -17.33 28.14
CA GLN C 97 16.91 -16.81 27.95
C GLN C 97 17.04 -16.09 26.62
N VAL C 98 16.43 -16.65 25.57
CA VAL C 98 16.50 -16.02 24.25
C VAL C 98 15.68 -14.74 24.22
N VAL C 99 14.48 -14.77 24.81
CA VAL C 99 13.63 -13.57 24.83
C VAL C 99 14.28 -12.47 25.65
N SER C 100 14.81 -12.82 26.82
CA SER C 100 15.51 -11.84 27.65
C SER C 100 16.71 -11.27 26.93
N ALA C 101 17.50 -12.12 26.28
CA ALA C 101 18.66 -11.65 25.54
C ALA C 101 18.24 -10.75 24.39
N CYS C 102 17.17 -11.10 23.68
CA CYS C 102 16.70 -10.28 22.57
C CYS C 102 16.26 -8.90 23.05
N ASP C 103 15.49 -8.85 24.14
CA ASP C 103 15.08 -7.58 24.72
C ASP C 103 16.28 -6.74 25.13
N ILE C 104 17.22 -7.35 25.87
CA ILE C 104 18.40 -6.63 26.34
C ILE C 104 19.21 -6.10 25.17
N LEU C 105 19.41 -6.93 24.15
CA LEU C 105 20.25 -6.54 23.02
C LEU C 105 19.59 -5.47 22.16
N VAL C 106 18.27 -5.53 21.98
CA VAL C 106 17.61 -4.50 21.17
C VAL C 106 17.63 -3.17 21.93
N VAL C 107 17.47 -3.19 23.25
CA VAL C 107 17.56 -1.96 24.02
C VAL C 107 18.98 -1.39 23.94
N ALA C 108 19.99 -2.27 24.06
CA ALA C 108 21.38 -1.82 23.97
C ALA C 108 21.71 -1.24 22.60
N VAL C 109 21.18 -1.86 21.54
CA VAL C 109 21.42 -1.36 20.19
C VAL C 109 20.74 -0.01 19.99
N THR C 110 19.52 0.15 20.49
CA THR C 110 18.85 1.44 20.40
C THR C 110 19.65 2.52 21.11
N ALA C 111 20.10 2.23 22.34
CA ALA C 111 20.87 3.22 23.09
C ALA C 111 22.20 3.53 22.42
N GLY C 112 22.86 2.52 21.86
CA GLY C 112 24.12 2.75 21.18
C GLY C 112 23.96 3.58 19.92
N VAL C 113 22.92 3.31 19.14
CA VAL C 113 22.64 4.13 17.96
C VAL C 113 22.34 5.55 18.38
N GLY C 114 21.59 5.72 19.47
CA GLY C 114 21.24 7.06 19.92
C GLY C 114 22.43 7.86 20.41
N VAL C 115 23.34 7.22 21.14
CA VAL C 115 24.44 7.98 21.76
C VAL C 115 25.64 8.10 20.83
N TYR C 116 25.98 7.04 20.10
CA TYR C 116 27.14 7.11 19.22
C TYR C 116 26.91 8.08 18.07
N GLY C 117 25.69 8.17 17.58
CA GLY C 117 25.33 9.11 16.53
C GLY C 117 24.91 10.48 17.02
N ALA C 118 25.00 10.74 18.33
CA ALA C 118 24.52 12.01 18.87
C ALA C 118 25.29 13.22 18.37
N PRO C 119 26.64 13.26 18.38
CA PRO C 119 27.32 14.51 17.99
C PRO C 119 27.05 14.95 16.57
N ALA C 120 27.01 14.02 15.61
CA ALA C 120 26.65 14.40 14.24
C ALA C 120 25.22 14.89 14.18
N ARG C 121 24.31 14.20 14.87
CA ARG C 121 22.93 14.65 14.99
C ARG C 121 22.86 16.07 15.56
N MET C 122 23.75 16.39 16.51
CA MET C 122 23.71 17.72 17.11
C MET C 122 24.26 18.79 16.20
N ARG C 123 25.25 18.46 15.35
CA ARG C 123 25.71 19.40 14.34
C ARG C 123 24.61 19.70 13.33
N THR C 124 23.94 18.65 12.85
CA THR C 124 22.79 18.86 11.98
C THR C 124 21.73 19.71 12.67
N MET C 125 21.53 19.47 13.97
CA MET C 125 20.57 20.26 14.74
C MET C 125 20.95 21.72 14.76
N LEU C 126 22.23 22.02 14.95
CA LEU C 126 22.68 23.41 14.96
C LEU C 126 22.40 24.06 13.61
N SER C 127 22.65 23.34 12.52
CA SER C 127 22.38 23.87 11.19
C SER C 127 20.90 24.20 11.00
N TYR C 128 20.03 23.18 11.08
CA TYR C 128 18.64 23.52 10.82
C TYR C 128 18.04 24.40 11.92
N MET C 129 18.67 24.50 13.08
CA MET C 129 18.16 25.40 14.11
C MET C 129 18.49 26.86 13.80
N GLU C 130 19.66 27.15 13.23
CA GLU C 130 19.87 28.52 12.77
C GLU C 130 18.93 28.86 11.62
N ASN C 131 18.63 27.86 10.77
CA ASN C 131 17.61 28.08 9.75
C ASN C 131 16.25 28.40 10.38
N ILE C 132 15.87 27.66 11.43
CA ILE C 132 14.60 27.90 12.12
C ILE C 132 14.61 29.26 12.80
N VAL C 133 15.75 29.70 13.31
CA VAL C 133 15.83 31.04 13.90
C VAL C 133 15.53 32.10 12.84
N ALA C 134 16.11 31.93 11.64
CA ALA C 134 15.78 32.85 10.55
C ALA C 134 14.29 32.83 10.24
N VAL C 135 13.69 31.64 10.15
CA VAL C 135 12.27 31.53 9.83
C VAL C 135 11.41 32.19 10.90
N ASP C 136 11.76 31.99 12.17
CA ASP C 136 10.99 32.55 13.27
C ASP C 136 11.12 34.06 13.33
N ARG C 137 12.30 34.59 13.00
CA ARG C 137 12.43 36.03 12.89
C ARG C 137 11.55 36.56 11.75
N GLU C 138 11.49 35.83 10.65
CA GLU C 138 10.64 36.24 9.53
C GLU C 138 9.17 36.19 9.90
N LEU C 139 8.71 35.06 10.45
CA LEU C 139 7.30 34.94 10.82
C LEU C 139 6.94 35.89 11.96
N GLY C 140 7.74 35.89 13.01
CA GLY C 140 7.49 36.75 14.15
C GLY C 140 7.12 36.00 15.41
N ARG C 141 8.06 35.94 16.36
CA ARG C 141 7.85 35.32 17.66
C ARG C 141 7.49 33.85 17.53
N HIS C 142 6.92 33.28 18.59
CA HIS C 142 6.53 31.87 18.60
C HIS C 142 5.32 31.74 19.53
N HIS C 143 5.03 30.51 19.95
CA HIS C 143 3.89 30.26 20.82
C HIS C 143 4.15 30.83 22.22
N SER C 144 3.08 30.95 22.99
CA SER C 144 3.15 31.57 24.30
C SER C 144 3.90 30.67 25.28
N ALA C 145 4.25 31.25 26.43
CA ALA C 145 4.95 30.50 27.47
C ALA C 145 4.09 29.42 28.10
N ALA C 146 2.76 29.58 28.06
CA ALA C 146 1.88 28.53 28.60
C ALA C 146 2.03 27.24 27.80
N THR C 147 2.14 27.34 26.47
CA THR C 147 2.28 26.14 25.65
C THR C 147 3.59 25.42 25.94
N GLU C 148 4.69 26.17 26.04
CA GLU C 148 5.98 25.53 26.32
C GLU C 148 6.02 24.97 27.74
N ARG C 149 5.34 25.62 28.69
CA ARG C 149 5.26 25.07 30.04
C ARG C 149 4.46 23.76 30.04
N LYS C 150 3.37 23.71 29.28
CA LYS C 150 2.60 22.47 29.17
C LYS C 150 3.42 21.37 28.50
N LEU C 151 4.18 21.72 27.47
CA LEU C 151 5.02 20.73 26.79
C LEU C 151 6.10 20.21 27.72
N CYS C 152 6.74 21.11 28.49
CA CYS C 152 7.74 20.67 29.46
C CYS C 152 7.10 19.77 30.52
N ALA C 153 5.89 20.11 30.97
CA ALA C 153 5.20 19.27 31.93
C ALA C 153 4.92 17.89 31.36
N LEU C 154 4.50 17.82 30.09
CA LEU C 154 4.23 16.53 29.47
C LEU C 154 5.50 15.69 29.33
N LEU C 155 6.59 16.31 28.87
CA LEU C 155 7.84 15.59 28.75
C LEU C 155 8.34 15.10 30.10
N LEU C 156 8.29 15.95 31.12
CA LEU C 156 8.70 15.55 32.45
C LEU C 156 7.81 14.45 33.00
N LEU C 157 6.51 14.51 32.70
CA LEU C 157 5.60 13.47 33.17
C LEU C 157 5.94 12.12 32.54
N ILE C 158 6.20 12.12 31.23
CA ILE C 158 6.57 10.87 30.56
C ILE C 158 7.89 10.34 31.12
N LEU C 159 8.87 11.22 31.29
CA LEU C 159 10.18 10.81 31.80
C LEU C 159 10.07 10.26 33.21
N LEU C 160 9.32 10.93 34.09
CA LEU C 160 9.20 10.48 35.47
C LEU C 160 8.39 9.20 35.58
N SER C 161 7.34 9.05 34.76
CA SER C 161 6.59 7.80 34.76
C SER C 161 7.46 6.64 34.31
N PHE C 162 8.25 6.84 33.26
CA PHE C 162 9.15 5.79 32.80
C PHE C 162 10.21 5.47 33.84
N THR C 163 10.76 6.50 34.49
CA THR C 163 11.76 6.27 35.52
C THR C 163 11.19 5.53 36.72
N ILE C 164 9.96 5.88 37.11
CA ILE C 164 9.30 5.18 38.22
C ILE C 164 9.05 3.73 37.85
N LEU C 165 8.62 3.47 36.62
CA LEU C 165 8.44 2.09 36.18
C LEU C 165 9.75 1.33 36.18
N LEU C 166 10.83 1.96 35.72
CA LEU C 166 12.14 1.30 35.72
C LEU C 166 12.60 0.97 37.13
N VAL C 167 12.46 1.93 38.04
CA VAL C 167 12.89 1.71 39.43
C VAL C 167 12.05 0.63 40.08
N ASP C 168 10.73 0.66 39.86
CA ASP C 168 9.86 -0.37 40.43
C ASP C 168 10.21 -1.75 39.90
N ASP C 169 10.44 -1.86 38.59
CA ASP C 169 10.75 -3.16 38.01
C ASP C 169 12.10 -3.67 38.49
N PHE C 170 13.09 -2.79 38.57
CA PHE C 170 14.40 -3.16 39.08
C PHE C 170 14.31 -3.63 40.53
N CYS C 171 13.60 -2.89 41.37
CA CYS C 171 13.46 -3.27 42.77
C CYS C 171 12.71 -4.59 42.91
N PHE C 172 11.67 -4.79 42.10
CA PHE C 172 10.91 -6.03 42.15
C PHE C 172 11.79 -7.23 41.81
N TYR C 173 12.57 -7.13 40.74
CA TYR C 173 13.39 -8.26 40.34
C TYR C 173 14.58 -8.43 41.27
N ALA C 174 15.04 -7.37 41.94
CA ALA C 174 16.09 -7.52 42.93
C ALA C 174 15.58 -8.19 44.20
N MET C 175 14.35 -7.86 44.59
CA MET C 175 13.77 -8.48 45.78
C MET C 175 13.34 -9.92 45.50
N GLN C 176 12.99 -10.24 44.26
CA GLN C 176 12.65 -11.63 43.93
C GLN C 176 13.85 -12.54 44.11
N ALA C 177 15.05 -12.07 43.74
CA ALA C 177 16.26 -12.85 43.93
C ALA C 177 16.76 -12.81 45.36
N GLY C 178 16.17 -11.99 46.22
CA GLY C 178 16.57 -11.97 47.62
C GLY C 178 16.27 -13.27 48.35
N LYS C 179 15.27 -14.03 47.91
CA LYS C 179 15.00 -15.34 48.49
C LYS C 179 16.16 -16.29 48.26
N THR C 180 16.68 -16.34 47.03
CA THR C 180 17.87 -17.14 46.74
C THR C 180 19.11 -16.59 47.41
N GLY C 181 19.16 -15.28 47.65
CA GLY C 181 20.32 -14.63 48.23
C GLY C 181 21.14 -13.84 47.25
N ARG C 182 20.88 -13.96 45.96
CA ARG C 182 21.61 -13.22 44.93
C ARG C 182 20.92 -11.90 44.59
N GLN C 183 20.66 -11.08 45.62
CA GLN C 183 20.03 -9.79 45.40
C GLN C 183 20.95 -8.84 44.63
N TRP C 184 22.23 -8.81 44.99
CA TRP C 184 23.18 -7.93 44.32
C TRP C 184 23.56 -8.43 42.94
N GLU C 185 23.38 -9.73 42.67
CA GLU C 185 23.65 -10.23 41.33
C GLU C 185 22.69 -9.65 40.30
N ILE C 186 21.41 -9.53 40.66
CA ILE C 186 20.44 -8.91 39.77
C ILE C 186 20.80 -7.45 39.51
N VAL C 187 21.22 -6.74 40.57
CA VAL C 187 21.65 -5.35 40.41
C VAL C 187 22.82 -5.27 39.43
N THR C 188 23.84 -6.11 39.65
CA THR C 188 25.02 -6.08 38.79
C THR C 188 24.68 -6.42 37.35
N ASN C 189 23.71 -7.31 37.15
CA ASN C 189 23.39 -7.79 35.81
C ASN C 189 22.35 -6.94 35.09
N TYR C 190 21.65 -6.03 35.78
CA TYR C 190 20.62 -5.25 35.11
C TYR C 190 20.71 -3.74 35.31
N ALA C 191 21.70 -3.24 36.06
CA ALA C 191 21.84 -1.79 36.20
C ALA C 191 22.06 -1.11 34.85
N GLY C 192 22.99 -1.63 34.06
CA GLY C 192 23.23 -1.07 32.74
C GLY C 192 22.03 -1.19 31.82
N PHE C 193 21.29 -2.30 31.93
CA PHE C 193 20.07 -2.47 31.15
C PHE C 193 19.06 -1.37 31.44
N TYR C 194 18.84 -1.07 32.72
CA TYR C 194 17.87 -0.04 33.05
C TYR C 194 18.38 1.36 32.69
N PHE C 195 19.68 1.59 32.80
CA PHE C 195 20.25 2.86 32.34
C PHE C 195 20.04 3.03 30.84
N LEU C 196 20.21 1.96 30.07
CA LEU C 196 19.99 2.04 28.63
C LEU C 196 18.51 2.25 28.31
N TRP C 197 17.61 1.68 29.11
CA TRP C 197 16.19 2.00 28.97
C TRP C 197 15.94 3.50 29.14
N TYR C 198 16.52 4.08 30.19
CA TYR C 198 16.36 5.52 30.41
C TYR C 198 16.88 6.31 29.22
N ILE C 199 18.04 5.91 28.68
CA ILE C 199 18.62 6.60 27.54
C ILE C 199 17.70 6.51 26.32
N VAL C 200 17.13 5.33 26.08
CA VAL C 200 16.23 5.15 24.94
C VAL C 200 15.01 6.05 25.06
N MET C 201 14.44 6.13 26.27
CA MET C 201 13.28 7.00 26.47
C MET C 201 13.64 8.46 26.23
N VAL C 202 14.80 8.89 26.72
CA VAL C 202 15.21 10.28 26.54
C VAL C 202 15.42 10.57 25.05
N LEU C 203 15.99 9.62 24.30
CA LEU C 203 16.16 9.82 22.86
C LEU C 203 14.83 9.96 22.14
N GLU C 204 13.86 9.11 22.51
CA GLU C 204 12.53 9.21 21.92
C GLU C 204 11.91 10.57 22.20
N LEU C 205 12.00 11.03 23.44
CA LEU C 205 11.42 12.32 23.80
C LEU C 205 12.11 13.47 23.08
N GLN C 206 13.43 13.37 22.91
CA GLN C 206 14.17 14.40 22.19
C GLN C 206 13.70 14.52 20.75
N PHE C 207 13.57 13.38 20.06
CA PHE C 207 13.05 13.42 18.69
C PHE C 207 11.65 13.98 18.67
N ALA C 208 10.79 13.55 19.60
CA ALA C 208 9.40 13.98 19.59
C ALA C 208 9.29 15.49 19.76
N PHE C 209 10.11 16.06 20.64
CA PHE C 209 10.00 17.50 20.87
C PHE C 209 10.66 18.31 19.75
N THR C 210 11.70 17.78 19.12
CA THR C 210 12.22 18.44 17.92
C THR C 210 11.14 18.50 16.84
N ALA C 211 10.47 17.37 16.58
CA ALA C 211 9.40 17.34 15.60
C ALA C 211 8.24 18.24 16.00
N LEU C 212 7.95 18.33 17.29
CA LEU C 212 6.84 19.19 17.75
C LEU C 212 7.16 20.66 17.56
N SER C 213 8.40 21.08 17.84
CA SER C 213 8.78 22.46 17.59
C SER C 213 8.70 22.78 16.10
N LEU C 214 9.14 21.85 15.25
CA LEU C 214 9.00 22.06 13.82
C LEU C 214 7.54 22.18 13.40
N ARG C 215 6.66 21.34 13.97
CA ARG C 215 5.24 21.42 13.63
C ARG C 215 4.64 22.74 14.11
N ALA C 216 5.13 23.27 15.24
CA ALA C 216 4.70 24.59 15.68
C ALA C 216 5.08 25.66 14.66
N ARG C 217 6.30 25.58 14.13
CA ARG C 217 6.70 26.53 13.09
C ARG C 217 5.82 26.41 11.86
N LEU C 218 5.49 25.17 11.46
CA LEU C 218 4.61 24.96 10.31
C LEU C 218 3.21 25.51 10.57
N LYS C 219 2.72 25.39 11.80
CA LYS C 219 1.43 25.98 12.15
C LYS C 219 1.45 27.50 12.06
N LEU C 220 2.55 28.11 12.52
CA LEU C 220 2.71 29.56 12.34
C LEU C 220 2.70 29.93 10.85
N PHE C 221 3.37 29.13 10.02
CA PHE C 221 3.36 29.38 8.58
C PHE C 221 1.95 29.32 8.01
N ASN C 222 1.18 28.32 8.42
CA ASN C 222 -0.20 28.19 7.96
C ASN C 222 -1.04 29.38 8.40
N GLU C 223 -0.84 29.85 9.64
CA GLU C 223 -1.57 31.03 10.10
C GLU C 223 -1.21 32.25 9.28
N ALA C 224 0.07 32.42 8.94
CA ALA C 224 0.48 33.55 8.11
C ALA C 224 -0.16 33.49 6.72
N LEU C 225 -0.19 32.29 6.13
CA LEU C 225 -0.83 32.13 4.82
C LEU C 225 -2.32 32.45 4.89
N ASN C 226 -2.98 32.00 5.96
CA ASN C 226 -4.41 32.31 6.13
C ASN C 226 -4.64 33.81 6.30
N VAL C 227 -3.74 34.48 7.03
CA VAL C 227 -3.87 35.93 7.19
C VAL C 227 -3.66 36.63 5.86
N THR C 228 -2.75 36.14 5.04
CA THR C 228 -2.63 36.63 3.66
C THR C 228 -3.96 36.47 2.92
N ALA C 229 -4.62 35.33 3.14
CA ALA C 229 -5.95 35.13 2.54
C ALA C 229 -6.92 36.21 2.99
N SER C 230 -6.99 36.46 4.31
CA SER C 230 -7.94 37.44 4.82
C SER C 230 -7.65 38.84 4.30
N GLN C 231 -6.37 39.21 4.26
CA GLN C 231 -5.93 40.52 3.79
C GLN C 231 -6.59 41.65 4.56
N VAL C 232 -6.40 41.61 5.88
CA VAL C 232 -6.91 42.67 6.75
C VAL C 232 -6.22 43.99 6.43
N CYS C 233 -4.90 43.96 6.28
CA CYS C 233 -4.09 45.14 5.96
C CYS C 233 -4.31 46.25 6.98
N ALA C 274 11.70 39.39 8.67
CA ALA C 274 11.65 40.83 8.91
C ALA C 274 10.25 41.28 9.29
N PHE C 275 9.64 40.56 10.24
CA PHE C 275 8.31 40.88 10.76
C PHE C 275 7.28 40.90 9.65
N VAL C 276 7.13 39.75 8.99
CA VAL C 276 6.14 39.62 7.92
C VAL C 276 4.73 39.69 8.50
N MET C 277 4.54 39.14 9.69
CA MET C 277 3.24 39.07 10.34
C MET C 277 3.11 40.14 11.42
N MET C 278 1.87 40.54 11.67
CA MET C 278 1.53 41.49 12.72
C MET C 278 0.39 40.95 13.56
N LYS C 279 0.47 41.12 14.86
CA LYS C 279 -0.56 40.64 15.78
C LYS C 279 -0.67 41.53 17.01
N PRO C 285 -5.07 37.78 12.67
CA PRO C 285 -3.96 38.73 12.83
C PRO C 285 -3.93 39.78 11.73
N CYS C 286 -2.75 40.33 11.45
CA CYS C 286 -2.59 41.37 10.46
C CYS C 286 -1.37 41.06 9.59
N LEU C 287 -1.37 41.63 8.39
CA LEU C 287 -0.29 41.46 7.43
C LEU C 287 0.36 42.82 7.17
N GLN C 288 1.67 42.90 7.35
CA GLN C 288 2.39 44.16 7.19
C GLN C 288 2.96 44.36 5.80
N VAL C 289 2.74 43.42 4.88
CA VAL C 289 3.25 43.53 3.52
C VAL C 289 2.11 43.20 2.56
N PRO C 290 2.21 43.64 1.31
CA PRO C 290 1.21 43.27 0.33
C PRO C 290 1.15 41.77 0.17
N PRO C 291 -0.03 41.21 -0.12
CA PRO C 291 -0.17 39.75 -0.17
C PRO C 291 0.75 39.08 -1.19
N CYS C 292 1.09 39.78 -2.27
CA CYS C 292 1.97 39.21 -3.28
C CYS C 292 3.36 38.96 -2.73
N GLU C 293 3.91 39.95 -2.00
CA GLU C 293 5.19 39.78 -1.36
C GLU C 293 5.13 38.72 -0.26
N ALA C 294 4.04 38.73 0.51
CA ALA C 294 3.90 37.77 1.60
C ALA C 294 3.87 36.34 1.08
N VAL C 295 3.21 36.11 -0.06
CA VAL C 295 3.11 34.75 -0.59
C VAL C 295 4.48 34.24 -1.04
N GLY C 296 5.28 35.09 -1.67
CA GLY C 296 6.62 34.69 -2.05
C GLY C 296 7.52 34.42 -0.85
N ARG C 297 7.47 35.30 0.15
CA ARG C 297 8.23 35.08 1.37
C ARG C 297 7.81 33.78 2.05
N LEU C 298 6.50 33.49 2.05
CA LEU C 298 6.01 32.26 2.66
C LEU C 298 6.40 31.03 1.85
N SER C 299 6.48 31.15 0.53
CA SER C 299 6.99 30.04 -0.29
C SER C 299 8.44 29.73 0.06
N ARG C 300 9.26 30.77 0.19
CA ARG C 300 10.64 30.56 0.63
C ARG C 300 10.69 29.94 2.02
N MET C 301 9.84 30.41 2.94
CA MET C 301 9.81 29.86 4.29
C MET C 301 9.40 28.39 4.27
N ARG C 302 8.47 28.02 3.40
CA ARG C 302 8.04 26.62 3.33
C ARG C 302 9.14 25.74 2.76
N CYS C 303 9.91 26.26 1.80
CA CYS C 303 11.08 25.52 1.34
C CYS C 303 12.08 25.32 2.48
N THR C 304 12.31 26.36 3.28
CA THR C 304 13.20 26.22 4.43
C THR C 304 12.68 25.18 5.43
N LEU C 305 11.36 25.19 5.68
CA LEU C 305 10.78 24.24 6.61
C LEU C 305 10.88 22.82 6.10
N CYS C 306 10.70 22.62 4.78
CA CYS C 306 10.91 21.31 4.19
C CYS C 306 12.36 20.84 4.36
N GLU C 307 13.31 21.74 4.14
CA GLU C 307 14.72 21.40 4.34
C GLU C 307 14.98 20.99 5.79
N VAL C 308 14.42 21.73 6.74
CA VAL C 308 14.62 21.42 8.15
C VAL C 308 14.00 20.07 8.50
N THR C 309 12.80 19.79 7.97
CA THR C 309 12.16 18.50 8.22
C THR C 309 13.01 17.36 7.67
N ARG C 310 13.57 17.54 6.47
CA ARG C 310 14.44 16.52 5.89
C ARG C 310 15.68 16.32 6.74
N HIS C 311 16.24 17.40 7.27
CA HIS C 311 17.41 17.29 8.14
C HIS C 311 17.08 16.51 9.40
N ILE C 312 15.93 16.78 10.01
CA ILE C 312 15.51 16.06 11.20
C ILE C 312 15.32 14.57 10.90
N ALA C 313 14.68 14.28 9.77
CA ALA C 313 14.47 12.88 9.38
C ALA C 313 15.79 12.18 9.14
N ASP C 314 16.73 12.85 8.48
CA ASP C 314 18.05 12.25 8.24
C ASP C 314 18.77 12.00 9.57
N GLY C 315 18.68 12.96 10.49
CA GLY C 315 19.38 12.81 11.77
C GLY C 315 18.81 11.69 12.62
N TYR C 316 17.50 11.50 12.57
CA TYR C 316 16.85 10.54 13.47
C TYR C 316 16.38 9.26 12.78
N GLY C 317 16.70 9.07 11.50
CA GLY C 317 16.16 7.92 10.78
C GLY C 317 16.58 6.59 11.36
N LEU C 318 17.87 6.41 11.62
CA LEU C 318 18.33 5.16 12.22
C LEU C 318 17.79 4.96 13.62
N PRO C 319 17.86 5.94 14.54
CA PRO C 319 17.20 5.75 15.84
C PRO C 319 15.72 5.45 15.72
N LEU C 320 15.03 6.10 14.79
CA LEU C 320 13.58 5.88 14.66
C LEU C 320 13.28 4.46 14.19
N VAL C 321 14.07 3.96 13.23
CA VAL C 321 13.85 2.60 12.73
C VAL C 321 14.16 1.58 13.81
N ILE C 322 15.25 1.77 14.55
CA ILE C 322 15.57 0.85 15.63
C ILE C 322 14.51 0.90 16.72
N ILE C 323 13.99 2.09 17.01
CA ILE C 323 12.93 2.24 18.01
C ILE C 323 11.67 1.51 17.57
N LEU C 324 11.31 1.63 16.29
CA LEU C 324 10.12 0.94 15.79
C LEU C 324 10.30 -0.58 15.85
N MET C 325 11.48 -1.07 15.48
CA MET C 325 11.74 -2.51 15.58
C MET C 325 11.66 -2.99 17.01
N SER C 326 12.26 -2.24 17.94
CA SER C 326 12.20 -2.60 19.35
C SER C 326 10.77 -2.58 19.87
N THR C 327 9.98 -1.60 19.43
CA THR C 327 8.59 -1.52 19.85
C THR C 327 7.80 -2.71 19.34
N LEU C 328 8.03 -3.12 18.10
CA LEU C 328 7.36 -4.31 17.56
C LEU C 328 7.74 -5.55 18.37
N LEU C 329 9.04 -5.72 18.62
CA LEU C 329 9.51 -6.88 19.39
C LEU C 329 8.89 -6.90 20.78
N HIS C 330 8.85 -5.76 21.45
CA HIS C 330 8.35 -5.71 22.82
C HIS C 330 6.84 -5.88 22.86
N LEU C 331 6.11 -5.26 21.92
CA LEU C 331 4.67 -5.46 21.84
C LEU C 331 4.31 -6.88 21.44
N ILE C 332 5.26 -7.64 20.91
CA ILE C 332 5.03 -9.07 20.72
C ILE C 332 5.31 -9.84 22.01
N VAL C 333 6.46 -9.60 22.64
CA VAL C 333 6.91 -10.50 23.71
C VAL C 333 6.21 -10.21 25.03
N THR C 334 6.03 -8.93 25.38
CA THR C 334 5.44 -8.60 26.68
C THR C 334 4.00 -9.10 26.81
N PRO C 335 3.10 -8.85 25.86
CA PRO C 335 1.75 -9.44 25.99
C PRO C 335 1.77 -10.96 25.97
N TYR C 336 2.69 -11.57 25.24
CA TYR C 336 2.75 -13.04 25.20
C TYR C 336 2.96 -13.62 26.59
N PHE C 337 3.99 -13.15 27.30
CA PHE C 337 4.27 -13.70 28.62
C PHE C 337 3.29 -13.18 29.66
N LEU C 338 2.70 -12.00 29.44
CA LEU C 338 1.62 -11.54 30.32
C LEU C 338 0.42 -12.49 30.24
N ILE C 339 0.07 -12.92 29.03
CA ILE C 339 -1.02 -13.88 28.86
C ILE C 339 -0.62 -15.24 29.42
N MET C 340 0.63 -15.66 29.18
CA MET C 340 1.09 -16.96 29.66
C MET C 340 1.03 -17.04 31.18
N GLU C 341 1.40 -15.94 31.86
CA GLU C 341 1.30 -15.93 33.32
C GLU C 341 -0.15 -15.99 33.79
N ILE C 342 -1.09 -15.49 32.98
CA ILE C 342 -2.48 -15.42 33.39
C ILE C 342 -3.15 -16.78 33.25
N ILE C 343 -2.98 -17.43 32.10
CA ILE C 343 -3.73 -18.66 31.82
C ILE C 343 -3.25 -19.80 32.70
N VAL C 344 -1.94 -19.86 32.97
CA VAL C 344 -1.37 -21.00 33.69
C VAL C 344 -1.65 -20.87 35.18
N SER C 345 -1.08 -19.84 35.80
CA SER C 345 -1.26 -19.57 37.22
C SER C 345 -0.71 -18.20 37.55
N THR C 346 -1.49 -17.36 38.22
CA THR C 346 -1.05 -15.98 38.45
C THR C 346 -0.02 -15.92 39.57
N HIS C 347 -0.45 -16.17 40.81
CA HIS C 347 0.42 -16.26 41.98
C HIS C 347 1.32 -15.04 42.15
N ARG C 348 1.10 -14.00 41.34
CA ARG C 348 2.00 -12.83 41.34
C ARG C 348 1.20 -11.65 40.77
N LEU C 349 0.71 -10.79 41.67
CA LEU C 349 0.01 -9.60 41.23
C LEU C 349 0.99 -8.54 40.72
N HIS C 350 2.14 -8.41 41.38
CA HIS C 350 3.11 -7.41 41.00
C HIS C 350 3.65 -7.66 39.59
N PHE C 351 3.90 -8.93 39.26
CA PHE C 351 4.40 -9.26 37.93
C PHE C 351 3.39 -8.88 36.84
N LEU C 352 2.11 -9.20 37.07
CA LEU C 352 1.09 -8.87 36.07
C LEU C 352 0.91 -7.35 35.96
N VAL C 353 0.97 -6.65 37.09
CA VAL C 353 0.87 -5.19 37.03
C VAL C 353 2.02 -4.61 36.22
N LEU C 354 3.24 -5.10 36.47
CA LEU C 354 4.40 -4.62 35.72
C LEU C 354 4.29 -4.95 34.25
N GLN C 355 3.76 -6.13 33.91
CA GLN C 355 3.63 -6.50 32.51
C GLN C 355 2.61 -5.64 31.78
N PHE C 356 1.48 -5.34 32.43
CA PHE C 356 0.51 -4.42 31.85
C PHE C 356 1.11 -3.03 31.69
N LEU C 357 1.85 -2.57 32.70
CA LEU C 357 2.47 -1.26 32.63
C LEU C 357 3.50 -1.20 31.51
N TRP C 358 4.21 -2.30 31.27
CA TRP C 358 5.20 -2.33 30.19
C TRP C 358 4.53 -2.36 28.83
N CYS C 359 3.39 -3.05 28.72
CA CYS C 359 2.63 -3.03 27.47
C CYS C 359 2.19 -1.61 27.15
N THR C 360 1.62 -0.92 28.15
CA THR C 360 1.24 0.47 27.96
C THR C 360 2.44 1.36 27.66
N THR C 361 3.60 1.05 28.27
CA THR C 361 4.81 1.83 28.01
C THR C 361 5.26 1.69 26.56
N HIS C 362 5.25 0.47 26.03
CA HIS C 362 5.62 0.27 24.63
C HIS C 362 4.64 0.95 23.69
N LEU C 363 3.35 0.88 24.01
CA LEU C 363 2.36 1.60 23.21
C LEU C 363 2.61 3.11 23.24
N ILE C 364 2.95 3.63 24.41
CA ILE C 364 3.23 5.06 24.55
C ILE C 364 4.50 5.44 23.79
N ARG C 365 5.49 4.54 23.77
CA ARG C 365 6.70 4.79 22.98
C ARG C 365 6.35 4.92 21.51
N MET C 366 5.57 3.97 20.98
CA MET C 366 5.15 4.06 19.59
C MET C 366 4.35 5.34 19.34
N LEU C 367 3.50 5.72 20.30
CA LEU C 367 2.69 6.92 20.13
C LEU C 367 3.54 8.19 20.10
N VAL C 368 4.49 8.31 21.02
CA VAL C 368 5.33 9.50 21.04
C VAL C 368 6.25 9.54 19.83
N VAL C 369 6.53 8.40 19.21
CA VAL C 369 7.27 8.41 17.96
C VAL C 369 6.40 8.88 16.80
N VAL C 370 5.18 8.35 16.69
CA VAL C 370 4.39 8.54 15.46
C VAL C 370 3.41 9.70 15.52
N GLU C 371 3.21 10.33 16.68
CA GLU C 371 2.21 11.38 16.81
C GLU C 371 2.71 12.73 16.27
N PRO C 372 3.91 13.20 16.63
CA PRO C 372 4.38 14.47 16.04
C PRO C 372 4.48 14.44 14.53
N CYS C 373 4.85 13.28 13.96
CA CYS C 373 4.87 13.16 12.51
C CYS C 373 3.47 13.27 11.92
N HIS C 374 2.49 12.66 12.59
CA HIS C 374 1.10 12.79 12.13
C HIS C 374 0.63 14.23 12.19
N TYR C 375 1.00 14.95 13.26
CA TYR C 375 0.62 16.36 13.38
C TYR C 375 1.28 17.19 12.28
N THR C 376 2.54 16.89 11.97
CA THR C 376 3.23 17.58 10.89
C THR C 376 2.54 17.35 9.54
N ILE C 377 2.14 16.10 9.28
CA ILE C 377 1.45 15.80 8.02
C ILE C 377 0.08 16.48 7.98
N ARG C 378 -0.59 16.56 9.13
CA ARG C 378 -1.87 17.26 9.19
C ARG C 378 -1.71 18.74 8.88
N GLU C 379 -0.64 19.36 9.39
CA GLU C 379 -0.36 20.75 9.02
C GLU C 379 -0.05 20.88 7.54
N GLY C 380 0.69 19.93 6.98
CA GLY C 380 0.98 19.93 5.55
C GLY C 380 -0.23 19.74 4.68
N LYS C 381 -1.31 19.16 5.20
CA LYS C 381 -2.57 19.11 4.47
C LYS C 381 -3.39 20.39 4.67
N ARG C 382 -3.34 20.96 5.87
CA ARG C 382 -4.03 22.22 6.12
C ARG C 382 -3.49 23.31 5.22
N THR C 383 -2.19 23.30 4.92
CA THR C 383 -1.64 24.31 4.02
C THR C 383 -2.21 24.16 2.62
N GLU C 384 -2.47 22.93 2.17
CA GLU C 384 -3.07 22.73 0.86
C GLU C 384 -4.51 23.25 0.84
N ASP C 385 -5.27 22.99 1.90
CA ASP C 385 -6.63 23.54 1.97
C ASP C 385 -6.62 25.06 1.93
N ILE C 386 -5.72 25.67 2.71
CA ILE C 386 -5.61 27.13 2.74
C ILE C 386 -5.25 27.66 1.35
N LEU C 387 -4.32 26.99 0.66
CA LEU C 387 -3.91 27.43 -0.67
C LEU C 387 -5.05 27.34 -1.68
N CYS C 388 -5.86 26.28 -1.60
CA CYS C 388 -7.01 26.18 -2.50
C CYS C 388 -7.97 27.34 -2.28
N ARG C 389 -8.27 27.64 -1.02
CA ARG C 389 -9.14 28.78 -0.75
C ARG C 389 -8.50 30.10 -1.18
N LEU C 390 -7.18 30.20 -1.08
CA LEU C 390 -6.45 31.35 -1.65
C LEU C 390 -6.69 31.48 -3.15
N MET C 391 -6.58 30.35 -3.87
CA MET C 391 -6.74 30.38 -5.32
C MET C 391 -8.13 30.83 -5.72
N THR C 392 -9.15 30.34 -5.01
CA THR C 392 -10.51 30.71 -5.39
C THR C 392 -10.78 32.20 -5.21
N LEU C 393 -10.04 32.84 -4.31
CA LEU C 393 -10.13 34.29 -4.13
C LEU C 393 -9.10 34.98 -5.02
N ALA C 394 -8.88 36.27 -4.79
CA ALA C 394 -7.91 37.11 -5.49
C ALA C 394 -8.32 37.34 -6.94
N PRO C 395 -7.94 38.46 -7.54
CA PRO C 395 -8.23 38.68 -8.96
C PRO C 395 -7.63 37.57 -9.80
N HIS C 396 -8.35 37.23 -10.87
CA HIS C 396 -8.05 36.02 -11.63
C HIS C 396 -6.68 36.09 -12.30
N GLY C 397 -6.42 37.15 -13.04
CA GLY C 397 -5.18 37.24 -13.78
C GLY C 397 -4.12 38.10 -13.12
N GLY C 398 -4.28 38.34 -11.82
CA GLY C 398 -3.36 39.20 -11.11
C GLY C 398 -2.04 38.53 -10.80
N VAL C 399 -1.12 39.34 -10.29
CA VAL C 399 0.21 38.84 -9.92
C VAL C 399 0.14 37.96 -8.68
N LEU C 400 -0.85 38.17 -7.82
CA LEU C 400 -1.03 37.29 -6.66
C LEU C 400 -1.37 35.86 -7.09
N SER C 401 -2.16 35.72 -8.15
CA SER C 401 -2.55 34.40 -8.62
C SER C 401 -1.34 33.60 -9.08
N SER C 402 -0.39 34.26 -9.74
CA SER C 402 0.81 33.55 -10.21
C SER C 402 1.71 33.15 -9.04
N ARG C 403 1.79 33.99 -8.01
CA ARG C 403 2.50 33.61 -6.80
C ARG C 403 1.86 32.40 -6.14
N LEU C 404 0.52 32.39 -6.08
CA LEU C 404 -0.18 31.23 -5.55
C LEU C 404 0.04 29.99 -6.41
N GLU C 405 0.18 30.17 -7.72
CA GLU C 405 0.49 29.05 -8.60
C GLU C 405 1.88 28.48 -8.32
N VAL C 406 2.85 29.36 -8.08
CA VAL C 406 4.18 28.90 -7.69
C VAL C 406 4.11 28.13 -6.38
N LEU C 407 3.34 28.65 -5.42
CA LEU C 407 3.17 27.95 -4.15
C LEU C 407 2.50 26.60 -4.35
N SER C 408 1.56 26.51 -5.30
CA SER C 408 0.91 25.25 -5.60
C SER C 408 1.90 24.24 -6.17
N ARG C 409 2.78 24.69 -7.06
CA ARG C 409 3.83 23.81 -7.58
C ARG C 409 4.74 23.33 -6.45
N LEU C 410 5.07 24.24 -5.53
CA LEU C 410 5.86 23.84 -4.36
C LEU C 410 5.15 22.77 -3.54
N LEU C 411 3.86 22.95 -3.30
CA LEU C 411 3.09 21.99 -2.51
C LEU C 411 2.99 20.64 -3.20
N MET C 412 2.81 20.65 -4.52
CA MET C 412 2.69 19.40 -5.27
C MET C 412 4.03 18.67 -5.34
N LEU C 413 5.13 19.41 -5.48
CA LEU C 413 6.43 18.77 -5.67
C LEU C 413 6.97 18.17 -4.38
N GLN C 414 6.85 18.88 -3.27
CA GLN C 414 7.40 18.43 -2.00
C GLN C 414 6.34 18.51 -0.90
N ASN C 415 6.39 17.55 0.01
CA ASN C 415 5.50 17.51 1.16
C ASN C 415 6.32 17.29 2.42
N ILE C 416 5.86 17.91 3.51
CA ILE C 416 6.56 17.84 4.79
C ILE C 416 6.10 16.59 5.52
N SER C 417 6.92 15.55 5.52
CA SER C 417 6.61 14.30 6.18
C SER C 417 7.89 13.70 6.74
N TYR C 418 7.77 12.52 7.33
CA TYR C 418 8.90 11.81 7.92
C TYR C 418 8.94 10.40 7.36
N SER C 419 10.06 10.04 6.75
CA SER C 419 10.29 8.69 6.22
C SER C 419 11.65 8.23 6.71
N PRO C 420 11.72 7.63 7.90
CA PRO C 420 13.03 7.24 8.47
C PRO C 420 13.72 6.18 7.62
N LEU C 421 14.89 6.53 7.11
CA LEU C 421 15.76 5.66 6.32
C LEU C 421 15.12 5.23 5.00
N GLY C 422 13.95 5.77 4.65
CA GLY C 422 13.21 5.32 3.51
C GLY C 422 12.47 4.02 3.70
N MET C 423 12.53 3.44 4.91
CA MET C 423 11.88 2.16 5.17
C MET C 423 10.37 2.28 5.11
N CYS C 424 9.82 3.35 5.67
CA CYS C 424 8.37 3.50 5.83
C CYS C 424 8.07 4.98 6.04
N THR C 425 6.81 5.26 6.33
CA THR C 425 6.36 6.61 6.63
C THR C 425 5.81 6.64 8.06
N LEU C 426 6.31 7.57 8.87
CA LEU C 426 5.86 7.71 10.25
C LEU C 426 4.54 8.45 10.27
N ASP C 427 3.45 7.73 10.54
CA ASP C 427 2.11 8.32 10.61
C ASP C 427 1.20 7.27 11.26
N ARG C 428 -0.08 7.61 11.35
CA ARG C 428 -1.05 6.69 11.95
C ARG C 428 -1.18 5.35 11.21
N PRO C 429 -1.20 5.29 9.88
CA PRO C 429 -1.29 3.96 9.23
C PRO C 429 -0.15 3.02 9.59
N LEU C 430 1.05 3.56 9.82
CA LEU C 430 2.16 2.70 10.24
C LEU C 430 1.87 2.07 11.59
N MET C 431 1.26 2.82 12.51
CA MET C 431 0.89 2.28 13.80
C MET C 431 -0.17 1.19 13.66
N VAL C 432 -1.09 1.35 12.68
CA VAL C 432 -2.09 0.33 12.43
C VAL C 432 -1.44 -0.93 11.87
N THR C 433 -0.48 -0.76 10.95
CA THR C 433 0.21 -1.91 10.38
C THR C 433 1.01 -2.66 11.44
N VAL C 434 1.67 -1.94 12.33
CA VAL C 434 2.46 -2.57 13.38
C VAL C 434 1.54 -3.33 14.33
N LEU C 435 0.44 -2.71 14.74
CA LEU C 435 -0.49 -3.37 15.64
C LEU C 435 -1.18 -4.55 14.98
N GLY C 436 -1.44 -4.47 13.68
CA GLY C 436 -1.99 -5.61 12.96
C GLY C 436 -1.03 -6.78 12.89
N ALA C 437 0.26 -6.49 12.73
CA ALA C 437 1.26 -7.55 12.71
C ALA C 437 1.46 -8.15 14.11
N VAL C 438 1.40 -7.32 15.14
CA VAL C 438 1.57 -7.80 16.51
C VAL C 438 0.45 -8.77 16.87
N THR C 439 -0.79 -8.41 16.53
CA THR C 439 -1.92 -9.28 16.81
C THR C 439 -1.83 -10.58 16.02
N THR C 440 -1.38 -10.50 14.76
CA THR C 440 -1.22 -11.71 13.96
C THR C 440 -0.21 -12.65 14.58
N TYR C 441 0.94 -12.12 15.02
CA TYR C 441 1.95 -12.94 15.68
C TYR C 441 1.44 -13.48 17.01
N LEU C 442 0.71 -12.65 17.77
CA LEU C 442 0.23 -13.08 19.08
C LEU C 442 -0.81 -14.18 18.96
N VAL C 443 -1.76 -14.04 18.03
CA VAL C 443 -2.79 -15.05 17.87
C VAL C 443 -2.17 -16.37 17.44
N ILE C 444 -1.20 -16.33 16.54
CA ILE C 444 -0.51 -17.54 16.11
C ILE C 444 0.24 -18.17 17.29
N LEU C 445 0.96 -17.34 18.07
CA LEU C 445 1.80 -17.89 19.12
C LEU C 445 1.00 -18.37 20.32
N ILE C 446 -0.02 -17.61 20.72
CA ILE C 446 -0.77 -17.94 21.94
C ILE C 446 -1.53 -19.25 21.75
N GLN C 447 -2.17 -19.42 20.58
CA GLN C 447 -2.98 -20.61 20.34
C GLN C 447 -2.16 -21.88 20.25
N PHE C 448 -0.86 -21.76 19.98
CA PHE C 448 0.00 -22.95 19.99
C PHE C 448 0.13 -23.52 21.40
N GLN C 449 0.20 -22.65 22.41
CA GLN C 449 0.27 -23.09 23.80
C GLN C 449 -1.09 -23.53 24.31
N THR D 18 -32.69 31.85 11.61
CA THR D 18 -32.39 30.71 10.75
C THR D 18 -31.07 30.06 11.16
N PRO D 19 -31.10 29.30 12.26
CA PRO D 19 -29.85 28.71 12.77
C PRO D 19 -29.21 27.70 11.83
N CYS D 20 -29.92 26.62 11.50
CA CYS D 20 -29.30 25.58 10.68
C CYS D 20 -30.17 25.15 9.50
N LEU D 21 -31.48 25.00 9.70
CA LEU D 21 -32.41 24.62 8.64
C LEU D 21 -31.97 23.34 7.93
N VAL D 22 -32.01 22.25 8.69
CA VAL D 22 -31.76 20.92 8.16
C VAL D 22 -33.08 20.34 7.67
N GLY D 23 -32.99 19.39 6.73
CA GLY D 23 -34.18 18.75 6.21
C GLY D 23 -33.83 17.49 5.45
N GLY D 24 -34.86 16.79 5.01
CA GLY D 24 -34.68 15.60 4.21
C GLY D 24 -34.53 14.33 5.05
N ALA D 25 -33.93 13.31 4.42
CA ALA D 25 -33.67 12.06 5.12
C ALA D 25 -32.56 12.21 6.15
N HIS D 26 -31.67 13.18 5.97
CA HIS D 26 -30.64 13.45 6.97
C HIS D 26 -31.27 13.96 8.27
N ALA D 27 -32.34 14.75 8.16
CA ALA D 27 -33.02 15.26 9.35
C ALA D 27 -33.91 14.21 10.01
N PHE D 28 -34.21 13.11 9.32
CA PHE D 28 -35.02 12.06 9.93
C PHE D 28 -34.22 11.29 10.97
N ILE D 29 -32.98 10.92 10.65
CA ILE D 29 -32.14 10.22 11.61
C ILE D 29 -31.74 11.12 12.77
N LEU D 30 -31.77 12.44 12.58
CA LEU D 30 -31.46 13.35 13.67
C LEU D 30 -32.50 13.27 14.78
N LYS D 31 -33.78 13.18 14.41
CA LYS D 31 -34.82 12.98 15.41
C LYS D 31 -34.69 11.61 16.07
N ILE D 32 -34.40 10.58 15.27
CA ILE D 32 -34.21 9.24 15.83
C ILE D 32 -33.00 9.22 16.75
N SER D 33 -31.90 9.83 16.33
CA SER D 33 -30.71 9.89 17.16
C SER D 33 -30.90 10.80 18.37
N SER D 34 -31.89 11.68 18.34
CA SER D 34 -32.11 12.60 19.45
C SER D 34 -32.51 11.85 20.72
N PHE D 35 -33.30 10.79 20.58
CA PHE D 35 -33.72 10.00 21.72
C PHE D 35 -32.70 8.95 22.13
N CYS D 36 -31.68 8.70 21.31
CA CYS D 36 -30.60 7.80 21.66
C CYS D 36 -29.39 8.52 22.23
N GLY D 37 -29.47 9.84 22.37
CA GLY D 37 -28.34 10.61 22.85
C GLY D 37 -27.32 10.99 21.79
N LEU D 38 -27.59 10.71 20.51
CA LEU D 38 -26.63 10.93 19.45
C LEU D 38 -26.85 12.24 18.69
N ALA D 39 -27.89 12.99 19.04
CA ALA D 39 -28.14 14.28 18.40
C ALA D 39 -28.90 15.19 19.37
N PRO D 40 -28.23 15.72 20.39
CA PRO D 40 -28.93 16.55 21.38
C PRO D 40 -29.32 17.91 20.83
N LEU D 41 -30.32 17.95 19.95
CA LEU D 41 -30.73 19.15 19.27
C LEU D 41 -32.20 19.46 19.54
N ARG D 42 -32.55 20.73 19.37
CA ARG D 42 -33.94 21.18 19.44
C ARG D 42 -34.46 21.36 18.02
N PHE D 43 -35.59 20.73 17.73
CA PHE D 43 -36.17 20.75 16.39
C PHE D 43 -37.35 21.72 16.36
N GLU D 44 -37.23 22.78 15.56
CA GLU D 44 -38.30 23.75 15.37
C GLU D 44 -38.87 23.59 13.98
N PRO D 45 -40.14 23.21 13.84
CA PRO D 45 -40.72 23.00 12.52
C PRO D 45 -40.80 24.30 11.72
N ARG D 46 -40.64 24.17 10.40
CA ARG D 46 -40.75 25.30 9.48
C ARG D 46 -41.63 24.98 8.29
N SER D 47 -42.30 23.82 8.29
CA SER D 47 -43.23 23.39 7.26
C SER D 47 -42.51 23.03 5.96
N GLN D 48 -41.21 23.30 5.90
CA GLN D 48 -40.35 22.89 4.79
C GLN D 48 -39.08 22.20 5.28
N GLU D 49 -38.52 22.65 6.40
CA GLU D 49 -37.31 22.08 6.96
C GLU D 49 -37.37 22.22 8.47
N TYR D 50 -36.26 21.92 9.14
CA TYR D 50 -36.18 21.99 10.60
C TYR D 50 -35.00 22.86 11.00
N ALA D 51 -35.27 23.85 11.84
CA ALA D 51 -34.23 24.72 12.39
C ALA D 51 -33.71 24.08 13.67
N VAL D 52 -32.54 23.46 13.59
CA VAL D 52 -31.99 22.71 14.72
C VAL D 52 -30.94 23.54 15.42
N THR D 53 -30.88 23.38 16.74
CA THR D 53 -29.89 24.05 17.57
C THR D 53 -29.60 23.20 18.80
N ILE D 54 -28.44 23.44 19.40
CA ILE D 54 -28.04 22.68 20.59
C ILE D 54 -28.95 23.03 21.75
N SER D 55 -29.40 22.00 22.47
CA SER D 55 -30.14 22.15 23.72
C SER D 55 -29.35 21.51 24.84
N LYS D 56 -29.17 22.24 25.94
CA LYS D 56 -28.42 21.71 27.08
C LYS D 56 -29.17 20.59 27.78
N GLY D 57 -30.50 20.67 27.82
CA GLY D 57 -31.27 19.62 28.45
C GLY D 57 -31.10 18.28 27.77
N LYS D 58 -31.12 18.27 26.44
CA LYS D 58 -30.91 17.03 25.70
C LYS D 58 -29.47 16.54 25.84
N CYS D 59 -28.50 17.45 25.96
CA CYS D 59 -27.13 17.03 26.19
C CYS D 59 -27.00 16.33 27.53
N PHE D 60 -27.60 16.90 28.59
CA PHE D 60 -27.56 16.27 29.90
C PHE D 60 -28.29 14.93 29.90
N TYR D 61 -29.45 14.88 29.21
CA TYR D 61 -30.17 13.62 29.10
C TYR D 61 -29.34 12.55 28.40
N SER D 62 -28.66 12.93 27.31
CA SER D 62 -27.81 11.99 26.60
C SER D 62 -26.69 11.49 27.49
N TYR D 63 -26.04 12.40 28.23
CA TYR D 63 -24.95 12.02 29.11
C TYR D 63 -25.42 11.03 30.17
N ILE D 64 -26.52 11.35 30.87
CA ILE D 64 -26.98 10.47 31.93
C ILE D 64 -27.47 9.16 31.36
N LEU D 65 -28.10 9.17 30.17
CA LEU D 65 -28.59 7.93 29.58
C LEU D 65 -27.46 6.99 29.22
N VAL D 66 -26.42 7.52 28.56
CA VAL D 66 -25.31 6.65 28.17
C VAL D 66 -24.54 6.18 29.41
N THR D 67 -24.41 7.05 30.42
CA THR D 67 -23.74 6.63 31.65
C THR D 67 -24.51 5.51 32.34
N PHE D 68 -25.83 5.65 32.44
CA PHE D 68 -26.65 4.61 33.06
C PHE D 68 -26.58 3.31 32.26
N LEU D 69 -26.63 3.41 30.93
CA LEU D 69 -26.58 2.21 30.10
C LEU D 69 -25.24 1.50 30.24
N VAL D 70 -24.14 2.25 30.27
CA VAL D 70 -22.83 1.64 30.42
C VAL D 70 -22.67 1.02 31.81
N ILE D 71 -23.19 1.69 32.83
CA ILE D 71 -23.13 1.15 34.19
C ILE D 71 -23.90 -0.16 34.27
N CYS D 72 -25.12 -0.18 33.71
CA CYS D 72 -25.92 -1.39 33.71
C CYS D 72 -25.26 -2.51 32.90
N THR D 73 -24.64 -2.15 31.78
CA THR D 73 -23.96 -3.15 30.96
C THR D 73 -22.78 -3.76 31.71
N ILE D 74 -21.99 -2.92 32.37
CA ILE D 74 -20.85 -3.42 33.16
C ILE D 74 -21.34 -4.30 34.30
N TYR D 75 -22.41 -3.87 34.98
CA TYR D 75 -22.94 -4.65 36.10
C TYR D 75 -23.45 -6.00 35.62
N GLY D 76 -24.14 -6.03 34.47
CA GLY D 76 -24.61 -7.30 33.94
C GLY D 76 -23.48 -8.20 33.50
N LEU D 77 -22.43 -7.63 32.91
CA LEU D 77 -21.27 -8.42 32.52
C LEU D 77 -20.58 -9.02 33.73
N VAL D 78 -20.48 -8.24 34.82
CA VAL D 78 -19.87 -8.75 36.05
C VAL D 78 -20.76 -9.82 36.68
N ALA D 79 -22.07 -9.59 36.69
CA ALA D 79 -22.99 -10.54 37.30
C ALA D 79 -23.00 -11.87 36.55
N GLU D 80 -23.00 -11.83 35.21
CA GLU D 80 -22.97 -13.07 34.45
C GLU D 80 -21.68 -13.84 34.68
N ILE D 81 -20.55 -13.15 34.87
CA ILE D 81 -19.33 -13.81 35.28
C ILE D 81 -19.50 -14.44 36.66
N GLY D 82 -20.12 -13.70 37.59
CA GLY D 82 -20.33 -14.19 38.93
C GLY D 82 -21.35 -15.31 39.03
N VAL D 83 -22.23 -15.44 38.05
CA VAL D 83 -23.17 -16.56 38.04
C VAL D 83 -22.41 -17.88 37.94
N GLY D 84 -21.41 -17.94 37.07
CA GLY D 84 -20.58 -19.11 36.91
C GLY D 84 -20.51 -19.56 35.47
N VAL D 85 -19.86 -20.70 35.26
CA VAL D 85 -19.71 -21.28 33.94
C VAL D 85 -20.84 -22.24 33.62
N GLU D 86 -21.15 -23.16 34.54
CA GLU D 86 -22.21 -24.12 34.29
C GLU D 86 -23.59 -23.47 34.38
N LYS D 87 -23.76 -22.48 35.27
CA LYS D 87 -25.07 -21.88 35.47
C LYS D 87 -25.44 -20.91 34.36
N SER D 88 -24.46 -20.13 33.87
CA SER D 88 -24.75 -19.16 32.82
C SER D 88 -24.90 -19.87 31.47
N VAL D 89 -25.79 -19.33 30.63
CA VAL D 89 -26.14 -19.95 29.36
C VAL D 89 -25.36 -19.34 28.21
N ARG D 90 -25.18 -18.02 28.19
CA ARG D 90 -24.50 -17.37 27.06
C ARG D 90 -23.00 -17.63 27.12
N MET D 91 -22.41 -17.50 28.29
CA MET D 91 -20.95 -17.62 28.47
C MET D 91 -20.70 -18.78 29.43
N SER D 92 -20.59 -19.98 28.87
CA SER D 92 -20.49 -21.23 29.62
C SER D 92 -19.16 -21.93 29.35
N SER D 93 -18.10 -21.15 29.20
CA SER D 93 -16.76 -21.69 29.02
C SER D 93 -15.77 -20.69 29.63
N ARG D 94 -14.49 -20.86 29.31
CA ARG D 94 -13.48 -19.90 29.70
C ARG D 94 -13.20 -18.89 28.59
N MET D 95 -13.03 -19.36 27.35
CA MET D 95 -12.91 -18.45 26.22
C MET D 95 -14.24 -17.77 25.92
N SER D 96 -15.35 -18.43 26.24
CA SER D 96 -16.66 -17.82 26.03
C SER D 96 -16.84 -16.59 26.91
N GLN D 97 -16.36 -16.65 28.15
CA GLN D 97 -16.44 -15.49 29.03
C GLN D 97 -15.62 -14.33 28.49
N VAL D 98 -14.43 -14.62 27.95
CA VAL D 98 -13.58 -13.56 27.40
C VAL D 98 -14.17 -13.01 26.11
N VAL D 99 -14.68 -13.89 25.24
CA VAL D 99 -15.27 -13.45 23.99
C VAL D 99 -16.53 -12.62 24.25
N SER D 100 -17.37 -13.10 25.16
CA SER D 100 -18.58 -12.35 25.51
C SER D 100 -18.23 -10.99 26.11
N ALA D 101 -17.23 -10.96 27.01
CA ALA D 101 -16.81 -9.71 27.61
C ALA D 101 -16.24 -8.76 26.56
N CYS D 102 -15.46 -9.29 25.61
CA CYS D 102 -14.89 -8.45 24.58
C CYS D 102 -15.97 -7.85 23.69
N ASP D 103 -16.95 -8.66 23.29
CA ASP D 103 -18.08 -8.15 22.49
C ASP D 103 -18.83 -7.07 23.26
N ILE D 104 -19.18 -7.35 24.51
CA ILE D 104 -19.94 -6.41 25.32
C ILE D 104 -19.18 -5.10 25.48
N LEU D 105 -17.88 -5.20 25.78
CA LEU D 105 -17.08 -4.01 26.04
C LEU D 105 -16.86 -3.19 24.78
N VAL D 106 -16.66 -3.84 23.63
CA VAL D 106 -16.45 -3.07 22.40
C VAL D 106 -17.75 -2.38 22.00
N VAL D 107 -18.90 -3.03 22.20
CA VAL D 107 -20.16 -2.36 21.93
C VAL D 107 -20.36 -1.17 22.86
N ALA D 108 -20.05 -1.35 24.15
CA ALA D 108 -20.19 -0.28 25.12
C ALA D 108 -19.27 0.89 24.79
N VAL D 109 -18.04 0.60 24.36
CA VAL D 109 -17.11 1.65 24.00
C VAL D 109 -17.58 2.41 22.77
N THR D 110 -18.11 1.68 21.78
CA THR D 110 -18.64 2.35 20.59
C THR D 110 -19.80 3.27 20.97
N ALA D 111 -20.73 2.79 21.79
CA ALA D 111 -21.86 3.60 22.19
C ALA D 111 -21.42 4.81 23.02
N GLY D 112 -20.44 4.62 23.91
CA GLY D 112 -19.96 5.73 24.72
C GLY D 112 -19.25 6.79 23.90
N VAL D 113 -18.43 6.36 22.93
CA VAL D 113 -17.80 7.32 22.02
C VAL D 113 -18.86 8.07 21.23
N GLY D 114 -19.90 7.35 20.78
CA GLY D 114 -20.94 8.00 19.99
C GLY D 114 -21.75 9.00 20.77
N VAL D 115 -22.09 8.70 22.02
CA VAL D 115 -22.99 9.57 22.78
C VAL D 115 -22.24 10.66 23.52
N TYR D 116 -21.08 10.35 24.11
CA TYR D 116 -20.34 11.36 24.85
C TYR D 116 -19.81 12.45 23.93
N GLY D 117 -19.42 12.09 22.71
CA GLY D 117 -18.97 13.04 21.73
C GLY D 117 -20.05 13.65 20.87
N ALA D 118 -21.32 13.36 21.16
CA ALA D 118 -22.42 13.83 20.31
C ALA D 118 -22.56 15.35 20.30
N PRO D 119 -22.59 16.06 21.44
CA PRO D 119 -22.85 17.51 21.36
C PRO D 119 -21.81 18.30 20.59
N ALA D 120 -20.53 17.97 20.72
CA ALA D 120 -19.51 18.63 19.90
C ALA D 120 -19.69 18.30 18.43
N ARG D 121 -19.97 17.02 18.14
CA ARG D 121 -20.30 16.60 16.79
C ARG D 121 -21.47 17.40 16.24
N MET D 122 -22.46 17.71 17.08
CA MET D 122 -23.63 18.43 16.60
C MET D 122 -23.34 19.90 16.36
N ARG D 123 -22.44 20.50 17.15
CA ARG D 123 -22.02 21.88 16.87
C ARG D 123 -21.28 21.95 15.54
N THR D 124 -20.35 21.02 15.32
CA THR D 124 -19.69 20.94 14.01
C THR D 124 -20.70 20.75 12.91
N MET D 125 -21.73 19.92 13.15
CA MET D 125 -22.78 19.70 12.18
C MET D 125 -23.51 20.99 11.85
N LEU D 126 -23.83 21.79 12.86
CA LEU D 126 -24.50 23.07 12.62
C LEU D 126 -23.63 23.97 11.74
N SER D 127 -22.33 24.00 12.02
CA SER D 127 -21.42 24.82 11.21
C SER D 127 -21.41 24.38 9.75
N TYR D 128 -20.99 23.14 9.48
CA TYR D 128 -20.94 22.78 8.08
C TYR D 128 -22.32 22.68 7.44
N MET D 129 -23.38 22.60 8.22
CA MET D 129 -24.71 22.59 7.63
C MET D 129 -25.15 23.97 7.19
N GLU D 130 -24.78 25.04 7.91
CA GLU D 130 -25.05 26.35 7.37
C GLU D 130 -24.20 26.60 6.12
N ASN D 131 -22.98 26.05 6.10
CA ASN D 131 -22.19 26.11 4.86
C ASN D 131 -22.89 25.39 3.71
N ILE D 132 -23.45 24.21 3.98
CA ILE D 132 -24.18 23.46 2.96
C ILE D 132 -25.43 24.20 2.51
N VAL D 133 -26.09 24.91 3.43
CA VAL D 133 -27.26 25.70 3.04
C VAL D 133 -26.85 26.78 2.05
N ALA D 134 -25.71 27.45 2.31
CA ALA D 134 -25.20 28.42 1.36
C ALA D 134 -24.92 27.78 0.00
N VAL D 135 -24.26 26.60 0.01
CA VAL D 135 -23.94 25.92 -1.24
C VAL D 135 -25.20 25.54 -2.01
N ASP D 136 -26.21 25.04 -1.30
CA ASP D 136 -27.44 24.60 -1.94
C ASP D 136 -28.22 25.78 -2.50
N ARG D 137 -28.20 26.92 -1.81
CA ARG D 137 -28.78 28.13 -2.37
C ARG D 137 -28.06 28.53 -3.65
N GLU D 138 -26.72 28.41 -3.64
CA GLU D 138 -25.95 28.75 -4.84
C GLU D 138 -26.25 27.79 -5.99
N LEU D 139 -26.19 26.49 -5.73
CA LEU D 139 -26.45 25.51 -6.80
C LEU D 139 -27.90 25.57 -7.24
N GLY D 140 -28.83 25.55 -6.29
CA GLY D 140 -30.24 25.59 -6.62
C GLY D 140 -30.98 24.31 -6.27
N ARG D 141 -31.79 24.36 -5.22
CA ARG D 141 -32.63 23.25 -4.79
C ARG D 141 -31.80 22.01 -4.47
N HIS D 142 -32.45 20.85 -4.43
CA HIS D 142 -31.79 19.60 -4.14
C HIS D 142 -32.54 18.49 -4.87
N HIS D 143 -32.30 17.24 -4.47
CA HIS D 143 -32.95 16.11 -5.11
C HIS D 143 -34.45 16.09 -4.80
N SER D 144 -35.18 15.31 -5.57
CA SER D 144 -36.63 15.26 -5.47
C SER D 144 -37.05 14.56 -4.18
N ALA D 145 -38.33 14.71 -3.85
CA ALA D 145 -38.88 14.08 -2.65
C ALA D 145 -38.92 12.56 -2.76
N ALA D 146 -38.96 12.00 -3.97
CA ALA D 146 -38.92 10.56 -4.12
C ALA D 146 -37.60 9.99 -3.61
N THR D 147 -36.49 10.67 -3.89
CA THR D 147 -35.18 10.18 -3.43
C THR D 147 -35.09 10.20 -1.91
N GLU D 148 -35.55 11.29 -1.28
CA GLU D 148 -35.48 11.34 0.18
C GLU D 148 -36.45 10.36 0.82
N ARG D 149 -37.60 10.11 0.18
CA ARG D 149 -38.51 9.09 0.69
C ARG D 149 -37.88 7.70 0.60
N LYS D 150 -37.19 7.41 -0.50
CA LYS D 150 -36.49 6.14 -0.62
C LYS D 150 -35.37 6.01 0.40
N LEU D 151 -34.64 7.10 0.64
CA LEU D 151 -33.57 7.06 1.64
C LEU D 151 -34.13 6.84 3.04
N CYS D 152 -35.23 7.52 3.37
CA CYS D 152 -35.87 7.31 4.66
C CYS D 152 -36.37 5.88 4.79
N ALA D 153 -36.93 5.32 3.70
CA ALA D 153 -37.36 3.93 3.73
C ALA D 153 -36.20 2.99 3.97
N LEU D 154 -35.06 3.24 3.33
CA LEU D 154 -33.89 2.38 3.52
C LEU D 154 -33.36 2.47 4.94
N LEU D 155 -33.27 3.68 5.49
CA LEU D 155 -32.80 3.85 6.87
C LEU D 155 -33.74 3.17 7.85
N LEU D 156 -35.05 3.37 7.66
CA LEU D 156 -36.02 2.73 8.54
C LEU D 156 -35.97 1.21 8.41
N LEU D 157 -35.74 0.71 7.18
CA LEU D 157 -35.64 -0.73 6.99
C LEU D 157 -34.44 -1.31 7.75
N ILE D 158 -33.29 -0.64 7.64
CA ILE D 158 -32.10 -1.10 8.35
C ILE D 158 -32.34 -1.06 9.85
N LEU D 159 -32.91 0.05 10.34
CA LEU D 159 -33.15 0.19 11.77
C LEU D 159 -34.12 -0.86 12.29
N LEU D 160 -35.21 -1.10 11.56
CA LEU D 160 -36.21 -2.07 12.00
C LEU D 160 -35.68 -3.50 11.91
N SER D 161 -34.90 -3.81 10.87
CA SER D 161 -34.29 -5.13 10.79
C SER D 161 -33.34 -5.38 11.95
N PHE D 162 -32.52 -4.38 12.28
CA PHE D 162 -31.60 -4.51 13.40
C PHE D 162 -32.37 -4.64 14.72
N THR D 163 -33.43 -3.86 14.89
CA THR D 163 -34.22 -3.93 16.11
C THR D 163 -34.91 -5.29 16.24
N ILE D 164 -35.43 -5.82 15.14
CA ILE D 164 -36.06 -7.14 15.16
C ILE D 164 -35.04 -8.21 15.51
N LEU D 165 -33.83 -8.11 14.95
CA LEU D 165 -32.78 -9.06 15.30
C LEU D 165 -32.42 -8.96 16.78
N LEU D 166 -32.31 -7.74 17.30
CA LEU D 166 -31.99 -7.54 18.71
C LEU D 166 -33.07 -8.15 19.61
N VAL D 167 -34.34 -7.88 19.29
CA VAL D 167 -35.43 -8.40 20.11
C VAL D 167 -35.49 -9.91 20.03
N ASP D 168 -35.30 -10.48 18.84
CA ASP D 168 -35.31 -11.93 18.68
C ASP D 168 -34.18 -12.57 19.48
N ASP D 169 -32.98 -11.99 19.40
CA ASP D 169 -31.84 -12.57 20.10
C ASP D 169 -32.02 -12.46 21.62
N PHE D 170 -32.51 -11.32 22.08
CA PHE D 170 -32.78 -11.13 23.50
C PHE D 170 -33.82 -12.12 24.00
N CYS D 171 -34.92 -12.28 23.26
CA CYS D 171 -35.96 -13.23 23.67
C CYS D 171 -35.44 -14.66 23.64
N PHE D 172 -34.63 -15.01 22.64
CA PHE D 172 -34.07 -16.35 22.57
C PHE D 172 -33.21 -16.66 23.79
N TYR D 173 -32.31 -15.74 24.12
CA TYR D 173 -31.42 -15.99 25.26
C TYR D 173 -32.15 -15.90 26.59
N ALA D 174 -33.25 -15.15 26.65
CA ALA D 174 -34.03 -15.12 27.88
C ALA D 174 -34.82 -16.41 28.05
N MET D 175 -35.32 -16.97 26.95
CA MET D 175 -36.06 -18.23 27.02
C MET D 175 -35.14 -19.41 27.24
N GLN D 176 -33.89 -19.32 26.77
CA GLN D 176 -32.94 -20.40 27.02
C GLN D 176 -32.65 -20.54 28.51
N ALA D 177 -32.55 -19.42 29.23
CA ALA D 177 -32.34 -19.45 30.67
C ALA D 177 -33.61 -19.76 31.45
N GLY D 178 -34.76 -19.81 30.78
CA GLY D 178 -36.00 -20.17 31.45
C GLY D 178 -36.02 -21.59 31.97
N LYS D 179 -35.25 -22.49 31.34
CA LYS D 179 -35.14 -23.86 31.86
C LYS D 179 -34.47 -23.89 33.22
N THR D 180 -33.38 -23.14 33.38
CA THR D 180 -32.73 -23.02 34.68
C THR D 180 -33.59 -22.24 35.67
N GLY D 181 -34.43 -21.32 35.18
CA GLY D 181 -35.25 -20.48 36.03
C GLY D 181 -34.77 -19.05 36.13
N ARG D 182 -33.58 -18.75 35.64
CA ARG D 182 -33.03 -17.39 35.68
C ARG D 182 -33.38 -16.61 34.40
N GLN D 183 -34.67 -16.56 34.08
CA GLN D 183 -35.10 -15.83 32.89
C GLN D 183 -34.89 -14.33 33.06
N TRP D 184 -35.22 -13.79 34.24
CA TRP D 184 -35.06 -12.36 34.49
C TRP D 184 -33.61 -11.97 34.69
N GLU D 185 -32.74 -12.92 35.05
CA GLU D 185 -31.32 -12.62 35.18
C GLU D 185 -30.71 -12.24 33.84
N ILE D 186 -31.08 -12.95 32.78
CA ILE D 186 -30.60 -12.62 31.44
C ILE D 186 -31.08 -11.24 31.03
N VAL D 187 -32.34 -10.93 31.34
CA VAL D 187 -32.88 -9.60 31.04
C VAL D 187 -32.06 -8.53 31.76
N THR D 188 -31.85 -8.71 33.06
CA THR D 188 -31.11 -7.73 33.85
C THR D 188 -29.69 -7.57 33.36
N ASN D 189 -29.08 -8.65 32.87
CA ASN D 189 -27.68 -8.62 32.48
C ASN D 189 -27.46 -8.22 31.03
N TYR D 190 -28.50 -8.18 30.19
CA TYR D 190 -28.29 -7.85 28.78
C TYR D 190 -29.20 -6.76 28.23
N ALA D 191 -30.10 -6.18 29.04
CA ALA D 191 -30.93 -5.08 28.55
C ALA D 191 -30.06 -3.90 28.09
N GLY D 192 -29.11 -3.48 28.92
CA GLY D 192 -28.23 -2.39 28.55
C GLY D 192 -27.37 -2.73 27.35
N PHE D 193 -26.93 -3.98 27.24
CA PHE D 193 -26.17 -4.41 26.08
C PHE D 193 -26.95 -4.22 24.79
N TYR D 194 -28.22 -4.64 24.79
CA TYR D 194 -29.01 -4.50 23.57
C TYR D 194 -29.38 -3.05 23.28
N PHE D 195 -29.58 -2.24 24.33
CA PHE D 195 -29.78 -0.81 24.13
C PHE D 195 -28.55 -0.17 23.49
N LEU D 196 -27.36 -0.56 23.94
CA LEU D 196 -26.14 -0.03 23.35
C LEU D 196 -25.96 -0.49 21.90
N TRP D 197 -26.39 -1.72 21.59
CA TRP D 197 -26.42 -2.16 20.19
C TRP D 197 -27.30 -1.22 19.35
N TYR D 198 -28.49 -0.92 19.84
CA TYR D 198 -29.38 -0.02 19.11
C TYR D 198 -28.71 1.35 18.90
N ILE D 199 -28.06 1.86 19.94
CA ILE D 199 -27.39 3.15 19.85
C ILE D 199 -26.28 3.11 18.80
N VAL D 200 -25.50 2.03 18.78
CA VAL D 200 -24.41 1.91 17.81
C VAL D 200 -24.96 1.90 16.38
N MET D 201 -26.05 1.16 16.16
CA MET D 201 -26.64 1.14 14.83
C MET D 201 -27.14 2.52 14.41
N VAL D 202 -27.78 3.24 15.34
CA VAL D 202 -28.29 4.57 15.02
C VAL D 202 -27.13 5.51 14.69
N LEU D 203 -26.02 5.39 15.41
CA LEU D 203 -24.85 6.23 15.13
C LEU D 203 -24.30 5.95 13.74
N GLU D 204 -24.20 4.66 13.38
CA GLU D 204 -23.73 4.29 12.04
C GLU D 204 -24.63 4.88 10.97
N LEU D 205 -25.95 4.76 11.16
CA LEU D 205 -26.89 5.28 10.16
C LEU D 205 -26.81 6.80 10.07
N GLN D 206 -26.61 7.47 11.19
CA GLN D 206 -26.48 8.93 11.19
C GLN D 206 -25.27 9.36 10.37
N PHE D 207 -24.11 8.72 10.60
CA PHE D 207 -22.94 9.07 9.80
C PHE D 207 -23.20 8.77 8.33
N ALA D 208 -23.80 7.62 8.03
CA ALA D 208 -24.00 7.22 6.64
C ALA D 208 -24.88 8.23 5.91
N PHE D 209 -25.93 8.72 6.56
CA PHE D 209 -26.82 9.66 5.89
C PHE D 209 -26.24 11.06 5.80
N THR D 210 -25.42 11.46 6.78
CA THR D 210 -24.69 12.72 6.63
C THR D 210 -23.77 12.66 5.41
N ALA D 211 -23.01 11.57 5.28
CA ALA D 211 -22.13 11.41 4.13
C ALA D 211 -22.92 11.32 2.83
N LEU D 212 -24.10 10.70 2.86
CA LEU D 212 -24.90 10.58 1.65
C LEU D 212 -25.46 11.93 1.20
N SER D 213 -25.90 12.77 2.15
CA SER D 213 -26.35 14.10 1.78
C SER D 213 -25.20 14.92 1.20
N LEU D 214 -24.01 14.79 1.79
CA LEU D 214 -22.84 15.48 1.22
C LEU D 214 -22.55 14.99 -0.20
N ARG D 215 -22.64 13.69 -0.42
CA ARG D 215 -22.38 13.15 -1.76
C ARG D 215 -23.44 13.62 -2.76
N ALA D 216 -24.68 13.81 -2.30
CA ALA D 216 -25.70 14.39 -3.15
C ALA D 216 -25.34 15.81 -3.56
N ARG D 217 -24.83 16.61 -2.61
CA ARG D 217 -24.37 17.95 -2.94
C ARG D 217 -23.23 17.91 -3.96
N LEU D 218 -22.30 16.97 -3.78
CA LEU D 218 -21.18 16.85 -4.72
C LEU D 218 -21.68 16.44 -6.11
N LYS D 219 -22.70 15.59 -6.17
CA LYS D 219 -23.29 15.21 -7.46
C LYS D 219 -23.94 16.40 -8.14
N LEU D 220 -24.64 17.25 -7.36
CA LEU D 220 -25.17 18.48 -7.92
C LEU D 220 -24.06 19.38 -8.47
N PHE D 221 -22.94 19.46 -7.74
CA PHE D 221 -21.81 20.24 -8.22
C PHE D 221 -21.27 19.71 -9.55
N ASN D 222 -21.16 18.38 -9.65
CA ASN D 222 -20.70 17.77 -10.89
C ASN D 222 -21.65 18.06 -12.04
N GLU D 223 -22.95 17.99 -11.78
CA GLU D 223 -23.93 18.31 -12.81
C GLU D 223 -23.81 19.76 -13.27
N ALA D 224 -23.58 20.68 -12.32
CA ALA D 224 -23.41 22.08 -12.69
C ALA D 224 -22.16 22.29 -13.55
N LEU D 225 -21.07 21.61 -13.19
CA LEU D 225 -19.85 21.71 -13.99
C LEU D 225 -20.06 21.15 -15.39
N ASN D 226 -20.78 20.03 -15.50
CA ASN D 226 -21.08 19.46 -16.81
C ASN D 226 -21.96 20.38 -17.64
N VAL D 227 -22.91 21.05 -17.00
CA VAL D 227 -23.76 22.01 -17.72
C VAL D 227 -22.93 23.19 -18.20
N THR D 228 -21.97 23.63 -17.38
CA THR D 228 -21.01 24.62 -17.85
C THR D 228 -20.28 24.13 -19.10
N ALA D 229 -19.91 22.85 -19.11
CA ALA D 229 -19.31 22.26 -20.30
C ALA D 229 -20.22 22.39 -21.51
N SER D 230 -21.48 22.00 -21.36
CA SER D 230 -22.41 22.02 -22.48
C SER D 230 -22.63 23.44 -22.99
N GLN D 231 -22.78 24.40 -22.07
CA GLN D 231 -23.00 25.81 -22.40
C GLN D 231 -24.22 25.99 -23.28
N VAL D 232 -25.36 25.51 -22.77
CA VAL D 232 -26.63 25.69 -23.48
C VAL D 232 -26.99 27.17 -23.55
N CYS D 233 -26.83 27.89 -22.45
CA CYS D 233 -27.13 29.32 -22.37
C CYS D 233 -28.56 29.63 -22.80
N ALA D 274 -26.71 32.02 -5.56
CA ALA D 274 -27.62 32.97 -6.19
C ALA D 274 -28.17 32.42 -7.50
N PHE D 275 -28.66 31.18 -7.46
CA PHE D 275 -29.27 30.52 -8.61
C PHE D 275 -28.31 30.46 -9.80
N VAL D 276 -27.16 29.79 -9.56
CA VAL D 276 -26.18 29.63 -10.62
C VAL D 276 -26.71 28.71 -11.72
N MET D 277 -27.49 27.71 -11.33
CA MET D 277 -28.03 26.72 -12.25
C MET D 277 -29.49 27.01 -12.59
N MET D 278 -29.91 26.57 -13.76
CA MET D 278 -31.28 26.67 -14.21
C MET D 278 -31.75 25.33 -14.74
N LYS D 279 -32.99 24.96 -14.41
CA LYS D 279 -33.55 23.70 -14.87
C LYS D 279 -35.05 23.79 -15.04
N PRO D 285 -29.45 20.50 -18.22
CA PRO D 285 -30.04 21.73 -17.66
C PRO D 285 -29.58 22.99 -18.37
N CYS D 286 -29.61 24.12 -17.67
CA CYS D 286 -29.24 25.40 -18.26
C CYS D 286 -28.35 26.15 -17.29
N LEU D 287 -27.56 27.07 -17.85
CA LEU D 287 -26.64 27.91 -17.08
C LEU D 287 -27.07 29.37 -17.21
N GLN D 288 -27.26 30.03 -16.07
CA GLN D 288 -27.73 31.40 -16.06
C GLN D 288 -26.61 32.43 -16.01
N VAL D 289 -25.35 31.99 -16.00
CA VAL D 289 -24.21 32.89 -15.95
C VAL D 289 -23.21 32.47 -17.02
N PRO D 290 -22.34 33.36 -17.45
CA PRO D 290 -21.30 32.97 -18.38
C PRO D 290 -20.43 31.88 -17.79
N PRO D 291 -19.91 30.98 -18.63
CA PRO D 291 -19.15 29.83 -18.09
C PRO D 291 -17.94 30.22 -17.28
N CYS D 292 -17.33 31.37 -17.57
CA CYS D 292 -16.17 31.81 -16.80
C CYS D 292 -16.55 32.11 -15.36
N GLU D 293 -17.64 32.83 -15.15
CA GLU D 293 -18.14 33.11 -13.81
C GLU D 293 -18.58 31.83 -13.12
N ALA D 294 -19.26 30.95 -13.86
CA ALA D 294 -19.75 29.70 -13.28
C ALA D 294 -18.60 28.83 -12.79
N VAL D 295 -17.50 28.79 -13.53
CA VAL D 295 -16.37 27.94 -13.14
C VAL D 295 -15.73 28.44 -11.85
N GLY D 296 -15.60 29.77 -11.70
CA GLY D 296 -15.06 30.31 -10.46
C GLY D 296 -15.97 30.08 -9.28
N ARG D 297 -17.29 30.28 -9.47
CA ARG D 297 -18.24 30.00 -8.41
C ARG D 297 -18.21 28.53 -8.02
N LEU D 298 -18.07 27.64 -9.01
CA LEU D 298 -18.01 26.22 -8.73
C LEU D 298 -16.71 25.83 -8.04
N SER D 299 -15.61 26.52 -8.35
CA SER D 299 -14.36 26.28 -7.62
C SER D 299 -14.51 26.65 -6.15
N ARG D 300 -15.13 27.80 -5.88
CA ARG D 300 -15.41 28.17 -4.50
C ARG D 300 -16.33 27.15 -3.82
N MET D 301 -17.35 26.68 -4.53
CA MET D 301 -18.28 25.70 -3.97
C MET D 301 -17.56 24.39 -3.67
N ARG D 302 -16.62 23.98 -4.52
CA ARG D 302 -15.88 22.76 -4.28
C ARG D 302 -14.95 22.89 -3.08
N CYS D 303 -14.37 24.08 -2.89
CA CYS D 303 -13.60 24.31 -1.66
C CYS D 303 -14.50 24.20 -0.43
N THR D 304 -15.71 24.77 -0.51
CA THR D 304 -16.64 24.65 0.60
C THR D 304 -17.02 23.20 0.86
N LEU D 305 -17.23 22.42 -0.20
CA LEU D 305 -17.60 21.01 -0.04
C LEU D 305 -16.45 20.21 0.57
N CYS D 306 -15.21 20.52 0.17
CA CYS D 306 -14.06 19.89 0.80
C CYS D 306 -13.99 20.21 2.28
N GLU D 307 -14.22 21.47 2.64
CA GLU D 307 -14.24 21.85 4.05
C GLU D 307 -15.31 21.07 4.83
N VAL D 308 -16.49 20.95 4.24
CA VAL D 308 -17.58 20.24 4.91
C VAL D 308 -17.24 18.76 5.07
N THR D 309 -16.63 18.15 4.04
CA THR D 309 -16.22 16.76 4.14
C THR D 309 -15.19 16.56 5.24
N ARG D 310 -14.23 17.48 5.34
CA ARG D 310 -13.23 17.40 6.40
C ARG D 310 -13.87 17.54 7.77
N HIS D 311 -14.87 18.43 7.89
CA HIS D 311 -15.57 18.58 9.15
C HIS D 311 -16.30 17.30 9.54
N ILE D 312 -16.97 16.66 8.58
CA ILE D 312 -17.66 15.40 8.86
C ILE D 312 -16.67 14.33 9.27
N ALA D 313 -15.54 14.23 8.58
CA ALA D 313 -14.53 13.24 8.93
C ALA D 313 -13.98 13.50 10.32
N ASP D 314 -13.72 14.76 10.66
CA ASP D 314 -13.23 15.08 12.00
C ASP D 314 -14.26 14.72 13.06
N GLY D 315 -15.54 15.01 12.80
CA GLY D 315 -16.57 14.73 13.77
C GLY D 315 -16.78 13.25 14.00
N TYR D 316 -16.65 12.43 12.95
CA TYR D 316 -16.98 11.01 13.05
C TYR D 316 -15.75 10.11 13.05
N GLY D 317 -14.54 10.65 13.09
CA GLY D 317 -13.35 9.81 12.96
C GLY D 317 -13.22 8.78 14.07
N LEU D 318 -13.36 9.21 15.32
CA LEU D 318 -13.28 8.25 16.43
C LEU D 318 -14.42 7.24 16.41
N PRO D 319 -15.69 7.65 16.26
CA PRO D 319 -16.73 6.63 16.10
C PRO D 319 -16.50 5.69 14.94
N LEU D 320 -15.99 6.20 13.81
CA LEU D 320 -15.76 5.35 12.65
C LEU D 320 -14.67 4.32 12.92
N VAL D 321 -13.58 4.74 13.57
CA VAL D 321 -12.49 3.82 13.88
C VAL D 321 -12.95 2.76 14.87
N ILE D 322 -13.69 3.16 15.90
CA ILE D 322 -14.19 2.19 16.86
C ILE D 322 -15.17 1.24 16.20
N ILE D 323 -16.00 1.73 15.28
CA ILE D 323 -16.94 0.89 14.56
C ILE D 323 -16.20 -0.13 13.71
N LEU D 324 -15.14 0.31 13.02
CA LEU D 324 -14.37 -0.61 12.18
C LEU D 324 -13.69 -1.68 13.03
N MET D 325 -13.13 -1.30 14.18
CA MET D 325 -12.51 -2.28 15.07
C MET D 325 -13.54 -3.28 15.58
N SER D 326 -14.72 -2.79 15.98
CA SER D 326 -15.78 -3.68 16.45
C SER D 326 -16.24 -4.61 15.35
N THR D 327 -16.33 -4.10 14.11
CA THR D 327 -16.74 -4.93 12.99
C THR D 327 -15.72 -6.03 12.73
N LEU D 328 -14.42 -5.69 12.80
CA LEU D 328 -13.39 -6.71 12.63
C LEU D 328 -13.49 -7.77 13.72
N LEU D 329 -13.64 -7.35 14.97
CA LEU D 329 -13.74 -8.29 16.08
C LEU D 329 -14.95 -9.20 15.90
N HIS D 330 -16.09 -8.63 15.53
CA HIS D 330 -17.31 -9.42 15.41
C HIS D 330 -17.26 -10.36 14.20
N LEU D 331 -16.74 -9.87 13.08
CA LEU D 331 -16.58 -10.73 11.91
C LEU D 331 -15.54 -11.81 12.14
N ILE D 332 -14.72 -11.68 13.17
CA ILE D 332 -13.85 -12.79 13.56
C ILE D 332 -14.61 -13.76 14.47
N VAL D 333 -15.28 -13.24 15.50
CA VAL D 333 -15.77 -14.12 16.56
C VAL D 333 -17.08 -14.81 16.16
N THR D 334 -18.01 -14.09 15.52
CA THR D 334 -19.30 -14.69 15.18
C THR D 334 -19.17 -15.86 14.21
N PRO D 335 -18.46 -15.75 13.08
CA PRO D 335 -18.29 -16.94 12.23
C PRO D 335 -17.54 -18.07 12.91
N TYR D 336 -16.60 -17.75 13.81
CA TYR D 336 -15.85 -18.79 14.51
C TYR D 336 -16.80 -19.70 15.30
N PHE D 337 -17.63 -19.12 16.14
CA PHE D 337 -18.53 -19.92 16.95
C PHE D 337 -19.70 -20.47 16.15
N LEU D 338 -20.08 -19.80 15.05
CA LEU D 338 -21.06 -20.37 14.14
C LEU D 338 -20.54 -21.66 13.52
N ILE D 339 -19.27 -21.68 13.11
CA ILE D 339 -18.67 -22.89 12.57
C ILE D 339 -18.49 -23.93 13.66
N MET D 340 -18.08 -23.51 14.86
CA MET D 340 -17.87 -24.44 15.96
C MET D 340 -19.17 -25.15 16.33
N GLU D 341 -20.29 -24.43 16.32
CA GLU D 341 -21.57 -25.08 16.58
C GLU D 341 -21.95 -26.06 15.49
N ILE D 342 -21.49 -25.83 14.26
CA ILE D 342 -21.88 -26.67 13.14
C ILE D 342 -21.10 -27.98 13.14
N ILE D 343 -19.77 -27.90 13.29
CA ILE D 343 -18.94 -29.09 13.14
C ILE D 343 -19.16 -30.07 14.29
N VAL D 344 -19.36 -29.56 15.50
CA VAL D 344 -19.45 -30.41 16.68
C VAL D 344 -20.81 -31.07 16.75
N SER D 345 -21.86 -30.26 16.94
CA SER D 345 -23.23 -30.74 17.00
C SER D 345 -24.18 -29.56 16.95
N THR D 346 -25.17 -29.62 16.05
CA THR D 346 -26.04 -28.45 15.88
C THR D 346 -27.05 -28.34 17.02
N HIS D 347 -28.02 -29.26 17.06
CA HIS D 347 -28.99 -29.36 18.15
C HIS D 347 -29.73 -28.06 18.40
N ARG D 348 -29.53 -27.05 17.56
CA ARG D 348 -30.09 -25.72 17.79
C ARG D 348 -30.17 -25.00 16.44
N LEU D 349 -31.36 -24.99 15.85
CA LEU D 349 -31.55 -24.26 14.60
C LEU D 349 -31.62 -22.76 14.83
N HIS D 350 -32.27 -22.34 15.93
CA HIS D 350 -32.41 -20.91 16.22
C HIS D 350 -31.05 -20.26 16.45
N PHE D 351 -30.15 -20.94 17.14
CA PHE D 351 -28.82 -20.38 17.39
C PHE D 351 -28.06 -20.17 16.08
N LEU D 352 -28.10 -21.16 15.19
CA LEU D 352 -27.39 -21.02 13.92
C LEU D 352 -28.02 -19.94 13.06
N VAL D 353 -29.35 -19.83 13.06
CA VAL D 353 -30.01 -18.77 12.31
C VAL D 353 -29.58 -17.41 12.83
N LEU D 354 -29.56 -17.26 14.16
CA LEU D 354 -29.14 -15.98 14.75
C LEU D 354 -27.68 -15.68 14.44
N GLN D 355 -26.82 -16.69 14.43
CA GLN D 355 -25.41 -16.47 14.14
C GLN D 355 -25.21 -16.03 12.69
N PHE D 356 -25.91 -16.67 11.75
CA PHE D 356 -25.84 -16.24 10.36
C PHE D 356 -26.38 -14.81 10.21
N LEU D 357 -27.48 -14.51 10.88
CA LEU D 357 -28.05 -13.17 10.81
C LEU D 357 -27.10 -12.14 11.39
N TRP D 358 -26.36 -12.50 12.44
CA TRP D 358 -25.41 -11.56 13.03
C TRP D 358 -24.19 -11.38 12.13
N CYS D 359 -23.76 -12.43 11.44
CA CYS D 359 -22.68 -12.28 10.46
C CYS D 359 -23.09 -11.32 9.36
N THR D 360 -24.30 -11.50 8.82
CA THR D 360 -24.81 -10.58 7.81
C THR D 360 -24.98 -9.18 8.37
N THR D 361 -25.36 -9.06 9.65
CA THR D 361 -25.50 -7.75 10.28
C THR D 361 -24.16 -7.02 10.36
N HIS D 362 -23.11 -7.72 10.77
CA HIS D 362 -21.79 -7.09 10.83
C HIS D 362 -21.29 -6.70 9.45
N LEU D 363 -21.54 -7.55 8.45
CA LEU D 363 -21.19 -7.19 7.08
C LEU D 363 -21.94 -5.95 6.63
N ILE D 364 -23.23 -5.85 6.96
CA ILE D 364 -24.03 -4.69 6.60
C ILE D 364 -23.55 -3.45 7.34
N ARG D 365 -23.09 -3.60 8.58
CA ARG D 365 -22.53 -2.47 9.31
C ARG D 365 -21.29 -1.93 8.59
N MET D 366 -20.38 -2.83 8.22
CA MET D 366 -19.21 -2.41 7.46
C MET D 366 -19.61 -1.75 6.14
N LEU D 367 -20.63 -2.30 5.48
CA LEU D 367 -21.07 -1.76 4.19
C LEU D 367 -21.65 -0.35 4.35
N VAL D 368 -22.51 -0.14 5.34
CA VAL D 368 -23.11 1.18 5.52
C VAL D 368 -22.06 2.18 6.00
N VAL D 369 -20.97 1.72 6.60
CA VAL D 369 -19.88 2.64 6.92
C VAL D 369 -19.09 3.01 5.68
N VAL D 370 -18.73 2.04 4.83
CA VAL D 370 -17.76 2.28 3.77
C VAL D 370 -18.38 2.62 2.42
N GLU D 371 -19.70 2.51 2.25
CA GLU D 371 -20.31 2.74 0.95
C GLU D 371 -20.49 4.22 0.63
N PRO D 372 -21.04 5.05 1.55
CA PRO D 372 -21.14 6.48 1.22
C PRO D 372 -19.79 7.14 0.95
N CYS D 373 -18.74 6.70 1.64
CA CYS D 373 -17.41 7.21 1.36
C CYS D 373 -16.94 6.82 -0.04
N HIS D 374 -17.23 5.58 -0.45
CA HIS D 374 -16.89 5.15 -1.80
C HIS D 374 -17.65 5.97 -2.84
N TYR D 375 -18.93 6.25 -2.58
CA TYR D 375 -19.71 7.07 -3.50
C TYR D 375 -19.16 8.49 -3.60
N THR D 376 -18.73 9.03 -2.45
CA THR D 376 -18.12 10.36 -2.45
C THR D 376 -16.84 10.38 -3.26
N ILE D 377 -16.00 9.36 -3.11
CA ILE D 377 -14.75 9.30 -3.88
C ILE D 377 -15.05 9.11 -5.37
N ARG D 378 -16.10 8.35 -5.70
CA ARG D 378 -16.49 8.20 -7.09
C ARG D 378 -16.93 9.52 -7.70
N GLU D 379 -17.67 10.32 -6.93
CA GLU D 379 -18.03 11.66 -7.40
C GLU D 379 -16.79 12.54 -7.58
N GLY D 380 -15.84 12.42 -6.65
CA GLY D 380 -14.60 13.18 -6.76
C GLY D 380 -13.73 12.77 -7.93
N LYS D 381 -13.92 11.56 -8.45
CA LYS D 381 -13.25 11.18 -9.70
C LYS D 381 -14.03 11.63 -10.94
N ARG D 382 -15.36 11.59 -10.84
CA ARG D 382 -16.19 12.08 -11.93
C ARG D 382 -15.93 13.55 -12.21
N THR D 383 -15.67 14.32 -11.15
CA THR D 383 -15.37 15.74 -11.36
C THR D 383 -14.07 15.93 -12.13
N GLU D 384 -13.08 15.05 -11.91
CA GLU D 384 -11.84 15.13 -12.66
C GLU D 384 -12.06 14.79 -14.13
N ASP D 385 -12.87 13.77 -14.40
CA ASP D 385 -13.20 13.45 -15.80
C ASP D 385 -13.90 14.61 -16.49
N ILE D 386 -14.88 15.22 -15.80
CA ILE D 386 -15.60 16.35 -16.36
C ILE D 386 -14.64 17.50 -16.62
N LEU D 387 -13.72 17.77 -15.70
CA LEU D 387 -12.77 18.87 -15.88
C LEU D 387 -11.84 18.61 -17.07
N CYS D 388 -11.39 17.38 -17.26
CA CYS D 388 -10.56 17.09 -18.43
C CYS D 388 -11.31 17.38 -19.73
N ARG D 389 -12.57 16.91 -19.80
CA ARG D 389 -13.36 17.22 -20.99
C ARG D 389 -13.61 18.71 -21.15
N LEU D 390 -13.75 19.43 -20.03
CA LEU D 390 -13.80 20.90 -20.07
C LEU D 390 -12.55 21.49 -20.70
N MET D 391 -11.39 21.00 -20.28
CA MET D 391 -10.12 21.55 -20.79
C MET D 391 -9.99 21.33 -22.29
N THR D 392 -10.38 20.14 -22.77
CA THR D 392 -10.22 19.87 -24.20
C THR D 392 -11.11 20.78 -25.04
N LEU D 393 -12.19 21.29 -24.48
CA LEU D 393 -13.05 22.24 -25.17
C LEU D 393 -12.61 23.66 -24.80
N ALA D 394 -13.44 24.64 -25.15
CA ALA D 394 -13.23 26.07 -24.87
C ALA D 394 -12.07 26.62 -25.69
N PRO D 395 -12.09 27.92 -26.02
CA PRO D 395 -10.95 28.51 -26.71
C PRO D 395 -9.67 28.35 -25.91
N HIS D 396 -8.57 28.16 -26.64
CA HIS D 396 -7.33 27.72 -26.02
C HIS D 396 -6.77 28.75 -25.05
N GLY D 397 -6.63 29.99 -25.50
CA GLY D 397 -6.02 31.01 -24.66
C GLY D 397 -7.02 31.92 -23.97
N GLY D 398 -8.27 31.48 -23.90
CA GLY D 398 -9.31 32.30 -23.32
C GLY D 398 -9.26 32.35 -21.80
N VAL D 399 -10.11 33.22 -21.25
CA VAL D 399 -10.18 33.37 -19.80
C VAL D 399 -10.84 32.17 -19.15
N LEU D 400 -11.69 31.45 -19.89
CA LEU D 400 -12.29 30.23 -19.36
C LEU D 400 -11.23 29.16 -19.11
N SER D 401 -10.23 29.08 -19.98
CA SER D 401 -9.17 28.09 -19.84
C SER D 401 -8.38 28.30 -18.55
N SER D 402 -8.12 29.55 -18.19
CA SER D 402 -7.38 29.83 -16.97
C SER D 402 -8.21 29.52 -15.73
N ARG D 403 -9.51 29.76 -15.78
CA ARG D 403 -10.39 29.34 -14.70
C ARG D 403 -10.38 27.83 -14.54
N LEU D 404 -10.43 27.10 -15.67
CA LEU D 404 -10.34 25.65 -15.61
C LEU D 404 -8.99 25.19 -15.08
N GLU D 405 -7.92 25.95 -15.36
CA GLU D 405 -6.61 25.63 -14.82
C GLU D 405 -6.57 25.79 -13.31
N VAL D 406 -7.21 26.86 -12.80
CA VAL D 406 -7.32 27.03 -11.36
C VAL D 406 -8.11 25.88 -10.74
N LEU D 407 -9.20 25.49 -11.40
CA LEU D 407 -9.97 24.34 -10.92
C LEU D 407 -9.14 23.06 -10.93
N SER D 408 -8.28 22.90 -11.93
CA SER D 408 -7.39 21.74 -12.00
C SER D 408 -6.41 21.74 -10.83
N ARG D 409 -5.85 22.90 -10.51
CA ARG D 409 -4.97 22.98 -9.34
C ARG D 409 -5.72 22.64 -8.06
N LEU D 410 -6.97 23.10 -7.95
CA LEU D 410 -7.80 22.73 -6.81
C LEU D 410 -8.00 21.22 -6.73
N LEU D 411 -8.29 20.58 -7.87
CA LEU D 411 -8.53 19.15 -7.88
C LEU D 411 -7.27 18.37 -7.54
N MET D 412 -6.12 18.83 -8.02
CA MET D 412 -4.86 18.14 -7.75
C MET D 412 -4.44 18.31 -6.29
N LEU D 413 -4.68 19.48 -5.72
CA LEU D 413 -4.20 19.76 -4.37
C LEU D 413 -5.04 19.05 -3.31
N GLN D 414 -6.36 19.06 -3.46
CA GLN D 414 -7.25 18.48 -2.45
C GLN D 414 -8.25 17.55 -3.13
N ASN D 415 -8.59 16.47 -2.42
CA ASN D 415 -9.57 15.50 -2.89
C ASN D 415 -10.57 15.24 -1.78
N ILE D 416 -11.82 15.02 -2.17
CA ILE D 416 -12.92 14.80 -1.23
C ILE D 416 -12.94 13.32 -0.88
N SER D 417 -12.44 12.97 0.30
CA SER D 417 -12.42 11.58 0.76
C SER D 417 -12.61 11.57 2.27
N TYR D 418 -12.56 10.37 2.84
CA TYR D 418 -12.74 10.18 4.28
C TYR D 418 -11.57 9.37 4.81
N SER D 419 -10.84 9.93 5.78
CA SER D 419 -9.74 9.25 6.45
C SER D 419 -9.95 9.41 7.95
N PRO D 420 -10.69 8.50 8.58
CA PRO D 420 -11.01 8.65 10.01
C PRO D 420 -9.76 8.55 10.87
N LEU D 421 -9.48 9.64 11.59
CA LEU D 421 -8.35 9.75 12.53
C LEU D 421 -7.00 9.65 11.85
N GLY D 422 -6.96 9.59 10.52
CA GLY D 422 -5.73 9.35 9.80
C GLY D 422 -5.28 7.91 9.80
N MET D 423 -6.05 7.01 10.41
CA MET D 423 -5.66 5.61 10.49
C MET D 423 -5.67 4.94 9.13
N CYS D 424 -6.68 5.23 8.32
CA CYS D 424 -6.89 4.54 7.05
C CYS D 424 -7.78 5.40 6.18
N THR D 425 -8.18 4.84 5.03
CA THR D 425 -9.10 5.50 4.11
C THR D 425 -10.35 4.64 4.00
N LEU D 426 -11.51 5.26 4.20
CA LEU D 426 -12.79 4.56 4.10
C LEU D 426 -13.17 4.43 2.63
N ASP D 427 -13.06 3.22 2.10
CA ASP D 427 -13.40 2.95 0.71
C ASP D 427 -13.47 1.43 0.56
N ARG D 428 -13.71 0.98 -0.67
CA ARG D 428 -13.79 -0.45 -0.94
C ARG D 428 -12.51 -1.22 -0.63
N PRO D 429 -11.30 -0.74 -0.95
CA PRO D 429 -10.10 -1.51 -0.60
C PRO D 429 -9.95 -1.77 0.89
N LEU D 430 -10.41 -0.85 1.75
CA LEU D 430 -10.36 -1.10 3.18
C LEU D 430 -11.24 -2.28 3.56
N MET D 431 -12.41 -2.40 2.92
CA MET D 431 -13.28 -3.54 3.17
C MET D 431 -12.63 -4.85 2.71
N VAL D 432 -11.86 -4.79 1.62
CA VAL D 432 -11.14 -5.97 1.15
C VAL D 432 -10.03 -6.34 2.14
N THR D 433 -9.31 -5.34 2.66
CA THR D 433 -8.26 -5.62 3.62
C THR D 433 -8.81 -6.21 4.91
N VAL D 434 -9.95 -5.68 5.38
CA VAL D 434 -10.57 -6.20 6.60
C VAL D 434 -11.03 -7.63 6.40
N LEU D 435 -11.69 -7.90 5.26
CA LEU D 435 -12.17 -9.26 4.99
C LEU D 435 -11.02 -10.22 4.77
N GLY D 436 -9.91 -9.74 4.19
CA GLY D 436 -8.74 -10.59 4.05
C GLY D 436 -8.11 -10.95 5.38
N ALA D 437 -8.11 -10.00 6.32
CA ALA D 437 -7.58 -10.28 7.65
C ALA D 437 -8.50 -11.20 8.44
N VAL D 438 -9.82 -11.03 8.27
CA VAL D 438 -10.78 -11.88 8.98
C VAL D 438 -10.63 -13.32 8.53
N THR D 439 -10.50 -13.55 7.23
CA THR D 439 -10.33 -14.91 6.72
C THR D 439 -9.00 -15.51 7.18
N THR D 440 -7.95 -14.70 7.23
CA THR D 440 -6.66 -15.19 7.70
C THR D 440 -6.75 -15.64 9.16
N TYR D 441 -7.39 -14.82 10.00
CA TYR D 441 -7.58 -15.20 11.40
C TYR D 441 -8.47 -16.41 11.54
N LEU D 442 -9.55 -16.48 10.74
CA LEU D 442 -10.48 -17.59 10.85
C LEU D 442 -9.85 -18.91 10.41
N VAL D 443 -9.11 -18.90 9.31
CA VAL D 443 -8.47 -20.13 8.84
C VAL D 443 -7.46 -20.63 9.86
N ILE D 444 -6.69 -19.72 10.45
CA ILE D 444 -5.73 -20.10 11.48
C ILE D 444 -6.45 -20.67 12.70
N LEU D 445 -7.53 -20.00 13.14
CA LEU D 445 -8.19 -20.40 14.36
C LEU D 445 -9.01 -21.68 14.19
N ILE D 446 -9.73 -21.80 13.07
CA ILE D 446 -10.63 -22.94 12.90
C ILE D 446 -9.84 -24.23 12.77
N GLN D 447 -8.73 -24.20 12.01
CA GLN D 447 -7.95 -25.41 11.79
C GLN D 447 -7.26 -25.91 13.05
N PHE D 448 -7.07 -25.05 14.05
CA PHE D 448 -6.51 -25.49 15.33
C PHE D 448 -7.47 -26.45 16.03
N GLN D 449 -8.77 -26.17 15.96
CA GLN D 449 -9.77 -27.04 16.56
C GLN D 449 -10.01 -28.29 15.72
#